data_6VKO
#
_entry.id   6VKO
#
_cell.length_a   139.701
_cell.length_b   129.751
_cell.length_c   102.720
_cell.angle_alpha   90.000
_cell.angle_beta   111.360
_cell.angle_gamma   90.000
#
_symmetry.space_group_name_H-M   'C 1 2 1'
#
loop_
_entity.id
_entity.type
_entity.pdbx_description
1 polymer 'Poly [ADP-ribose] polymerase 1'
2 non-polymer 'methyl 2-{4-[4-(7-carbamoyl-1H-benzimidazol-2-yl)benzene-1-carbonyl]piperazin-1-yl}pyrimidine-5-carboxylate'
3 non-polymer 'SULFATE ION'
4 water water
#
_entity_poly.entity_id   1
_entity_poly.type   'polypeptide(L)'
_entity_poly.pdbx_seq_one_letter_code
;MGSSHHHHHHSSGLVPRGSHMTKSKLPKPVQDLIKMIFDVESMKKAMVEYEIDLQKMPLGKLSKRQIQAAYSILSEVQQA
VSQGSSDSQILDLSNRFYTLIPHDFGMKKPPLLNNADSVQAKAEMLDNLLDIEVAYSLLRGGSDDSSKDPIDVNYEKLKT
DIKVVDRDSEEAEIIRKYVKNTHATTHNAYDLEVIDIFKIEREGECQRYKPFKQLHNRRLLWHGSRTTNFAGILSQGLRI
APPEAPVTGYMFGKGIYFADMVSKSANYCHTSQGDPIGLILLGEVALGNMYELKHASHISKLPKGKHSVKGLGKTTPDPS
ANISLDGVDVPLGTGISSGVNDTSLLYNEYIVYDIAQVNLKYLLKLKFNFKT
;
_entity_poly.pdbx_strand_id   A,B,C,D
#
# COMPACT_ATOMS: atom_id res chain seq x y z
N LYS A 25 3.53 -22.57 -39.35
CA LYS A 25 4.16 -21.95 -38.14
C LYS A 25 3.24 -22.13 -36.92
N LEU A 26 1.91 -22.01 -37.10
CA LEU A 26 0.87 -22.26 -36.06
C LEU A 26 0.85 -23.73 -35.65
N PRO A 27 0.18 -24.11 -34.53
CA PRO A 27 0.00 -25.51 -34.17
C PRO A 27 -0.90 -26.29 -35.15
N LYS A 28 -0.63 -27.58 -35.33
CA LYS A 28 -1.31 -28.48 -36.30
C LYS A 28 -2.83 -28.33 -36.21
N PRO A 29 -3.47 -28.54 -35.03
CA PRO A 29 -4.94 -28.55 -34.95
C PRO A 29 -5.61 -27.20 -35.28
N VAL A 30 -4.87 -26.09 -35.19
CA VAL A 30 -5.32 -24.71 -35.57
C VAL A 30 -5.19 -24.56 -37.09
N GLN A 31 -4.17 -25.15 -37.69
CA GLN A 31 -3.99 -25.18 -39.17
C GLN A 31 -5.13 -25.97 -39.80
N ASP A 32 -5.60 -27.03 -39.13
CA ASP A 32 -6.69 -27.92 -39.59
C ASP A 32 -8.01 -27.15 -39.50
N LEU A 33 -8.19 -26.41 -38.40
CA LEU A 33 -9.38 -25.58 -38.10
C LEU A 33 -9.63 -24.59 -39.27
N ILE A 34 -8.57 -23.93 -39.76
CA ILE A 34 -8.64 -22.90 -40.83
C ILE A 34 -8.93 -23.58 -42.18
N LYS A 35 -8.44 -24.81 -42.38
CA LYS A 35 -8.69 -25.64 -43.59
C LYS A 35 -10.12 -26.22 -43.55
N MET A 36 -10.73 -26.25 -42.37
CA MET A 36 -12.14 -26.72 -42.16
C MET A 36 -13.11 -25.58 -42.49
N ILE A 37 -12.84 -24.36 -42.01
CA ILE A 37 -13.78 -23.19 -42.07
C ILE A 37 -13.53 -22.33 -43.32
N PHE A 38 -12.53 -22.63 -44.14
CA PHE A 38 -12.31 -21.93 -45.45
C PHE A 38 -12.36 -22.93 -46.61
N ASP A 39 -12.89 -24.13 -46.37
CA ASP A 39 -12.93 -25.26 -47.36
C ASP A 39 -13.98 -24.95 -48.44
N VAL A 40 -13.52 -24.47 -49.60
CA VAL A 40 -14.36 -24.07 -50.76
C VAL A 40 -15.17 -25.28 -51.25
N GLU A 41 -14.66 -26.49 -51.04
CA GLU A 41 -15.38 -27.78 -51.24
C GLU A 41 -16.72 -27.76 -50.49
N SER A 42 -16.68 -27.55 -49.17
CA SER A 42 -17.87 -27.51 -48.27
C SER A 42 -18.92 -26.53 -48.81
N MET A 43 -18.47 -25.37 -49.28
CA MET A 43 -19.34 -24.23 -49.71
C MET A 43 -20.14 -24.67 -50.95
N LYS A 44 -19.47 -25.17 -51.99
CA LYS A 44 -20.10 -25.67 -53.24
C LYS A 44 -21.10 -26.78 -52.91
N LYS A 45 -20.71 -27.72 -52.04
CA LYS A 45 -21.56 -28.86 -51.58
C LYS A 45 -22.81 -28.33 -50.87
N ALA A 46 -22.70 -27.21 -50.15
CA ALA A 46 -23.79 -26.61 -49.34
C ALA A 46 -24.80 -25.89 -50.23
N MET A 47 -24.45 -25.62 -51.49
CA MET A 47 -25.33 -24.93 -52.50
C MET A 47 -25.98 -25.97 -53.42
N VAL A 48 -25.29 -27.08 -53.71
CA VAL A 48 -25.88 -28.24 -54.45
C VAL A 48 -26.98 -28.84 -53.57
N GLU A 49 -26.77 -28.87 -52.25
CA GLU A 49 -27.82 -29.21 -51.24
C GLU A 49 -29.06 -28.34 -51.45
N TYR A 50 -28.91 -27.01 -51.32
CA TYR A 50 -30.02 -26.02 -51.40
C TYR A 50 -30.57 -25.90 -52.83
N GLU A 51 -30.09 -26.72 -53.78
CA GLU A 51 -30.60 -26.79 -55.18
C GLU A 51 -30.38 -25.43 -55.87
N ILE A 52 -29.23 -24.79 -55.63
CA ILE A 52 -28.79 -23.53 -56.31
C ILE A 52 -28.07 -23.91 -57.60
N ASP A 53 -28.26 -23.11 -58.66
CA ASP A 53 -27.63 -23.31 -60.00
C ASP A 53 -26.23 -22.69 -59.98
N LEU A 54 -25.19 -23.53 -59.82
CA LEU A 54 -23.77 -23.08 -59.69
C LEU A 54 -23.23 -22.60 -61.04
N GLN A 55 -23.94 -22.91 -62.14
CA GLN A 55 -23.60 -22.42 -63.52
C GLN A 55 -23.85 -20.92 -63.57
N LYS A 56 -25.05 -20.48 -63.17
CA LYS A 56 -25.48 -19.05 -63.17
C LYS A 56 -24.93 -18.34 -61.92
N MET A 57 -24.92 -19.03 -60.77
CA MET A 57 -24.60 -18.45 -59.43
C MET A 57 -23.43 -19.24 -58.80
N PRO A 58 -22.18 -19.07 -59.28
CA PRO A 58 -21.01 -19.62 -58.59
C PRO A 58 -20.65 -18.83 -57.32
N LEU A 59 -19.63 -19.30 -56.58
CA LEU A 59 -19.16 -18.71 -55.29
C LEU A 59 -18.82 -17.23 -55.48
N GLY A 60 -17.86 -16.92 -56.35
CA GLY A 60 -17.43 -15.54 -56.65
C GLY A 60 -18.61 -14.60 -56.83
N LYS A 61 -19.63 -15.03 -57.60
CA LYS A 61 -20.77 -14.19 -58.04
C LYS A 61 -21.69 -13.82 -56.88
N LEU A 62 -21.62 -14.52 -55.74
CA LEU A 62 -22.35 -14.18 -54.50
C LEU A 62 -21.89 -12.80 -54.02
N SER A 63 -22.78 -11.80 -54.08
CA SER A 63 -22.54 -10.42 -53.57
C SER A 63 -23.53 -10.14 -52.44
N LYS A 64 -23.29 -9.09 -51.63
CA LYS A 64 -24.05 -8.77 -50.39
C LYS A 64 -25.30 -7.95 -50.71
N ARG A 65 -25.29 -7.23 -51.84
CA ARG A 65 -26.50 -6.56 -52.41
C ARG A 65 -27.63 -7.61 -52.47
N GLN A 66 -27.34 -8.76 -53.07
CA GLN A 66 -28.31 -9.81 -53.50
C GLN A 66 -29.01 -10.45 -52.30
N ILE A 67 -28.25 -10.90 -51.30
CA ILE A 67 -28.78 -11.65 -50.12
C ILE A 67 -29.74 -10.73 -49.34
N GLN A 68 -29.28 -9.52 -48.97
CA GLN A 68 -30.13 -8.41 -48.44
C GLN A 68 -31.37 -8.24 -49.33
N ALA A 69 -31.16 -8.22 -50.64
CA ALA A 69 -32.20 -7.97 -51.67
C ALA A 69 -33.06 -9.21 -51.90
N ALA A 70 -32.54 -10.39 -51.57
CA ALA A 70 -33.26 -11.69 -51.64
C ALA A 70 -34.15 -11.80 -50.40
N TYR A 71 -33.54 -11.61 -49.22
CA TYR A 71 -34.23 -11.35 -47.93
C TYR A 71 -35.41 -10.42 -48.19
N SER A 72 -35.15 -9.29 -48.87
CA SER A 72 -36.15 -8.27 -49.26
C SER A 72 -37.35 -8.93 -49.95
N ILE A 73 -37.10 -9.87 -50.89
CA ILE A 73 -38.16 -10.64 -51.60
C ILE A 73 -38.90 -11.50 -50.58
N LEU A 74 -38.23 -11.93 -49.50
CA LEU A 74 -38.86 -12.64 -48.34
C LEU A 74 -39.23 -11.64 -47.23
N SER A 75 -39.50 -10.38 -47.60
CA SER A 75 -40.40 -9.46 -46.85
C SER A 75 -41.77 -9.57 -47.52
N GLU A 76 -41.89 -9.01 -48.75
CA GLU A 76 -43.15 -8.92 -49.53
C GLU A 76 -43.86 -10.28 -49.56
N VAL A 77 -43.12 -11.37 -49.83
CA VAL A 77 -43.66 -12.76 -49.90
C VAL A 77 -44.37 -13.08 -48.58
N GLN A 78 -43.66 -12.89 -47.47
CA GLN A 78 -44.23 -13.06 -46.10
C GLN A 78 -45.32 -11.99 -45.88
N GLN A 79 -45.05 -10.73 -46.27
CA GLN A 79 -46.02 -9.60 -46.21
C GLN A 79 -47.34 -9.99 -46.89
N ALA A 80 -47.37 -11.11 -47.60
CA ALA A 80 -48.60 -11.71 -48.20
C ALA A 80 -48.54 -13.23 -48.07
N VAL A 81 -48.13 -13.73 -46.90
CA VAL A 81 -48.24 -15.16 -46.48
C VAL A 81 -49.47 -15.30 -45.57
N SER A 82 -49.85 -14.23 -44.86
CA SER A 82 -50.98 -14.21 -43.88
C SER A 82 -52.26 -13.65 -44.52
N GLN A 83 -52.11 -12.67 -45.43
CA GLN A 83 -53.19 -12.18 -46.33
C GLN A 83 -53.30 -13.15 -47.52
N GLY A 84 -52.21 -13.85 -47.86
CA GLY A 84 -52.11 -14.70 -49.07
C GLY A 84 -52.38 -13.86 -50.31
N SER A 85 -51.33 -13.31 -50.91
CA SER A 85 -51.39 -12.28 -51.98
C SER A 85 -52.36 -12.68 -53.11
N SER A 86 -52.43 -13.98 -53.43
CA SER A 86 -53.01 -14.53 -54.69
C SER A 86 -51.97 -14.39 -55.80
N ASP A 87 -51.85 -15.41 -56.67
CA ASP A 87 -50.74 -15.59 -57.63
C ASP A 87 -50.59 -14.35 -58.52
N SER A 88 -51.69 -13.62 -58.80
CA SER A 88 -51.68 -12.29 -59.47
C SER A 88 -50.56 -11.42 -58.87
N GLN A 89 -50.38 -11.47 -57.54
CA GLN A 89 -49.37 -10.67 -56.79
C GLN A 89 -48.27 -11.57 -56.18
N ILE A 90 -48.38 -12.91 -56.27
CA ILE A 90 -47.34 -13.88 -55.79
C ILE A 90 -46.37 -14.20 -56.93
N LEU A 91 -46.88 -14.69 -58.07
CA LEU A 91 -46.08 -15.27 -59.18
C LEU A 91 -44.86 -14.38 -59.46
N ASP A 92 -45.10 -13.10 -59.79
CA ASP A 92 -44.05 -12.08 -60.07
C ASP A 92 -43.03 -12.04 -58.92
N LEU A 93 -43.51 -12.02 -57.68
CA LEU A 93 -42.65 -11.93 -56.46
C LEU A 93 -41.81 -13.21 -56.36
N SER A 94 -42.48 -14.36 -56.21
CA SER A 94 -41.85 -15.71 -56.22
C SER A 94 -40.87 -15.82 -57.39
N ASN A 95 -41.23 -15.25 -58.55
CA ASN A 95 -40.35 -15.16 -59.74
C ASN A 95 -39.11 -14.32 -59.40
N ARG A 96 -39.31 -13.07 -58.95
CA ARG A 96 -38.22 -12.05 -58.91
C ARG A 96 -37.15 -12.47 -57.91
N PHE A 97 -37.43 -13.45 -57.03
CA PHE A 97 -36.46 -14.07 -56.09
C PHE A 97 -35.38 -14.84 -56.86
N TYR A 98 -35.76 -15.49 -57.96
CA TYR A 98 -34.91 -16.43 -58.76
C TYR A 98 -34.03 -15.65 -59.76
N THR A 99 -34.36 -14.39 -60.03
CA THR A 99 -33.52 -13.43 -60.80
C THR A 99 -32.16 -13.26 -60.13
N LEU A 100 -32.15 -13.22 -58.79
CA LEU A 100 -30.96 -12.94 -57.95
C LEU A 100 -30.36 -14.25 -57.44
N ILE A 101 -31.19 -15.18 -56.95
CA ILE A 101 -30.76 -16.50 -56.42
C ILE A 101 -31.33 -17.60 -57.31
N PRO A 102 -30.70 -17.90 -58.47
CA PRO A 102 -31.13 -19.00 -59.34
C PRO A 102 -31.07 -20.38 -58.65
N HIS A 103 -31.89 -21.33 -59.11
CA HIS A 103 -32.02 -22.71 -58.56
C HIS A 103 -32.05 -23.74 -59.71
N ASP A 104 -31.76 -25.01 -59.39
CA ASP A 104 -31.68 -26.14 -60.36
C ASP A 104 -32.62 -27.26 -59.87
N PHE A 105 -33.88 -27.23 -60.29
CA PHE A 105 -34.98 -28.11 -59.83
C PHE A 105 -35.15 -29.31 -60.78
N GLY A 106 -34.38 -30.37 -60.55
CA GLY A 106 -34.43 -31.65 -61.29
C GLY A 106 -35.07 -31.49 -62.66
N MET A 107 -36.33 -31.94 -62.80
CA MET A 107 -37.15 -31.78 -64.02
C MET A 107 -38.55 -31.25 -63.67
N LYS A 108 -38.81 -30.90 -62.40
CA LYS A 108 -40.15 -30.46 -61.90
C LYS A 108 -40.17 -28.93 -61.77
N LYS A 109 -41.26 -28.32 -62.23
CA LYS A 109 -41.49 -26.84 -62.28
C LYS A 109 -41.10 -26.23 -60.94
N PRO A 110 -40.49 -25.01 -60.91
CA PRO A 110 -39.88 -24.48 -59.69
C PRO A 110 -40.89 -24.36 -58.55
N PRO A 111 -40.63 -24.96 -57.36
CA PRO A 111 -41.47 -24.75 -56.18
C PRO A 111 -41.79 -23.27 -55.95
N LEU A 112 -43.04 -22.89 -56.21
CA LEU A 112 -43.58 -21.50 -56.08
C LEU A 112 -43.62 -21.11 -54.60
N LEU A 113 -42.93 -20.02 -54.22
CA LEU A 113 -42.80 -19.57 -52.80
C LEU A 113 -44.13 -18.98 -52.33
N ASN A 114 -45.12 -19.84 -52.04
CA ASN A 114 -46.47 -19.44 -51.55
C ASN A 114 -46.86 -20.32 -50.36
N ASN A 115 -46.00 -20.37 -49.34
CA ASN A 115 -46.30 -20.94 -47.99
C ASN A 115 -45.11 -20.63 -47.06
N ALA A 116 -45.34 -20.71 -45.74
CA ALA A 116 -44.37 -20.34 -44.67
C ALA A 116 -43.41 -21.50 -44.41
N ASP A 117 -43.73 -22.71 -44.89
CA ASP A 117 -42.87 -23.92 -44.83
C ASP A 117 -41.74 -23.77 -45.87
N SER A 118 -42.08 -23.27 -47.07
CA SER A 118 -41.14 -22.95 -48.17
C SER A 118 -40.19 -21.84 -47.72
N VAL A 119 -40.74 -20.69 -47.33
CA VAL A 119 -39.98 -19.44 -46.98
C VAL A 119 -39.11 -19.69 -45.74
N GLN A 120 -39.38 -20.75 -44.97
CA GLN A 120 -38.51 -21.21 -43.84
C GLN A 120 -37.17 -21.69 -44.42
N ALA A 121 -37.22 -22.67 -45.32
CA ALA A 121 -36.04 -23.31 -45.97
C ALA A 121 -35.16 -22.22 -46.61
N LYS A 122 -35.80 -21.25 -47.27
CA LYS A 122 -35.14 -20.13 -48.00
C LYS A 122 -34.60 -19.11 -47.00
N ALA A 123 -35.29 -18.91 -45.88
CA ALA A 123 -34.83 -18.08 -44.74
C ALA A 123 -33.50 -18.64 -44.24
N GLU A 124 -33.45 -19.94 -43.97
CA GLU A 124 -32.25 -20.68 -43.48
C GLU A 124 -31.16 -20.69 -44.56
N MET A 125 -31.56 -20.71 -45.84
CA MET A 125 -30.64 -20.78 -47.01
C MET A 125 -29.81 -19.50 -47.09
N LEU A 126 -30.46 -18.33 -47.15
CA LEU A 126 -29.79 -17.02 -47.22
C LEU A 126 -29.02 -16.78 -45.90
N ASP A 127 -29.60 -17.19 -44.77
CA ASP A 127 -28.95 -17.16 -43.44
C ASP A 127 -27.53 -17.77 -43.58
N ASN A 128 -27.39 -18.85 -44.36
CA ASN A 128 -26.12 -19.61 -44.58
C ASN A 128 -25.29 -18.93 -45.68
N LEU A 129 -25.88 -18.64 -46.84
CA LEU A 129 -25.23 -18.00 -48.01
C LEU A 129 -24.45 -16.77 -47.57
N LEU A 130 -25.02 -16.00 -46.64
CA LEU A 130 -24.47 -14.71 -46.14
C LEU A 130 -23.07 -14.92 -45.55
N ASP A 131 -22.84 -16.03 -44.85
CA ASP A 131 -21.54 -16.31 -44.19
C ASP A 131 -20.60 -17.08 -45.12
N ILE A 132 -21.15 -17.86 -46.05
CA ILE A 132 -20.41 -18.49 -47.17
C ILE A 132 -19.81 -17.36 -48.02
N GLU A 133 -20.59 -16.29 -48.26
CA GLU A 133 -20.13 -15.07 -48.97
C GLU A 133 -18.97 -14.45 -48.20
N VAL A 134 -19.09 -14.36 -46.87
CA VAL A 134 -18.04 -13.81 -45.97
C VAL A 134 -16.77 -14.64 -46.17
N ALA A 135 -16.90 -15.98 -46.16
CA ALA A 135 -15.77 -16.94 -46.20
C ALA A 135 -14.97 -16.76 -47.50
N TYR A 136 -15.66 -16.60 -48.63
CA TYR A 136 -15.06 -16.40 -49.97
C TYR A 136 -14.37 -15.03 -50.00
N SER A 137 -15.14 -13.97 -49.81
CA SER A 137 -14.68 -12.55 -49.88
C SER A 137 -13.42 -12.34 -49.02
N LEU A 138 -13.27 -13.12 -47.95
CA LEU A 138 -12.05 -13.12 -47.08
C LEU A 138 -10.91 -13.88 -47.79
N LEU A 139 -11.20 -15.11 -48.23
CA LEU A 139 -10.24 -15.99 -48.93
C LEU A 139 -9.77 -15.30 -50.22
N ARG A 140 -10.69 -14.70 -50.96
CA ARG A 140 -10.47 -14.15 -52.33
C ARG A 140 -9.61 -12.88 -52.27
N GLY A 141 -9.94 -11.95 -51.37
CA GLY A 141 -9.26 -10.65 -51.23
C GLY A 141 -7.97 -10.74 -50.41
N GLY A 142 -7.42 -9.58 -50.04
CA GLY A 142 -6.20 -9.45 -49.21
C GLY A 142 -6.36 -8.36 -48.15
N ILE A 151 -1.91 -20.43 -45.23
CA ILE A 151 -3.00 -20.69 -44.23
C ILE A 151 -2.73 -19.87 -42.95
N ASP A 152 -1.55 -19.26 -42.82
CA ASP A 152 -1.27 -18.15 -41.87
C ASP A 152 -1.95 -16.87 -42.39
N VAL A 153 -2.20 -16.79 -43.70
CA VAL A 153 -2.77 -15.60 -44.40
C VAL A 153 -4.27 -15.54 -44.15
N ASN A 154 -4.93 -16.71 -44.15
CA ASN A 154 -6.39 -16.87 -43.90
C ASN A 154 -6.65 -16.68 -42.40
N TYR A 155 -5.69 -17.06 -41.56
CA TYR A 155 -5.72 -16.88 -40.08
C TYR A 155 -5.76 -15.37 -39.75
N GLU A 156 -4.93 -14.60 -40.44
CA GLU A 156 -4.83 -13.10 -40.36
C GLU A 156 -6.23 -12.48 -40.51
N LYS A 157 -7.00 -12.94 -41.49
CA LYS A 157 -8.28 -12.31 -41.93
C LYS A 157 -9.43 -12.74 -41.02
N LEU A 158 -9.22 -13.73 -40.18
CA LEU A 158 -10.21 -14.13 -39.13
C LEU A 158 -10.16 -13.11 -37.98
N LYS A 159 -9.08 -12.32 -37.91
CA LYS A 159 -8.83 -11.23 -36.92
C LYS A 159 -9.09 -11.76 -35.52
N THR A 160 -8.83 -13.04 -35.28
CA THR A 160 -9.11 -13.73 -34.00
C THR A 160 -7.85 -14.45 -33.53
N ASP A 161 -7.51 -14.32 -32.25
CA ASP A 161 -6.43 -15.11 -31.62
C ASP A 161 -7.00 -16.50 -31.29
N ILE A 162 -6.43 -17.54 -31.90
CA ILE A 162 -6.84 -18.97 -31.70
C ILE A 162 -5.66 -19.73 -31.08
N LYS A 163 -5.81 -20.17 -29.82
CA LYS A 163 -4.79 -20.92 -29.03
C LYS A 163 -5.38 -22.27 -28.60
N VAL A 164 -4.57 -23.33 -28.55
CA VAL A 164 -5.00 -24.71 -28.22
C VAL A 164 -5.00 -24.86 -26.69
N VAL A 165 -6.17 -25.19 -26.10
CA VAL A 165 -6.30 -25.71 -24.71
C VAL A 165 -5.91 -27.20 -24.74
N ASP A 166 -5.07 -27.64 -23.79
CA ASP A 166 -4.38 -28.96 -23.83
C ASP A 166 -5.17 -29.96 -22.98
N ARG A 167 -5.36 -31.19 -23.52
CA ARG A 167 -6.33 -32.21 -23.02
C ARG A 167 -6.24 -32.34 -21.49
N ASP A 168 -5.04 -32.61 -20.97
CA ASP A 168 -4.80 -33.07 -19.56
C ASP A 168 -5.08 -31.93 -18.57
N SER A 169 -5.17 -30.67 -19.02
CA SER A 169 -5.29 -29.47 -18.14
C SER A 169 -6.72 -29.37 -17.59
N GLU A 170 -6.97 -28.33 -16.79
CA GLU A 170 -8.16 -28.16 -15.89
C GLU A 170 -9.24 -27.45 -16.69
N GLU A 171 -8.92 -26.25 -17.17
CA GLU A 171 -9.57 -25.54 -18.29
C GLU A 171 -10.08 -26.57 -19.31
N ALA A 172 -9.24 -27.55 -19.65
CA ALA A 172 -9.64 -28.68 -20.51
C ALA A 172 -10.69 -29.53 -19.79
N GLU A 173 -10.49 -29.82 -18.51
CA GLU A 173 -11.32 -30.82 -17.79
C GLU A 173 -12.72 -30.28 -17.45
N ILE A 174 -12.91 -28.97 -17.21
CA ILE A 174 -14.25 -28.46 -16.77
C ILE A 174 -15.11 -28.16 -18.00
N ILE A 175 -14.49 -28.07 -19.19
CA ILE A 175 -15.20 -27.96 -20.51
C ILE A 175 -15.80 -29.35 -20.84
N ARG A 176 -15.07 -30.43 -20.56
CA ARG A 176 -15.49 -31.84 -20.81
C ARG A 176 -16.57 -32.24 -19.80
N LYS A 177 -16.44 -31.87 -18.52
CA LYS A 177 -17.54 -32.08 -17.54
C LYS A 177 -18.83 -31.54 -18.14
N TYR A 178 -18.83 -30.29 -18.62
CA TYR A 178 -20.00 -29.60 -19.25
C TYR A 178 -20.54 -30.35 -20.48
N VAL A 179 -19.68 -30.90 -21.34
CA VAL A 179 -20.06 -31.60 -22.62
C VAL A 179 -20.67 -32.97 -22.31
N LYS A 180 -19.98 -33.81 -21.55
CA LYS A 180 -20.52 -35.13 -21.12
C LYS A 180 -21.75 -34.93 -20.21
N ASN A 181 -21.72 -33.99 -19.26
CA ASN A 181 -22.71 -33.94 -18.14
C ASN A 181 -24.06 -33.39 -18.62
N THR A 182 -24.07 -32.34 -19.45
CA THR A 182 -25.34 -31.71 -19.92
C THR A 182 -25.70 -32.20 -21.33
N HIS A 183 -25.42 -33.47 -21.63
CA HIS A 183 -26.02 -34.20 -22.78
C HIS A 183 -27.45 -34.60 -22.37
N ALA A 184 -28.43 -34.18 -23.18
CA ALA A 184 -29.89 -34.38 -23.00
C ALA A 184 -30.31 -35.68 -23.71
N THR A 185 -31.29 -36.40 -23.13
CA THR A 185 -31.64 -37.80 -23.55
C THR A 185 -32.66 -37.76 -24.69
N THR A 186 -33.35 -36.64 -24.91
CA THR A 186 -34.18 -36.37 -26.12
C THR A 186 -33.28 -36.36 -27.36
N HIS A 187 -32.00 -35.95 -27.20
CA HIS A 187 -30.97 -35.90 -28.27
C HIS A 187 -30.15 -37.20 -28.21
N ASN A 188 -30.75 -38.29 -28.72
CA ASN A 188 -30.23 -39.68 -28.65
C ASN A 188 -29.81 -40.16 -30.05
N ALA A 189 -29.65 -39.24 -31.01
CA ALA A 189 -29.21 -39.51 -32.40
C ALA A 189 -27.69 -39.68 -32.45
N TYR A 190 -26.95 -39.16 -31.46
CA TYR A 190 -25.46 -39.20 -31.43
C TYR A 190 -24.91 -39.17 -30.00
N ASP A 191 -23.74 -39.82 -29.83
CA ASP A 191 -22.76 -39.59 -28.73
C ASP A 191 -21.89 -38.40 -29.13
N LEU A 192 -21.40 -37.63 -28.15
CA LEU A 192 -20.64 -36.38 -28.37
C LEU A 192 -19.15 -36.63 -28.04
N GLU A 193 -18.27 -36.44 -29.01
CA GLU A 193 -16.80 -36.64 -28.89
C GLU A 193 -16.09 -35.29 -29.07
N VAL A 194 -15.32 -34.87 -28.06
CA VAL A 194 -14.44 -33.65 -28.09
C VAL A 194 -13.16 -34.03 -28.82
N ILE A 195 -12.81 -33.31 -29.90
CA ILE A 195 -11.51 -33.54 -30.62
C ILE A 195 -10.49 -32.52 -30.12
N ASP A 196 -10.70 -31.24 -30.43
CA ASP A 196 -9.79 -30.13 -30.08
C ASP A 196 -10.57 -29.12 -29.24
N ILE A 197 -9.91 -28.51 -28.25
CA ILE A 197 -10.46 -27.39 -27.44
C ILE A 197 -9.55 -26.18 -27.65
N PHE A 198 -10.06 -25.15 -28.35
CA PHE A 198 -9.36 -23.88 -28.65
C PHE A 198 -9.86 -22.78 -27.71
N LYS A 199 -8.95 -21.87 -27.37
CA LYS A 199 -9.26 -20.59 -26.67
C LYS A 199 -9.30 -19.49 -27.75
N ILE A 200 -10.27 -18.58 -27.68
CA ILE A 200 -10.49 -17.53 -28.73
C ILE A 200 -10.67 -16.15 -28.08
N GLU A 201 -9.92 -15.16 -28.61
CA GLU A 201 -10.16 -13.70 -28.41
C GLU A 201 -10.28 -13.03 -29.79
N ARG A 202 -11.50 -12.67 -30.20
CA ARG A 202 -11.75 -11.84 -31.41
C ARG A 202 -11.27 -10.40 -31.16
N GLU A 203 -10.52 -9.82 -32.10
CA GLU A 203 -10.17 -8.37 -32.09
C GLU A 203 -11.42 -7.57 -31.75
N GLY A 204 -11.31 -6.69 -30.75
CA GLY A 204 -12.24 -5.58 -30.50
C GLY A 204 -13.38 -5.95 -29.57
N GLU A 205 -13.53 -7.23 -29.23
CA GLU A 205 -14.69 -7.74 -28.46
C GLU A 205 -14.51 -7.35 -26.98
N CYS A 206 -13.33 -7.60 -26.41
CA CYS A 206 -12.95 -7.20 -25.03
C CYS A 206 -13.42 -5.77 -24.76
N GLN A 207 -13.08 -4.79 -25.60
CA GLN A 207 -13.52 -3.36 -25.48
C GLN A 207 -15.05 -3.23 -25.58
N ARG A 208 -15.63 -3.81 -26.63
CA ARG A 208 -17.10 -3.85 -26.87
C ARG A 208 -17.84 -4.38 -25.64
N TYR A 209 -17.24 -5.36 -24.93
CA TYR A 209 -17.83 -6.13 -23.80
C TYR A 209 -17.53 -5.48 -22.43
N LYS A 210 -16.57 -4.55 -22.29
CA LYS A 210 -16.25 -3.91 -20.98
C LYS A 210 -17.56 -3.41 -20.35
N PRO A 211 -18.43 -2.73 -21.13
CA PRO A 211 -19.65 -2.18 -20.57
C PRO A 211 -20.51 -3.24 -19.88
N PHE A 212 -20.49 -4.49 -20.33
CA PHE A 212 -21.38 -5.56 -19.82
C PHE A 212 -20.63 -6.50 -18.87
N LYS A 213 -19.30 -6.37 -18.77
CA LYS A 213 -18.44 -7.23 -17.90
C LYS A 213 -18.76 -6.97 -16.42
N GLN A 214 -19.43 -5.86 -16.11
CA GLN A 214 -19.80 -5.43 -14.75
C GLN A 214 -21.28 -5.75 -14.47
N LEU A 215 -22.01 -6.21 -15.49
CA LEU A 215 -23.41 -6.70 -15.34
C LEU A 215 -23.41 -8.02 -14.58
N HIS A 216 -24.42 -8.26 -13.74
CA HIS A 216 -24.66 -9.50 -12.97
C HIS A 216 -25.20 -10.63 -13.88
N ASN A 217 -25.14 -11.88 -13.41
CA ASN A 217 -25.68 -13.08 -14.09
C ASN A 217 -25.02 -13.19 -15.47
N ARG A 218 -23.78 -13.66 -15.50
CA ARG A 218 -22.94 -13.87 -16.70
C ARG A 218 -22.71 -15.38 -16.84
N ARG A 219 -23.02 -15.98 -18.00
CA ARG A 219 -22.97 -17.45 -18.20
C ARG A 219 -22.09 -17.83 -19.40
N LEU A 220 -21.25 -18.84 -19.21
CA LEU A 220 -20.60 -19.57 -20.31
C LEU A 220 -21.63 -20.57 -20.84
N LEU A 221 -22.27 -20.20 -21.97
CA LEU A 221 -23.36 -20.95 -22.64
C LEU A 221 -22.91 -21.44 -24.02
N TRP A 222 -23.62 -22.42 -24.60
CA TRP A 222 -23.29 -23.12 -25.89
C TRP A 222 -23.91 -22.39 -27.08
N HIS A 223 -23.20 -22.32 -28.21
CA HIS A 223 -23.72 -21.78 -29.49
C HIS A 223 -23.20 -22.58 -30.69
N GLY A 224 -24.03 -23.46 -31.24
CA GLY A 224 -23.73 -24.28 -32.44
C GLY A 224 -24.14 -23.58 -33.73
N SER A 225 -23.46 -23.93 -34.84
CA SER A 225 -23.66 -23.39 -36.21
C SER A 225 -22.96 -24.27 -37.25
N ARG A 226 -23.36 -24.16 -38.52
CA ARG A 226 -22.70 -24.81 -39.69
C ARG A 226 -21.26 -24.27 -39.80
N THR A 227 -20.29 -25.13 -40.14
CA THR A 227 -18.83 -24.79 -40.14
C THR A 227 -18.56 -23.80 -41.28
N THR A 228 -19.43 -23.76 -42.29
CA THR A 228 -19.43 -22.77 -43.40
C THR A 228 -19.71 -21.36 -42.85
N ASN A 229 -20.40 -21.25 -41.70
CA ASN A 229 -20.74 -19.95 -41.04
C ASN A 229 -19.57 -19.40 -40.21
N PHE A 230 -18.61 -20.25 -39.83
CA PHE A 230 -17.64 -19.96 -38.73
C PHE A 230 -16.59 -18.96 -39.22
N ALA A 231 -16.35 -18.94 -40.53
CA ALA A 231 -15.59 -17.86 -41.21
C ALA A 231 -16.23 -16.52 -40.83
N GLY A 232 -17.55 -16.42 -40.94
CA GLY A 232 -18.32 -15.20 -40.62
C GLY A 232 -18.30 -14.91 -39.13
N ILE A 233 -18.57 -15.92 -38.31
CA ILE A 233 -18.64 -15.81 -36.82
C ILE A 233 -17.30 -15.24 -36.31
N LEU A 234 -16.20 -15.97 -36.48
CA LEU A 234 -14.86 -15.56 -35.96
C LEU A 234 -14.50 -14.14 -36.46
N SER A 235 -14.77 -13.84 -37.73
CA SER A 235 -14.41 -12.54 -38.35
C SER A 235 -15.35 -11.43 -37.86
N GLN A 236 -16.66 -11.67 -37.75
CA GLN A 236 -17.66 -10.58 -37.54
C GLN A 236 -18.37 -10.69 -36.18
N GLY A 237 -18.16 -11.77 -35.43
CA GLY A 237 -18.88 -12.02 -34.17
C GLY A 237 -20.23 -12.64 -34.48
N LEU A 238 -21.00 -13.02 -33.45
CA LEU A 238 -22.40 -13.47 -33.58
C LEU A 238 -23.27 -12.24 -33.84
N ARG A 239 -23.98 -12.22 -34.96
CA ARG A 239 -24.89 -11.10 -35.32
C ARG A 239 -26.34 -11.52 -35.04
N ILE A 240 -27.22 -10.52 -34.93
CA ILE A 240 -28.71 -10.66 -34.87
C ILE A 240 -29.21 -10.64 -36.32
N ALA A 241 -30.37 -11.24 -36.61
CA ALA A 241 -30.87 -11.34 -38.00
C ALA A 241 -31.07 -9.94 -38.56
N PRO A 242 -30.77 -9.69 -39.86
CA PRO A 242 -31.02 -8.38 -40.47
C PRO A 242 -32.50 -8.03 -40.35
N PRO A 243 -32.89 -6.74 -40.42
CA PRO A 243 -34.30 -6.35 -40.33
C PRO A 243 -35.13 -6.77 -41.56
N GLU A 244 -34.47 -6.98 -42.71
CA GLU A 244 -35.11 -7.43 -43.98
C GLU A 244 -35.68 -8.85 -43.82
N ALA A 245 -35.16 -9.63 -42.86
CA ALA A 245 -35.48 -11.07 -42.65
C ALA A 245 -36.89 -11.25 -42.09
N PRO A 246 -37.62 -12.31 -42.52
CA PRO A 246 -38.96 -12.60 -42.01
C PRO A 246 -39.32 -12.66 -40.51
N VAL A 247 -40.60 -12.37 -40.27
CA VAL A 247 -41.41 -12.66 -39.06
C VAL A 247 -41.41 -14.19 -38.80
N THR A 248 -41.34 -14.58 -37.52
CA THR A 248 -41.61 -15.94 -36.93
C THR A 248 -40.63 -16.98 -37.46
N GLY A 249 -40.69 -18.18 -36.89
CA GLY A 249 -39.57 -19.12 -36.77
C GLY A 249 -38.69 -18.69 -35.61
N TYR A 250 -38.49 -17.36 -35.49
CA TYR A 250 -37.83 -16.67 -34.37
C TYR A 250 -38.73 -16.74 -33.13
N MET A 251 -38.60 -17.78 -32.31
CA MET A 251 -39.43 -17.98 -31.10
C MET A 251 -39.41 -16.70 -30.26
N PHE A 252 -38.24 -16.29 -29.74
CA PHE A 252 -38.11 -15.09 -28.87
C PHE A 252 -37.48 -13.94 -29.62
N GLY A 253 -37.91 -13.73 -30.87
CA GLY A 253 -37.50 -12.63 -31.77
C GLY A 253 -36.08 -12.74 -32.30
N LYS A 254 -35.66 -11.72 -33.03
CA LYS A 254 -34.29 -11.62 -33.60
C LYS A 254 -33.30 -11.24 -32.49
N GLY A 255 -32.58 -12.23 -31.96
CA GLY A 255 -31.54 -12.05 -30.94
C GLY A 255 -30.47 -13.11 -31.15
N ILE A 256 -29.41 -13.12 -30.31
CA ILE A 256 -28.35 -14.17 -30.30
C ILE A 256 -28.77 -15.23 -29.27
N TYR A 257 -28.99 -16.47 -29.72
CA TYR A 257 -29.63 -17.57 -28.94
C TYR A 257 -28.55 -18.53 -28.42
N PHE A 258 -28.58 -18.83 -27.13
CA PHE A 258 -27.65 -19.75 -26.43
C PHE A 258 -28.46 -20.84 -25.72
N ALA A 259 -27.85 -21.97 -25.42
CA ALA A 259 -28.41 -23.04 -24.57
C ALA A 259 -27.43 -23.38 -23.44
N ASP A 260 -27.89 -24.16 -22.47
CA ASP A 260 -27.07 -24.63 -21.32
C ASP A 260 -26.86 -26.15 -21.43
N MET A 261 -27.58 -26.84 -22.32
CA MET A 261 -27.26 -28.26 -22.65
C MET A 261 -26.58 -28.24 -24.00
N VAL A 262 -25.44 -28.91 -24.15
CA VAL A 262 -24.59 -28.85 -25.38
C VAL A 262 -25.42 -29.39 -26.59
N SER A 263 -26.24 -30.43 -26.37
CA SER A 263 -27.05 -31.12 -27.42
C SER A 263 -27.88 -30.11 -28.21
N LYS A 264 -28.52 -29.17 -27.51
CA LYS A 264 -29.46 -28.21 -28.12
C LYS A 264 -28.68 -27.33 -29.11
N SER A 265 -27.47 -26.91 -28.72
CA SER A 265 -26.56 -26.12 -29.60
C SER A 265 -25.91 -27.06 -30.59
N ALA A 266 -25.54 -28.26 -30.15
CA ALA A 266 -24.94 -29.30 -31.02
C ALA A 266 -25.79 -29.50 -32.27
N ASN A 267 -27.13 -29.44 -32.14
CA ASN A 267 -28.10 -29.75 -33.23
C ASN A 267 -28.05 -28.70 -34.34
N TYR A 268 -27.63 -27.45 -34.04
CA TYR A 268 -27.56 -26.38 -35.07
C TYR A 268 -26.20 -26.40 -35.78
N CYS A 269 -25.35 -27.41 -35.51
CA CYS A 269 -24.18 -27.76 -36.35
C CYS A 269 -24.66 -28.37 -37.67
N HIS A 270 -25.88 -28.94 -37.67
CA HIS A 270 -26.46 -29.69 -38.81
C HIS A 270 -25.36 -30.52 -39.47
N THR A 271 -24.87 -31.53 -38.75
CA THR A 271 -23.83 -32.49 -39.21
C THR A 271 -24.52 -33.81 -39.55
N SER A 272 -24.21 -34.38 -40.73
CA SER A 272 -24.58 -35.75 -41.15
C SER A 272 -23.37 -36.66 -40.90
N GLN A 273 -23.49 -37.98 -41.12
CA GLN A 273 -22.35 -38.93 -40.92
C GLN A 273 -21.44 -38.89 -42.14
N GLY A 274 -21.90 -38.27 -43.24
CA GLY A 274 -21.04 -37.87 -44.37
C GLY A 274 -19.93 -36.95 -43.89
N ASP A 275 -20.29 -35.94 -43.09
CA ASP A 275 -19.36 -34.97 -42.46
C ASP A 275 -19.62 -34.96 -40.95
N PRO A 276 -19.01 -35.91 -40.19
CA PRO A 276 -19.33 -36.10 -38.78
C PRO A 276 -18.54 -35.22 -37.78
N ILE A 277 -18.02 -34.08 -38.24
CA ILE A 277 -17.20 -33.13 -37.42
C ILE A 277 -17.91 -31.78 -37.38
N GLY A 278 -18.25 -31.32 -36.18
CA GLY A 278 -18.96 -30.04 -35.92
C GLY A 278 -18.09 -29.05 -35.18
N LEU A 279 -18.53 -27.79 -35.13
CA LEU A 279 -17.94 -26.69 -34.32
C LEU A 279 -19.03 -26.06 -33.44
N ILE A 280 -18.82 -26.02 -32.13
CA ILE A 280 -19.74 -25.41 -31.14
C ILE A 280 -18.94 -24.43 -30.29
N LEU A 281 -19.50 -23.26 -30.01
CA LEU A 281 -18.78 -22.24 -29.22
C LEU A 281 -19.12 -22.45 -27.75
N LEU A 282 -18.31 -21.89 -26.85
CA LEU A 282 -18.77 -21.41 -25.51
C LEU A 282 -18.69 -19.87 -25.50
N GLY A 283 -19.74 -19.23 -24.98
CA GLY A 283 -19.79 -17.78 -24.80
C GLY A 283 -19.99 -17.43 -23.33
N GLU A 284 -19.29 -16.38 -22.89
CA GLU A 284 -19.72 -15.54 -21.76
C GLU A 284 -20.80 -14.60 -22.33
N VAL A 285 -22.03 -14.74 -21.85
CA VAL A 285 -23.09 -13.77 -22.22
C VAL A 285 -23.59 -13.19 -20.89
N ALA A 286 -23.62 -11.85 -20.82
CA ALA A 286 -24.01 -11.05 -19.64
C ALA A 286 -25.54 -10.85 -19.68
N LEU A 287 -26.24 -11.65 -18.89
CA LEU A 287 -27.70 -11.85 -19.02
C LEU A 287 -28.44 -10.88 -18.11
N GLY A 288 -27.80 -10.41 -17.04
CA GLY A 288 -28.46 -9.49 -16.09
C GLY A 288 -29.81 -10.03 -15.68
N ASN A 289 -30.77 -9.14 -15.47
CA ASN A 289 -32.23 -9.45 -15.32
C ASN A 289 -32.76 -10.14 -16.58
N MET A 290 -32.92 -11.47 -16.50
CA MET A 290 -33.47 -12.35 -17.57
C MET A 290 -34.99 -12.22 -17.56
N TYR A 291 -35.59 -11.86 -18.69
CA TYR A 291 -37.07 -11.83 -18.86
C TYR A 291 -37.49 -13.26 -19.14
N GLU A 292 -38.25 -13.87 -18.21
CA GLU A 292 -38.46 -15.35 -18.09
C GLU A 292 -39.83 -15.70 -18.67
N LEU A 293 -39.87 -16.11 -19.94
CA LEU A 293 -41.07 -16.47 -20.72
C LEU A 293 -41.08 -17.98 -20.91
N LYS A 294 -42.25 -18.58 -21.13
CA LYS A 294 -42.40 -20.05 -21.28
C LYS A 294 -43.14 -20.39 -22.58
N HIS A 295 -43.43 -19.37 -23.40
CA HIS A 295 -43.98 -19.47 -24.77
C HIS A 295 -43.51 -18.26 -25.60
N ALA A 296 -43.65 -18.37 -26.92
CA ALA A 296 -43.11 -17.41 -27.91
C ALA A 296 -43.71 -16.03 -27.67
N SER A 297 -42.84 -15.03 -27.49
CA SER A 297 -43.08 -13.60 -27.82
C SER A 297 -42.03 -13.17 -28.86
N HIS A 298 -42.44 -12.55 -29.98
CA HIS A 298 -41.47 -11.97 -30.94
C HIS A 298 -40.94 -10.66 -30.34
N ILE A 299 -40.28 -10.77 -29.19
CA ILE A 299 -39.77 -9.61 -28.38
C ILE A 299 -39.11 -8.58 -29.29
N SER A 300 -39.71 -7.39 -29.50
CA SER A 300 -39.20 -6.31 -30.42
C SER A 300 -38.35 -5.28 -29.63
N LYS A 301 -38.82 -4.84 -28.46
CA LYS A 301 -38.00 -4.07 -27.47
C LYS A 301 -38.29 -4.71 -26.12
N LEU A 302 -37.23 -5.12 -25.43
CA LEU A 302 -37.22 -5.72 -24.07
C LEU A 302 -37.79 -4.72 -23.09
N PRO A 303 -38.53 -5.21 -22.08
CA PRO A 303 -39.04 -4.34 -21.01
C PRO A 303 -37.92 -3.44 -20.46
N LYS A 304 -38.17 -2.15 -20.25
CA LYS A 304 -37.26 -1.33 -19.40
C LYS A 304 -36.88 -2.23 -18.22
N GLY A 305 -35.57 -2.39 -17.96
CA GLY A 305 -35.04 -3.13 -16.80
C GLY A 305 -34.39 -4.47 -17.16
N LYS A 306 -34.85 -5.14 -18.22
CA LYS A 306 -34.45 -6.52 -18.61
C LYS A 306 -33.28 -6.40 -19.58
N HIS A 307 -32.40 -7.40 -19.63
CA HIS A 307 -31.11 -7.36 -20.39
C HIS A 307 -31.00 -8.55 -21.34
N SER A 308 -31.73 -9.62 -21.04
CA SER A 308 -31.82 -10.86 -21.85
C SER A 308 -33.21 -11.50 -21.68
N VAL A 309 -33.52 -12.50 -22.51
CA VAL A 309 -34.71 -13.38 -22.37
C VAL A 309 -34.21 -14.78 -21.98
N LYS A 310 -34.94 -15.44 -21.07
CA LYS A 310 -34.70 -16.83 -20.64
C LYS A 310 -35.94 -17.68 -20.93
N GLY A 311 -35.95 -18.36 -22.08
CA GLY A 311 -36.96 -19.41 -22.36
C GLY A 311 -36.86 -20.51 -21.32
N LEU A 312 -37.87 -20.70 -20.47
CA LEU A 312 -37.90 -21.75 -19.39
C LEU A 312 -38.19 -23.14 -19.97
N GLY A 313 -37.23 -24.05 -19.89
CA GLY A 313 -37.35 -25.45 -20.34
C GLY A 313 -37.89 -26.35 -19.24
N LYS A 314 -38.35 -27.55 -19.61
CA LYS A 314 -38.78 -28.65 -18.70
C LYS A 314 -37.57 -29.16 -17.90
N THR A 315 -36.40 -29.29 -18.54
CA THR A 315 -35.16 -29.87 -17.95
C THR A 315 -34.10 -28.77 -17.84
N THR A 316 -33.35 -28.75 -16.74
CA THR A 316 -32.29 -27.75 -16.46
C THR A 316 -31.16 -28.44 -15.71
N PRO A 317 -29.87 -28.08 -15.94
CA PRO A 317 -28.76 -28.73 -15.25
C PRO A 317 -28.85 -28.53 -13.72
N ASP A 318 -28.51 -29.58 -12.95
CA ASP A 318 -28.34 -29.52 -11.48
C ASP A 318 -27.78 -28.14 -11.15
N PRO A 319 -28.59 -27.19 -10.61
CA PRO A 319 -28.09 -25.88 -10.21
C PRO A 319 -27.13 -26.03 -9.02
N SER A 320 -27.23 -27.14 -8.28
CA SER A 320 -26.24 -27.51 -7.24
C SER A 320 -24.84 -27.36 -7.84
N ALA A 321 -24.66 -27.99 -8.99
CA ALA A 321 -23.35 -28.29 -9.60
C ALA A 321 -22.75 -27.07 -10.33
N ASN A 322 -23.49 -25.95 -10.44
N ASN A 322 -23.49 -25.95 -10.44
CA ASN A 322 -23.03 -24.77 -11.21
CA ASN A 322 -23.03 -24.75 -11.19
C ASN A 322 -21.71 -24.25 -10.61
C ASN A 322 -21.71 -24.26 -10.61
N ILE A 323 -20.67 -24.16 -11.45
CA ILE A 323 -19.25 -23.86 -11.06
C ILE A 323 -18.95 -22.42 -11.52
N SER A 324 -17.89 -21.79 -11.00
CA SER A 324 -17.53 -20.36 -11.22
C SER A 324 -16.06 -20.18 -11.65
N LEU A 325 -15.90 -19.82 -12.93
CA LEU A 325 -14.68 -19.31 -13.58
C LEU A 325 -14.83 -17.80 -13.73
N ASP A 326 -14.01 -17.02 -13.01
CA ASP A 326 -13.69 -15.57 -13.27
C ASP A 326 -14.94 -14.68 -13.09
N GLY A 327 -15.86 -15.06 -12.20
CA GLY A 327 -17.18 -14.42 -12.00
C GLY A 327 -18.16 -14.72 -13.13
N VAL A 328 -18.12 -15.93 -13.69
CA VAL A 328 -19.03 -16.40 -14.78
C VAL A 328 -19.66 -17.74 -14.37
N ASP A 329 -20.99 -17.84 -14.38
CA ASP A 329 -21.77 -19.10 -14.22
C ASP A 329 -21.35 -20.08 -15.33
N VAL A 330 -20.83 -21.25 -14.94
CA VAL A 330 -20.66 -22.44 -15.84
C VAL A 330 -21.66 -23.49 -15.38
N PRO A 331 -22.85 -23.56 -15.99
CA PRO A 331 -23.88 -24.43 -15.46
C PRO A 331 -23.71 -25.86 -15.97
N LEU A 332 -22.87 -26.70 -15.36
CA LEU A 332 -22.53 -28.00 -15.99
C LEU A 332 -23.10 -29.21 -15.22
N GLY A 333 -24.03 -29.00 -14.28
CA GLY A 333 -24.83 -30.08 -13.66
C GLY A 333 -25.56 -30.92 -14.69
N THR A 334 -25.96 -32.13 -14.38
CA THR A 334 -26.69 -33.00 -15.35
C THR A 334 -28.18 -32.62 -15.35
N GLY A 335 -28.89 -33.01 -16.40
CA GLY A 335 -30.34 -32.78 -16.53
C GLY A 335 -31.10 -33.32 -15.32
N ILE A 336 -31.81 -32.43 -14.62
CA ILE A 336 -32.94 -32.76 -13.70
C ILE A 336 -34.18 -31.96 -14.14
N SER A 337 -35.31 -32.22 -13.47
CA SER A 337 -36.52 -31.40 -13.62
C SER A 337 -36.22 -29.97 -13.12
N SER A 338 -36.55 -28.97 -13.95
CA SER A 338 -36.88 -27.57 -13.55
C SER A 338 -38.18 -27.53 -12.74
N GLY A 339 -38.94 -28.63 -12.77
CA GLY A 339 -40.26 -28.73 -12.15
C GLY A 339 -41.32 -28.09 -13.02
N VAL A 340 -40.92 -27.22 -13.95
CA VAL A 340 -41.79 -26.22 -14.61
C VAL A 340 -42.62 -26.92 -15.69
N ASN A 341 -43.88 -27.20 -15.37
CA ASN A 341 -44.94 -27.57 -16.37
C ASN A 341 -45.35 -26.26 -17.04
N ASP A 342 -45.98 -26.33 -18.22
CA ASP A 342 -46.64 -25.18 -18.90
C ASP A 342 -45.57 -24.35 -19.65
N THR A 343 -44.53 -25.00 -20.17
CA THR A 343 -43.59 -24.41 -21.17
C THR A 343 -43.73 -25.18 -22.48
N SER A 344 -43.38 -24.55 -23.59
CA SER A 344 -43.35 -25.16 -24.94
C SER A 344 -41.91 -25.59 -25.28
N LEU A 345 -40.96 -25.37 -24.36
CA LEU A 345 -39.52 -25.76 -24.50
C LEU A 345 -39.24 -26.98 -23.62
N LEU A 346 -38.58 -28.00 -24.17
CA LEU A 346 -38.03 -29.15 -23.40
C LEU A 346 -36.77 -28.71 -22.63
N TYR A 347 -36.07 -27.66 -23.10
CA TYR A 347 -34.79 -27.17 -22.53
C TYR A 347 -34.72 -25.65 -22.67
N ASN A 348 -33.97 -25.00 -21.78
CA ASN A 348 -33.86 -23.52 -21.68
C ASN A 348 -33.28 -22.96 -23.00
N GLU A 349 -33.55 -21.68 -23.30
CA GLU A 349 -32.92 -20.85 -24.36
C GLU A 349 -32.61 -19.47 -23.80
N TYR A 350 -31.41 -18.95 -24.06
CA TYR A 350 -30.96 -17.59 -23.67
C TYR A 350 -30.84 -16.78 -24.93
N ILE A 351 -31.37 -15.57 -24.89
CA ILE A 351 -31.35 -14.62 -26.03
C ILE A 351 -30.94 -13.26 -25.49
N VAL A 352 -29.95 -12.64 -26.13
CA VAL A 352 -29.61 -11.20 -25.97
C VAL A 352 -29.99 -10.47 -27.27
N TYR A 353 -30.09 -9.14 -27.23
CA TYR A 353 -30.56 -8.32 -28.37
C TYR A 353 -29.54 -7.24 -28.69
N ASP A 354 -28.35 -7.36 -28.10
CA ASP A 354 -27.17 -6.46 -28.26
C ASP A 354 -25.93 -7.33 -28.49
N ILE A 355 -25.29 -7.21 -29.64
CA ILE A 355 -24.13 -8.09 -29.98
C ILE A 355 -23.04 -7.90 -28.91
N ALA A 356 -22.97 -6.72 -28.28
CA ALA A 356 -21.92 -6.40 -27.28
C ALA A 356 -22.10 -7.23 -26.00
N GLN A 357 -23.29 -7.84 -25.78
CA GLN A 357 -23.56 -8.64 -24.55
C GLN A 357 -22.88 -10.01 -24.66
N VAL A 358 -22.23 -10.34 -25.80
CA VAL A 358 -21.47 -11.61 -25.93
C VAL A 358 -19.97 -11.35 -26.04
N ASN A 359 -19.21 -12.24 -25.40
CA ASN A 359 -17.72 -12.29 -25.38
C ASN A 359 -17.28 -13.75 -25.56
N LEU A 360 -16.94 -14.17 -26.80
CA LEU A 360 -16.71 -15.58 -27.18
C LEU A 360 -15.43 -16.04 -26.49
N LYS A 361 -15.45 -17.18 -25.83
CA LYS A 361 -14.36 -17.58 -24.91
C LYS A 361 -13.60 -18.79 -25.51
N TYR A 362 -14.27 -19.90 -25.82
CA TYR A 362 -13.64 -21.07 -26.50
C TYR A 362 -14.35 -21.40 -27.82
N LEU A 363 -13.70 -22.22 -28.66
CA LEU A 363 -14.29 -22.89 -29.85
C LEU A 363 -13.95 -24.37 -29.77
N LEU A 364 -14.95 -25.26 -29.84
CA LEU A 364 -14.77 -26.73 -29.70
C LEU A 364 -14.90 -27.43 -31.06
N LYS A 365 -13.97 -28.34 -31.37
CA LYS A 365 -14.08 -29.29 -32.51
C LYS A 365 -14.63 -30.61 -31.99
N LEU A 366 -15.85 -30.98 -32.42
CA LEU A 366 -16.58 -32.19 -31.97
C LEU A 366 -16.74 -33.20 -33.12
N LYS A 367 -16.62 -34.49 -32.78
CA LYS A 367 -17.03 -35.64 -33.62
C LYS A 367 -18.45 -36.04 -33.18
N PHE A 368 -19.35 -36.25 -34.15
CA PHE A 368 -20.73 -36.77 -33.97
C PHE A 368 -20.73 -38.26 -34.35
N ASN A 369 -20.62 -39.15 -33.36
CA ASN A 369 -20.84 -40.61 -33.51
C ASN A 369 -22.36 -40.87 -33.43
N PHE A 370 -22.96 -41.46 -34.46
CA PHE A 370 -24.44 -41.57 -34.61
C PHE A 370 -24.95 -42.97 -34.23
N LYS A 371 -26.20 -43.05 -33.77
CA LYS A 371 -26.86 -44.29 -33.26
C LYS A 371 -28.10 -44.61 -34.10
N THR A 372 -28.03 -45.70 -34.88
CA THR A 372 -29.18 -46.39 -35.55
C THR A 372 -28.77 -47.84 -35.85
N LYS B 25 15.75 -34.44 24.99
CA LYS B 25 16.58 -33.18 24.94
C LYS B 25 15.67 -31.94 24.78
N LEU B 26 14.58 -32.06 24.02
CA LEU B 26 13.55 -30.99 23.79
C LEU B 26 12.79 -30.71 25.08
N PRO B 27 12.02 -29.59 25.16
CA PRO B 27 11.15 -29.32 26.31
C PRO B 27 10.00 -30.32 26.43
N LYS B 28 9.56 -30.59 27.67
CA LYS B 28 8.52 -31.61 28.03
C LYS B 28 7.28 -31.46 27.13
N PRO B 29 6.63 -30.27 27.06
CA PRO B 29 5.37 -30.14 26.33
C PRO B 29 5.47 -30.37 24.81
N VAL B 30 6.68 -30.22 24.23
CA VAL B 30 6.99 -30.49 22.80
C VAL B 30 7.19 -32.00 22.62
N GLN B 31 7.78 -32.68 23.61
CA GLN B 31 7.93 -34.15 23.61
C GLN B 31 6.55 -34.80 23.66
N ASP B 32 5.60 -34.18 24.38
CA ASP B 32 4.21 -34.68 24.55
C ASP B 32 3.45 -34.49 23.23
N LEU B 33 3.67 -33.33 22.59
CA LEU B 33 3.06 -32.94 21.29
C LEU B 33 3.36 -34.02 20.24
N ILE B 34 4.61 -34.50 20.17
CA ILE B 34 5.08 -35.50 19.14
C ILE B 34 4.48 -36.88 19.48
N LYS B 35 4.30 -37.18 20.77
CA LYS B 35 3.66 -38.44 21.27
C LYS B 35 2.14 -38.39 21.06
N MET B 36 1.58 -37.18 20.85
CA MET B 36 0.14 -36.95 20.57
C MET B 36 -0.13 -37.17 19.08
N ILE B 37 0.72 -36.62 18.21
CA ILE B 37 0.48 -36.57 16.73
C ILE B 37 1.13 -37.77 16.02
N PHE B 38 1.86 -38.64 16.71
CA PHE B 38 2.40 -39.89 16.11
C PHE B 38 1.87 -41.12 16.85
N ASP B 39 0.81 -40.95 17.67
CA ASP B 39 0.22 -42.02 18.53
C ASP B 39 -0.52 -43.04 17.66
N VAL B 40 0.12 -44.17 17.38
CA VAL B 40 -0.39 -45.28 16.52
C VAL B 40 -1.70 -45.81 17.11
N GLU B 41 -1.85 -45.72 18.44
CA GLU B 41 -3.12 -45.98 19.18
C GLU B 41 -4.28 -45.20 18.56
N SER B 42 -4.16 -43.86 18.50
CA SER B 42 -5.17 -42.93 17.93
C SER B 42 -5.59 -43.37 16.53
N MET B 43 -4.62 -43.75 15.70
CA MET B 43 -4.80 -44.08 14.26
C MET B 43 -5.69 -45.32 14.13
N LYS B 44 -5.36 -46.41 14.83
CA LYS B 44 -6.13 -47.68 14.84
C LYS B 44 -7.56 -47.40 15.32
N LYS B 45 -7.70 -46.62 16.40
CA LYS B 45 -9.00 -46.22 17.01
C LYS B 45 -9.84 -45.44 15.98
N ALA B 46 -9.20 -44.63 15.13
CA ALA B 46 -9.85 -43.75 14.13
C ALA B 46 -10.35 -44.55 12.93
N MET B 47 -9.91 -45.80 12.77
CA MET B 47 -10.31 -46.72 11.66
C MET B 47 -11.37 -47.70 12.15
N VAL B 48 -11.34 -48.08 13.43
CA VAL B 48 -12.41 -48.88 14.09
C VAL B 48 -13.69 -48.03 14.12
N GLU B 49 -13.53 -46.73 14.35
CA GLU B 49 -14.61 -45.70 14.20
C GLU B 49 -15.24 -45.80 12.81
N TYR B 50 -14.46 -45.58 11.75
CA TYR B 50 -14.92 -45.56 10.34
C TYR B 50 -15.33 -46.96 9.85
N GLU B 51 -15.31 -47.98 10.71
CA GLU B 51 -15.76 -49.37 10.42
C GLU B 51 -14.90 -49.96 9.30
N ILE B 52 -13.58 -49.72 9.34
CA ILE B 52 -12.57 -50.31 8.41
C ILE B 52 -12.12 -51.65 9.01
N ASP B 53 -11.86 -52.64 8.15
CA ASP B 53 -11.40 -54.00 8.54
C ASP B 53 -9.88 -53.97 8.72
N LEU B 54 -9.41 -53.89 9.97
CA LEU B 54 -7.96 -53.77 10.32
C LEU B 54 -7.23 -55.09 10.06
N GLN B 55 -7.98 -56.20 9.90
CA GLN B 55 -7.43 -57.53 9.56
C GLN B 55 -6.88 -57.49 8.13
N LYS B 56 -7.70 -57.02 7.18
CA LYS B 56 -7.37 -56.92 5.73
C LYS B 56 -6.55 -55.64 5.48
N MET B 57 -6.91 -54.54 6.16
CA MET B 57 -6.34 -53.17 5.93
C MET B 57 -5.74 -52.63 7.22
N PRO B 58 -4.57 -53.13 7.68
CA PRO B 58 -3.84 -52.52 8.79
C PRO B 58 -3.14 -51.22 8.38
N LEU B 59 -2.50 -50.55 9.35
CA LEU B 59 -1.80 -49.25 9.17
C LEU B 59 -0.76 -49.34 8.05
N GLY B 60 0.22 -50.23 8.20
CA GLY B 60 1.29 -50.44 7.20
C GLY B 60 0.74 -50.53 5.79
N LYS B 61 -0.34 -51.28 5.59
CA LYS B 61 -0.92 -51.65 4.26
C LYS B 61 -1.53 -50.42 3.56
N LEU B 62 -1.83 -49.34 4.30
CA LEU B 62 -2.30 -48.06 3.72
C LEU B 62 -1.21 -47.51 2.79
N SER B 63 -1.48 -47.47 1.49
CA SER B 63 -0.61 -46.89 0.44
C SER B 63 -1.32 -45.71 -0.21
N LYS B 64 -0.58 -44.85 -0.93
CA LYS B 64 -1.07 -43.56 -1.48
C LYS B 64 -1.76 -43.77 -2.84
N ARG B 65 -1.39 -44.85 -3.54
CA ARG B 65 -2.11 -45.34 -4.77
C ARG B 65 -3.60 -45.44 -4.44
N GLN B 66 -3.92 -46.12 -3.34
CA GLN B 66 -5.28 -46.59 -2.95
C GLN B 66 -6.21 -45.41 -2.65
N ILE B 67 -5.80 -44.47 -1.80
CA ILE B 67 -6.64 -43.32 -1.34
C ILE B 67 -7.01 -42.46 -2.56
N GLN B 68 -6.01 -42.02 -3.34
CA GLN B 68 -6.20 -41.38 -4.68
C GLN B 68 -7.17 -42.22 -5.52
N ALA B 69 -6.97 -43.54 -5.53
CA ALA B 69 -7.74 -44.52 -6.35
C ALA B 69 -9.11 -44.80 -5.72
N ALA B 70 -9.26 -44.56 -4.41
CA ALA B 70 -10.53 -44.71 -3.67
C ALA B 70 -11.35 -43.45 -3.91
N TYR B 71 -10.74 -42.27 -3.69
CA TYR B 71 -11.23 -40.95 -4.17
C TYR B 71 -11.77 -41.12 -5.59
N SER B 72 -10.98 -41.71 -6.47
CA SER B 72 -11.33 -42.00 -7.89
C SER B 72 -12.70 -42.70 -7.97
N ILE B 73 -12.93 -43.71 -7.11
CA ILE B 73 -14.23 -44.43 -7.02
C ILE B 73 -15.32 -43.44 -6.58
N LEU B 74 -14.96 -42.42 -5.79
CA LEU B 74 -15.87 -41.30 -5.41
C LEU B 74 -15.69 -40.11 -6.37
N SER B 75 -15.30 -40.38 -7.62
CA SER B 75 -15.62 -39.56 -8.81
C SER B 75 -16.86 -40.19 -9.46
N GLU B 76 -16.68 -41.36 -10.08
CA GLU B 76 -17.71 -42.10 -10.85
C GLU B 76 -19.00 -42.20 -10.03
N VAL B 77 -18.91 -42.57 -8.75
CA VAL B 77 -20.08 -42.73 -7.83
C VAL B 77 -20.86 -41.41 -7.80
N GLN B 78 -20.17 -40.30 -7.53
CA GLN B 78 -20.76 -38.94 -7.57
C GLN B 78 -21.15 -38.62 -9.01
N GLN B 79 -20.29 -38.92 -9.99
CA GLN B 79 -20.56 -38.75 -11.46
C GLN B 79 -21.89 -39.41 -11.84
N ALA B 80 -22.49 -40.19 -10.94
CA ALA B 80 -23.83 -40.78 -11.08
C ALA B 80 -24.57 -40.78 -9.74
N VAL B 81 -24.46 -39.66 -9.00
CA VAL B 81 -25.28 -39.32 -7.80
C VAL B 81 -26.42 -38.39 -8.24
N SER B 82 -26.20 -37.59 -9.30
CA SER B 82 -27.15 -36.58 -9.82
C SER B 82 -27.96 -37.13 -11.00
N GLN B 83 -27.35 -38.00 -11.83
CA GLN B 83 -28.06 -38.84 -12.84
C GLN B 83 -28.65 -40.06 -12.12
N GLY B 84 -28.04 -40.48 -11.02
CA GLY B 84 -28.38 -41.74 -10.32
C GLY B 84 -28.19 -42.92 -11.27
N SER B 85 -27.00 -43.51 -11.28
CA SER B 85 -26.54 -44.50 -12.29
C SER B 85 -27.57 -45.62 -12.50
N SER B 86 -28.28 -46.02 -11.44
CA SER B 86 -29.05 -47.29 -11.31
C SER B 86 -28.07 -48.43 -11.00
N ASP B 87 -28.47 -49.35 -10.12
CA ASP B 87 -27.59 -50.36 -9.48
C ASP B 87 -26.83 -51.18 -10.54
N SER B 88 -27.42 -51.38 -11.73
CA SER B 88 -26.75 -51.97 -12.93
C SER B 88 -25.35 -51.34 -13.08
N GLN B 89 -25.23 -50.02 -12.86
CA GLN B 89 -23.96 -49.25 -13.00
C GLN B 89 -23.45 -48.73 -11.64
N ILE B 90 -24.22 -48.90 -10.54
CA ILE B 90 -23.80 -48.52 -9.15
C ILE B 90 -23.11 -49.71 -8.47
N LEU B 91 -23.79 -50.86 -8.38
CA LEU B 91 -23.38 -52.04 -7.56
C LEU B 91 -21.88 -52.29 -7.74
N ASP B 92 -21.45 -52.51 -8.99
CA ASP B 92 -20.02 -52.76 -9.38
C ASP B 92 -19.13 -51.66 -8.82
N LEU B 93 -19.53 -50.40 -8.97
CA LEU B 93 -18.74 -49.21 -8.54
C LEU B 93 -18.66 -49.23 -7.01
N SER B 94 -19.81 -49.13 -6.33
CA SER B 94 -19.95 -49.26 -4.86
C SER B 94 -19.14 -50.47 -4.36
N ASN B 95 -19.17 -51.57 -5.12
CA ASN B 95 -18.35 -52.79 -4.85
C ASN B 95 -16.87 -52.43 -4.93
N ARG B 96 -16.42 -51.89 -6.07
CA ARG B 96 -14.96 -51.82 -6.41
C ARG B 96 -14.24 -50.89 -5.42
N PHE B 97 -14.99 -50.08 -4.65
CA PHE B 97 -14.46 -49.22 -3.56
C PHE B 97 -13.90 -50.06 -2.41
N TYR B 98 -14.55 -51.20 -2.14
CA TYR B 98 -14.29 -52.07 -0.96
C TYR B 98 -13.13 -53.05 -1.26
N THR B 99 -12.77 -53.23 -2.54
CA THR B 99 -11.56 -53.96 -3.00
C THR B 99 -10.30 -53.32 -2.41
N LEU B 100 -10.30 -51.98 -2.34
CA LEU B 100 -9.12 -51.15 -1.93
C LEU B 100 -9.27 -50.75 -0.46
N ILE B 101 -10.45 -50.31 -0.04
CA ILE B 101 -10.75 -49.89 1.36
C ILE B 101 -11.77 -50.83 1.96
N PRO B 102 -11.37 -52.03 2.45
CA PRO B 102 -12.29 -52.96 3.12
C PRO B 102 -12.93 -52.37 4.39
N HIS B 103 -14.11 -52.87 4.76
CA HIS B 103 -14.91 -52.41 5.93
C HIS B 103 -15.44 -53.62 6.71
N ASP B 104 -15.84 -53.40 7.97
CA ASP B 104 -16.32 -54.43 8.93
C ASP B 104 -17.71 -54.04 9.45
N PHE B 105 -18.76 -54.47 8.74
CA PHE B 105 -20.18 -54.06 8.97
C PHE B 105 -20.90 -55.12 9.81
N GLY B 106 -20.77 -55.00 11.15
CA GLY B 106 -21.43 -55.88 12.15
C GLY B 106 -21.87 -57.20 11.55
N MET B 107 -23.18 -57.35 11.30
CA MET B 107 -23.79 -58.53 10.63
C MET B 107 -24.74 -58.08 9.51
N LYS B 108 -24.82 -56.77 9.21
CA LYS B 108 -25.78 -56.19 8.22
C LYS B 108 -25.05 -55.91 6.91
N LYS B 109 -25.69 -56.26 5.77
CA LYS B 109 -25.18 -56.12 4.38
C LYS B 109 -24.53 -54.76 4.20
N PRO B 110 -23.40 -54.65 3.46
CA PRO B 110 -22.61 -53.42 3.42
C PRO B 110 -23.43 -52.23 2.91
N PRO B 111 -23.51 -51.11 3.66
CA PRO B 111 -24.14 -49.88 3.16
C PRO B 111 -23.67 -49.52 1.73
N LEU B 112 -24.56 -49.71 0.76
CA LEU B 112 -24.34 -49.46 -0.69
C LEU B 112 -24.17 -47.97 -0.93
N LEU B 113 -23.04 -47.53 -1.49
CA LEU B 113 -22.71 -46.09 -1.71
C LEU B 113 -23.57 -45.53 -2.86
N ASN B 114 -24.86 -45.28 -2.59
CA ASN B 114 -25.84 -44.73 -3.57
C ASN B 114 -26.63 -43.59 -2.92
N ASN B 115 -25.91 -42.59 -2.38
CA ASN B 115 -26.46 -41.28 -1.93
C ASN B 115 -25.29 -40.37 -1.54
N ALA B 116 -25.53 -39.05 -1.49
CA ALA B 116 -24.52 -38.00 -1.25
C ALA B 116 -24.25 -37.84 0.26
N ASP B 117 -25.14 -38.39 1.10
CA ASP B 117 -25.01 -38.44 2.58
C ASP B 117 -23.96 -39.50 2.95
N SER B 118 -23.99 -40.65 2.26
CA SER B 118 -23.01 -41.75 2.37
C SER B 118 -21.64 -41.27 1.91
N VAL B 119 -21.54 -40.79 0.68
CA VAL B 119 -20.26 -40.38 0.01
C VAL B 119 -19.63 -39.19 0.76
N GLN B 120 -20.40 -38.47 1.59
CA GLN B 120 -19.89 -37.42 2.52
C GLN B 120 -18.97 -38.08 3.56
N ALA B 121 -19.50 -39.04 4.31
CA ALA B 121 -18.79 -39.77 5.39
C ALA B 121 -17.48 -40.37 4.85
N LYS B 122 -17.54 -40.94 3.64
CA LYS B 122 -16.42 -41.61 2.94
C LYS B 122 -15.43 -40.56 2.42
N ALA B 123 -15.94 -39.40 1.99
CA ALA B 123 -15.13 -38.23 1.58
C ALA B 123 -14.26 -37.81 2.78
N GLU B 124 -14.88 -37.64 3.95
CA GLU B 124 -14.21 -37.23 5.22
C GLU B 124 -13.28 -38.35 5.70
N MET B 125 -13.61 -39.61 5.42
CA MET B 125 -12.85 -40.82 5.84
C MET B 125 -11.48 -40.81 5.14
N LEU B 126 -11.46 -40.78 3.81
CA LEU B 126 -10.22 -40.77 3.01
C LEU B 126 -9.45 -39.48 3.29
N ASP B 127 -10.16 -38.35 3.44
CA ASP B 127 -9.60 -37.04 3.85
C ASP B 127 -8.67 -37.27 5.06
N ASN B 128 -9.08 -38.13 6.01
CA ASN B 128 -8.37 -38.44 7.28
C ASN B 128 -7.30 -39.51 7.03
N LEU B 129 -7.66 -40.63 6.38
CA LEU B 129 -6.75 -41.78 6.07
C LEU B 129 -5.46 -41.27 5.43
N LEU B 130 -5.58 -40.27 4.56
CA LEU B 130 -4.47 -39.69 3.75
C LEU B 130 -3.36 -39.16 4.68
N ASP B 131 -3.73 -38.56 5.81
CA ASP B 131 -2.74 -37.95 6.76
C ASP B 131 -2.30 -38.96 7.81
N ILE B 132 -3.17 -39.93 8.14
CA ILE B 132 -2.82 -41.12 8.97
C ILE B 132 -1.73 -41.89 8.22
N GLU B 133 -1.87 -42.04 6.90
CA GLU B 133 -0.86 -42.68 6.01
C GLU B 133 0.46 -41.90 6.12
N VAL B 134 0.38 -40.56 6.08
CA VAL B 134 1.57 -39.67 6.20
C VAL B 134 2.25 -39.96 7.54
N ALA B 135 1.47 -40.05 8.63
CA ALA B 135 1.97 -40.19 10.03
C ALA B 135 2.75 -41.49 10.17
N TYR B 136 2.23 -42.59 9.60
CA TYR B 136 2.86 -43.93 9.62
C TYR B 136 4.15 -43.90 8.80
N SER B 137 4.02 -43.60 7.50
CA SER B 137 5.13 -43.58 6.52
C SER B 137 6.32 -42.76 7.04
N LEU B 138 6.06 -41.76 7.88
CA LEU B 138 7.11 -40.95 8.55
C LEU B 138 7.71 -41.73 9.72
N LEU B 139 6.85 -42.24 10.60
CA LEU B 139 7.23 -43.04 11.79
C LEU B 139 7.98 -44.29 11.35
N ARG B 140 7.49 -44.97 10.30
CA ARG B 140 7.96 -46.32 9.85
C ARG B 140 9.34 -46.19 9.19
N GLY B 141 9.52 -45.23 8.29
CA GLY B 141 10.77 -45.02 7.52
C GLY B 141 11.83 -44.26 8.31
N GLY B 142 12.88 -43.81 7.62
CA GLY B 142 14.00 -43.03 8.19
C GLY B 142 15.34 -43.47 7.62
N ILE B 151 12.18 -39.93 20.13
CA ILE B 151 11.12 -38.91 19.87
C ILE B 151 11.75 -37.59 19.39
N ASP B 152 13.07 -37.45 19.48
CA ASP B 152 13.88 -36.44 18.73
C ASP B 152 13.94 -36.87 17.25
N VAL B 153 13.77 -38.16 16.95
CA VAL B 153 13.89 -38.76 15.59
C VAL B 153 12.61 -38.45 14.80
N ASN B 154 11.45 -38.51 15.48
CA ASN B 154 10.12 -38.23 14.89
C ASN B 154 9.96 -36.71 14.72
N TYR B 155 10.60 -35.92 15.59
CA TYR B 155 10.65 -34.44 15.53
C TYR B 155 11.37 -34.01 14.24
N GLU B 156 12.50 -34.68 13.94
CA GLU B 156 13.33 -34.50 12.71
C GLU B 156 12.45 -34.55 11.47
N LYS B 157 11.56 -35.55 11.39
CA LYS B 157 10.79 -35.90 10.17
C LYS B 157 9.57 -34.99 10.02
N LEU B 158 9.23 -34.21 11.06
CA LEU B 158 8.17 -33.17 10.96
C LEU B 158 8.71 -31.96 10.19
N LYS B 159 10.04 -31.86 10.07
CA LYS B 159 10.80 -30.81 9.35
C LYS B 159 10.27 -29.44 9.77
N THR B 160 9.84 -29.31 11.03
CA THR B 160 9.23 -28.07 11.58
C THR B 160 9.98 -27.68 12.85
N ASP B 161 10.30 -26.40 13.01
CA ASP B 161 10.82 -25.85 14.28
C ASP B 161 9.64 -25.61 15.21
N ILE B 162 9.60 -26.31 16.35
CA ILE B 162 8.53 -26.19 17.39
C ILE B 162 9.15 -25.67 18.68
N LYS B 163 8.80 -24.44 19.08
CA LYS B 163 9.27 -23.74 20.30
C LYS B 163 8.07 -23.39 21.19
N VAL B 164 8.25 -23.45 22.51
CA VAL B 164 7.18 -23.18 23.52
C VAL B 164 7.10 -21.66 23.76
N VAL B 165 5.93 -21.07 23.51
CA VAL B 165 5.56 -19.70 23.99
C VAL B 165 5.13 -19.85 25.46
N ASP B 166 5.64 -18.97 26.35
CA ASP B 166 5.56 -19.13 27.82
C ASP B 166 4.36 -18.34 28.36
N ARG B 167 3.57 -18.95 29.25
CA ARG B 167 2.21 -18.49 29.67
C ARG B 167 2.21 -16.98 29.97
N ASP B 168 3.11 -16.52 30.85
CA ASP B 168 3.06 -15.17 31.46
C ASP B 168 3.40 -14.07 30.43
N SER B 169 3.98 -14.44 29.28
CA SER B 169 4.48 -13.47 28.26
C SER B 169 3.31 -12.86 27.49
N GLU B 170 3.62 -11.98 26.53
CA GLU B 170 2.68 -11.03 25.86
C GLU B 170 2.10 -11.73 24.63
N GLU B 171 2.98 -12.13 23.73
CA GLU B 171 2.78 -13.18 22.70
C GLU B 171 1.83 -14.25 23.26
N ALA B 172 2.06 -14.69 24.48
CA ALA B 172 1.14 -15.61 25.19
C ALA B 172 -0.19 -14.91 25.45
N GLU B 173 -0.17 -13.67 25.90
CA GLU B 173 -1.39 -12.98 26.40
C GLU B 173 -2.31 -12.55 25.26
N ILE B 174 -1.82 -12.20 24.05
CA ILE B 174 -2.72 -11.68 22.98
C ILE B 174 -3.32 -12.86 22.20
N ILE B 175 -2.74 -14.06 22.32
CA ILE B 175 -3.30 -15.35 21.80
C ILE B 175 -4.52 -15.74 22.66
N ARG B 176 -4.43 -15.55 23.98
CA ARG B 176 -5.51 -15.87 24.96
C ARG B 176 -6.65 -14.85 24.85
N LYS B 177 -6.35 -13.55 24.68
CA LYS B 177 -7.40 -12.54 24.37
C LYS B 177 -8.25 -13.08 23.21
N TYR B 178 -7.62 -13.49 22.11
CA TYR B 178 -8.25 -14.03 20.87
C TYR B 178 -9.11 -15.29 21.17
N VAL B 179 -8.63 -16.21 22.03
CA VAL B 179 -9.30 -17.51 22.34
C VAL B 179 -10.53 -17.27 23.23
N LYS B 180 -10.38 -16.58 24.35
CA LYS B 180 -11.51 -16.22 25.24
C LYS B 180 -12.48 -15.28 24.50
N ASN B 181 -11.98 -14.26 23.77
CA ASN B 181 -12.80 -13.12 23.29
C ASN B 181 -13.68 -13.54 22.11
N THR B 182 -13.16 -14.31 21.15
CA THR B 182 -13.92 -14.69 19.92
C THR B 182 -14.45 -16.12 20.06
N HIS B 183 -14.87 -16.52 21.27
CA HIS B 183 -15.75 -17.68 21.51
C HIS B 183 -17.18 -17.25 21.17
N ALA B 184 -17.81 -17.99 20.25
CA ALA B 184 -19.18 -17.79 19.72
C ALA B 184 -20.20 -18.54 20.58
N THR B 185 -21.40 -17.98 20.75
CA THR B 185 -22.41 -18.46 21.73
C THR B 185 -23.28 -19.58 21.12
N THR B 186 -23.30 -19.71 19.78
CA THR B 186 -23.88 -20.88 19.04
C THR B 186 -23.09 -22.14 19.42
N HIS B 187 -21.79 -21.99 19.71
CA HIS B 187 -20.87 -23.09 20.10
C HIS B 187 -20.81 -23.14 21.64
N ASN B 188 -21.87 -23.68 22.25
CA ASN B 188 -22.11 -23.72 23.72
C ASN B 188 -21.98 -25.16 24.25
N ALA B 189 -21.39 -26.06 23.46
CA ALA B 189 -21.15 -27.48 23.81
C ALA B 189 -19.91 -27.60 24.70
N TYR B 190 -19.01 -26.61 24.69
CA TYR B 190 -17.74 -26.63 25.47
C TYR B 190 -17.25 -25.21 25.82
N ASP B 191 -16.58 -25.13 26.98
CA ASP B 191 -15.64 -24.05 27.39
C ASP B 191 -14.28 -24.39 26.79
N LEU B 192 -13.48 -23.37 26.44
CA LEU B 192 -12.18 -23.54 25.72
C LEU B 192 -11.03 -23.27 26.69
N GLU B 193 -10.16 -24.26 26.90
CA GLU B 193 -9.00 -24.20 27.81
C GLU B 193 -7.69 -24.33 27.00
N VAL B 194 -6.82 -23.33 27.09
CA VAL B 194 -5.47 -23.29 26.48
C VAL B 194 -4.52 -24.08 27.38
N ILE B 195 -3.86 -25.10 26.86
CA ILE B 195 -2.86 -25.89 27.65
C ILE B 195 -1.46 -25.36 27.32
N ASP B 196 -1.00 -25.60 26.09
CA ASP B 196 0.36 -25.22 25.60
C ASP B 196 0.18 -24.30 24.40
N ILE B 197 1.04 -23.29 24.28
CA ILE B 197 1.12 -22.38 23.10
C ILE B 197 2.52 -22.53 22.48
N PHE B 198 2.59 -23.15 21.30
CA PHE B 198 3.84 -23.40 20.54
C PHE B 198 3.97 -22.37 19.42
N LYS B 199 5.21 -21.98 19.13
CA LYS B 199 5.59 -21.21 17.92
C LYS B 199 6.12 -22.20 16.89
N ILE B 200 5.72 -22.06 15.62
CA ILE B 200 6.06 -23.03 14.52
C ILE B 200 6.59 -22.29 13.29
N GLU B 201 7.72 -22.77 12.78
CA GLU B 201 8.29 -22.45 11.43
C GLU B 201 8.55 -23.78 10.69
N ARG B 202 7.67 -24.12 9.74
CA ARG B 202 7.87 -25.28 8.82
C ARG B 202 8.99 -24.95 7.84
N GLU B 203 9.95 -25.87 7.63
CA GLU B 203 10.97 -25.78 6.55
C GLU B 203 10.27 -25.37 5.25
N GLY B 204 10.78 -24.32 4.60
CA GLY B 204 10.49 -23.99 3.19
C GLY B 204 9.33 -23.01 3.05
N GLU B 205 8.59 -22.74 4.12
CA GLU B 205 7.32 -21.95 4.03
C GLU B 205 7.67 -20.46 3.89
N CYS B 206 8.57 -19.96 4.74
CA CYS B 206 9.14 -18.60 4.68
C CYS B 206 9.44 -18.21 3.22
N GLN B 207 10.21 -19.02 2.48
CA GLN B 207 10.54 -18.79 1.04
C GLN B 207 9.28 -18.80 0.16
N ARG B 208 8.47 -19.84 0.30
CA ARG B 208 7.19 -20.03 -0.42
C ARG B 208 6.29 -18.80 -0.24
N TYR B 209 6.33 -18.19 0.96
CA TYR B 209 5.43 -17.09 1.43
C TYR B 209 6.02 -15.69 1.13
N LYS B 210 7.31 -15.54 0.81
CA LYS B 210 7.91 -14.19 0.51
C LYS B 210 7.02 -13.49 -0.52
N PRO B 211 6.60 -14.18 -1.60
CA PRO B 211 5.82 -13.52 -2.64
C PRO B 211 4.55 -12.87 -2.08
N PHE B 212 3.94 -13.42 -1.04
CA PHE B 212 2.63 -12.94 -0.50
C PHE B 212 2.82 -12.10 0.77
N LYS B 213 4.04 -12.05 1.32
CA LYS B 213 4.36 -11.29 2.58
C LYS B 213 4.21 -9.80 2.33
N GLN B 214 4.20 -9.37 1.06
CA GLN B 214 4.11 -7.96 0.61
C GLN B 214 2.67 -7.64 0.17
N LEU B 215 1.79 -8.65 0.12
CA LEU B 215 0.35 -8.49 -0.21
C LEU B 215 -0.34 -7.84 1.00
N HIS B 216 -1.33 -6.98 0.76
CA HIS B 216 -2.17 -6.28 1.78
C HIS B 216 -3.19 -7.25 2.39
N ASN B 217 -3.78 -6.86 3.52
CA ASN B 217 -4.86 -7.61 4.23
C ASN B 217 -4.33 -9.01 4.55
N ARG B 218 -3.49 -9.10 5.58
CA ARG B 218 -2.89 -10.35 6.10
C ARG B 218 -3.45 -10.59 7.50
N ARG B 219 -4.02 -11.77 7.77
CA ARG B 219 -4.71 -12.08 9.04
C ARG B 219 -4.14 -13.32 9.72
N LEU B 220 -3.92 -13.23 11.03
CA LEU B 220 -3.73 -14.40 11.90
C LEU B 220 -5.12 -14.96 12.19
N LEU B 221 -5.49 -16.04 11.47
CA LEU B 221 -6.80 -16.72 11.51
C LEU B 221 -6.66 -18.15 12.05
N TRP B 222 -7.78 -18.78 12.48
CA TRP B 222 -7.85 -20.12 13.14
C TRP B 222 -7.99 -21.24 12.10
N HIS B 223 -7.32 -22.39 12.31
CA HIS B 223 -7.51 -23.62 11.48
C HIS B 223 -7.46 -24.89 12.34
N GLY B 224 -8.61 -25.47 12.64
CA GLY B 224 -8.76 -26.74 13.39
C GLY B 224 -8.75 -27.98 12.49
N SER B 225 -8.33 -29.12 13.05
CA SER B 225 -8.20 -30.45 12.39
C SER B 225 -8.04 -31.57 13.44
N ARG B 226 -8.34 -32.82 13.04
CA ARG B 226 -8.08 -34.04 13.86
C ARG B 226 -6.56 -34.17 14.11
N THR B 227 -6.16 -34.59 15.31
CA THR B 227 -4.73 -34.60 15.76
C THR B 227 -3.98 -35.69 14.96
N THR B 228 -4.70 -36.67 14.39
CA THR B 228 -4.19 -37.71 13.47
C THR B 228 -3.72 -37.04 12.16
N ASN B 229 -4.28 -35.88 11.79
CA ASN B 229 -3.92 -35.12 10.56
C ASN B 229 -2.63 -34.29 10.73
N PHE B 230 -2.23 -34.00 11.97
CA PHE B 230 -1.26 -32.92 12.29
C PHE B 230 0.15 -33.36 11.91
N ALA B 231 0.40 -34.67 11.91
CA ALA B 231 1.60 -35.29 11.30
C ALA B 231 1.71 -34.81 9.86
N GLY B 232 0.61 -34.87 9.11
CA GLY B 232 0.55 -34.44 7.69
C GLY B 232 0.71 -32.94 7.55
N ILE B 233 -0.03 -32.19 8.37
CA ILE B 233 -0.04 -30.70 8.36
C ILE B 233 1.39 -30.19 8.58
N LEU B 234 1.98 -30.44 9.75
CA LEU B 234 3.35 -29.95 10.11
C LEU B 234 4.37 -30.36 9.03
N SER B 235 4.30 -31.59 8.52
CA SER B 235 5.27 -32.13 7.54
C SER B 235 5.02 -31.53 6.15
N GLN B 236 3.76 -31.39 5.71
CA GLN B 236 3.43 -31.07 4.28
C GLN B 236 2.77 -29.70 4.13
N GLY B 237 2.39 -29.04 5.22
CA GLY B 237 1.63 -27.78 5.18
C GLY B 237 0.16 -28.08 5.00
N LEU B 238 -0.71 -27.07 5.03
CA LEU B 238 -2.16 -27.20 4.70
C LEU B 238 -2.28 -27.31 3.19
N ARG B 239 -2.87 -28.41 2.70
CA ARG B 239 -3.06 -28.64 1.25
C ARG B 239 -4.52 -28.35 0.87
N ILE B 240 -4.78 -28.16 -0.42
CA ILE B 240 -6.14 -28.07 -1.04
C ILE B 240 -6.57 -29.50 -1.41
N ALA B 241 -7.87 -29.79 -1.46
CA ALA B 241 -8.36 -31.16 -1.75
C ALA B 241 -7.84 -31.61 -3.11
N PRO B 242 -7.47 -32.90 -3.27
CA PRO B 242 -7.02 -33.41 -4.57
C PRO B 242 -8.13 -33.23 -5.60
N PRO B 243 -7.82 -33.20 -6.92
CA PRO B 243 -8.85 -33.04 -7.96
C PRO B 243 -9.76 -34.27 -8.11
N GLU B 244 -9.28 -35.45 -7.67
CA GLU B 244 -10.05 -36.73 -7.69
C GLU B 244 -11.25 -36.63 -6.74
N ALA B 245 -11.20 -35.76 -5.73
CA ALA B 245 -12.19 -35.62 -4.64
C ALA B 245 -13.51 -35.03 -5.14
N PRO B 246 -14.67 -35.49 -4.63
CA PRO B 246 -15.99 -34.95 -5.02
C PRO B 246 -16.33 -33.45 -5.03
N VAL B 247 -17.29 -33.16 -5.91
CA VAL B 247 -18.17 -31.95 -5.96
C VAL B 247 -18.91 -31.80 -4.63
N THR B 248 -19.07 -30.55 -4.17
CA THR B 248 -20.01 -30.03 -3.11
C THR B 248 -19.69 -30.66 -1.75
N GLY B 249 -20.37 -30.15 -0.72
CA GLY B 249 -19.90 -30.13 0.67
C GLY B 249 -18.91 -29.00 0.86
N TYR B 250 -18.05 -28.81 -0.15
CA TYR B 250 -17.14 -27.66 -0.32
C TYR B 250 -17.96 -26.40 -0.64
N MET B 251 -18.36 -25.66 0.39
CA MET B 251 -19.17 -24.43 0.23
C MET B 251 -18.52 -23.49 -0.79
N PHE B 252 -17.31 -23.00 -0.55
CA PHE B 252 -16.59 -22.05 -1.44
C PHE B 252 -15.47 -22.76 -2.18
N GLY B 253 -15.75 -23.98 -2.67
CA GLY B 253 -14.84 -24.83 -3.47
C GLY B 253 -13.67 -25.43 -2.69
N LYS B 254 -12.77 -26.09 -3.42
CA LYS B 254 -11.53 -26.68 -2.85
C LYS B 254 -10.51 -25.56 -2.62
N GLY B 255 -10.38 -25.11 -1.37
CA GLY B 255 -9.36 -24.14 -0.92
C GLY B 255 -8.98 -24.45 0.51
N ILE B 256 -8.07 -23.69 1.12
CA ILE B 256 -7.69 -23.78 2.56
C ILE B 256 -8.59 -22.79 3.32
N TYR B 257 -9.40 -23.31 4.25
CA TYR B 257 -10.50 -22.57 4.95
C TYR B 257 -10.05 -22.16 6.34
N PHE B 258 -10.23 -20.89 6.70
CA PHE B 258 -9.89 -20.29 8.01
C PHE B 258 -11.15 -19.63 8.59
N ALA B 259 -11.18 -19.41 9.90
CA ALA B 259 -12.21 -18.61 10.60
C ALA B 259 -11.52 -17.54 11.44
N ASP B 260 -12.32 -16.61 11.97
CA ASP B 260 -11.85 -15.53 12.88
C ASP B 260 -12.42 -15.75 14.29
N MET B 261 -13.39 -16.66 14.46
CA MET B 261 -13.84 -17.09 15.80
C MET B 261 -13.24 -18.48 16.03
N VAL B 262 -12.60 -18.71 17.17
CA VAL B 262 -11.84 -19.96 17.45
C VAL B 262 -12.81 -21.18 17.41
N SER B 263 -14.04 -21.01 17.90
CA SER B 263 -15.08 -22.08 18.01
C SER B 263 -15.29 -22.77 16.67
N LYS B 264 -15.37 -21.98 15.59
CA LYS B 264 -15.70 -22.49 14.24
C LYS B 264 -14.58 -23.44 13.80
N SER B 265 -13.33 -23.07 14.06
CA SER B 265 -12.14 -23.91 13.76
C SER B 265 -12.04 -25.00 14.84
N ALA B 266 -12.33 -24.66 16.09
CA ALA B 266 -12.33 -25.61 17.21
C ALA B 266 -13.16 -26.86 16.86
N ASN B 267 -14.29 -26.67 16.15
CA ASN B 267 -15.27 -27.74 15.85
C ASN B 267 -14.68 -28.79 14.89
N TYR B 268 -13.71 -28.43 14.05
CA TYR B 268 -13.10 -29.39 13.10
C TYR B 268 -11.92 -30.14 13.75
N CYS B 269 -11.71 -29.96 15.05
CA CYS B 269 -10.87 -30.85 15.88
C CYS B 269 -11.58 -32.18 16.10
N HIS B 270 -12.92 -32.19 15.97
CA HIS B 270 -13.80 -33.37 16.25
C HIS B 270 -13.25 -34.12 17.47
N THR B 271 -13.35 -33.48 18.63
CA THR B 271 -12.91 -34.02 19.94
C THR B 271 -14.18 -34.41 20.72
N SER B 272 -14.20 -35.62 21.28
CA SER B 272 -15.20 -36.13 22.24
C SER B 272 -14.62 -35.97 23.65
N GLN B 273 -15.38 -36.27 24.70
CA GLN B 273 -14.89 -36.17 26.11
C GLN B 273 -14.07 -37.41 26.45
N GLY B 274 -14.15 -38.45 25.61
CA GLY B 274 -13.20 -39.58 25.63
C GLY B 274 -11.77 -39.08 25.42
N ASP B 275 -11.58 -38.21 24.42
CA ASP B 275 -10.29 -37.54 24.10
C ASP B 275 -10.52 -36.03 24.07
N PRO B 276 -10.48 -35.36 25.26
CA PRO B 276 -10.86 -33.95 25.35
C PRO B 276 -9.74 -32.93 25.07
N ILE B 277 -8.70 -33.33 24.32
CA ILE B 277 -7.52 -32.48 23.97
C ILE B 277 -7.46 -32.34 22.44
N GLY B 278 -7.53 -31.10 21.96
CA GLY B 278 -7.50 -30.74 20.52
C GLY B 278 -6.25 -29.96 20.16
N LEU B 279 -6.00 -29.81 18.86
CA LEU B 279 -4.94 -28.95 18.26
C LEU B 279 -5.60 -28.01 17.24
N ILE B 280 -5.39 -26.70 17.41
CA ILE B 280 -5.89 -25.64 16.48
C ILE B 280 -4.71 -24.75 16.11
N LEU B 281 -4.62 -24.38 14.85
CA LEU B 281 -3.49 -23.54 14.37
C LEU B 281 -3.90 -22.07 14.51
N LEU B 282 -2.92 -21.17 14.53
CA LEU B 282 -3.06 -19.79 13.99
C LEU B 282 -2.23 -19.68 12.71
N GLY B 283 -2.81 -19.10 11.67
CA GLY B 283 -2.10 -18.79 10.42
C GLY B 283 -2.10 -17.30 10.12
N GLU B 284 -0.98 -16.80 9.63
CA GLU B 284 -0.94 -15.61 8.77
C GLU B 284 -1.39 -16.07 7.38
N VAL B 285 -2.53 -15.56 6.90
CA VAL B 285 -2.97 -15.84 5.51
C VAL B 285 -3.11 -14.48 4.85
N ALA B 286 -2.48 -14.32 3.68
CA ALA B 286 -2.39 -13.07 2.90
C ALA B 286 -3.59 -13.02 1.95
N LEU B 287 -4.61 -12.27 2.36
CA LEU B 287 -5.98 -12.36 1.78
C LEU B 287 -6.13 -11.37 0.65
N GLY B 288 -5.33 -10.28 0.65
CA GLY B 288 -5.43 -9.26 -0.41
C GLY B 288 -6.87 -8.83 -0.60
N ASN B 289 -7.26 -8.54 -1.84
CA ASN B 289 -8.66 -8.36 -2.28
C ASN B 289 -9.48 -9.65 -2.05
N MET B 290 -10.28 -9.66 -0.98
CA MET B 290 -11.21 -10.76 -0.58
C MET B 290 -12.45 -10.68 -1.46
N TYR B 291 -12.81 -11.75 -2.17
CA TYR B 291 -14.06 -11.87 -2.95
C TYR B 291 -15.16 -12.23 -1.94
N GLU B 292 -16.12 -11.32 -1.73
CA GLU B 292 -17.06 -11.28 -0.57
C GLU B 292 -18.42 -11.84 -1.00
N LEU B 293 -18.66 -13.13 -0.77
CA LEU B 293 -19.90 -13.87 -1.12
C LEU B 293 -20.64 -14.21 0.17
N LYS B 294 -21.95 -14.42 0.09
CA LYS B 294 -22.82 -14.65 1.27
C LYS B 294 -23.63 -15.94 1.10
N HIS B 295 -23.35 -16.70 0.03
CA HIS B 295 -23.88 -18.05 -0.25
C HIS B 295 -22.85 -18.85 -1.09
N ALA B 296 -23.05 -20.16 -1.18
CA ALA B 296 -22.11 -21.10 -1.83
C ALA B 296 -21.95 -20.75 -3.31
N SER B 297 -20.71 -20.53 -3.73
CA SER B 297 -20.20 -20.73 -5.10
C SER B 297 -19.05 -21.76 -5.04
N HIS B 298 -19.07 -22.80 -5.87
CA HIS B 298 -17.95 -23.76 -5.96
C HIS B 298 -16.87 -23.07 -6.79
N ILE B 299 -16.34 -21.97 -6.26
CA ILE B 299 -15.31 -21.11 -6.92
C ILE B 299 -14.21 -21.97 -7.55
N SER B 300 -14.11 -22.07 -8.89
CA SER B 300 -13.12 -22.94 -9.60
C SER B 300 -11.85 -22.15 -9.98
N LYS B 301 -12.01 -20.94 -10.52
CA LYS B 301 -10.94 -19.94 -10.71
C LYS B 301 -11.54 -18.62 -10.24
N LEU B 302 -10.80 -17.96 -9.34
CA LEU B 302 -11.12 -16.66 -8.72
C LEU B 302 -11.16 -15.59 -9.80
N PRO B 303 -12.03 -14.60 -9.65
CA PRO B 303 -12.02 -13.42 -10.53
C PRO B 303 -10.61 -12.86 -10.71
N LYS B 304 -10.18 -12.56 -11.95
CA LYS B 304 -8.98 -11.70 -12.14
C LYS B 304 -9.08 -10.60 -11.07
N GLY B 305 -8.03 -10.42 -10.26
CA GLY B 305 -7.92 -9.33 -9.27
C GLY B 305 -8.05 -9.79 -7.82
N LYS B 306 -8.79 -10.87 -7.55
CA LYS B 306 -9.10 -11.36 -6.18
C LYS B 306 -8.03 -12.35 -5.77
N HIS B 307 -7.77 -12.50 -4.47
CA HIS B 307 -6.64 -13.31 -3.91
C HIS B 307 -7.16 -14.34 -2.91
N SER B 308 -8.33 -14.09 -2.34
CA SER B 308 -9.02 -14.98 -1.37
C SER B 308 -10.55 -14.80 -1.50
N VAL B 309 -11.32 -15.70 -0.87
CA VAL B 309 -12.80 -15.57 -0.69
C VAL B 309 -13.06 -15.27 0.80
N LYS B 310 -14.02 -14.38 1.07
CA LYS B 310 -14.54 -14.05 2.42
C LYS B 310 -16.04 -14.36 2.50
N GLY B 311 -16.40 -15.56 2.98
CA GLY B 311 -17.78 -15.86 3.37
C GLY B 311 -18.26 -14.90 4.44
N LEU B 312 -19.24 -14.03 4.16
CA LEU B 312 -19.77 -13.02 5.13
C LEU B 312 -20.71 -13.67 6.14
N GLY B 313 -20.33 -13.68 7.42
CA GLY B 313 -21.15 -14.21 8.54
C GLY B 313 -22.08 -13.16 9.11
N LYS B 314 -23.06 -13.59 9.89
CA LYS B 314 -23.98 -12.75 10.70
C LYS B 314 -23.19 -12.01 11.80
N THR B 315 -22.25 -12.71 12.45
CA THR B 315 -21.46 -12.21 13.61
C THR B 315 -20.00 -12.07 13.20
N THR B 316 -19.36 -10.99 13.63
CA THR B 316 -17.94 -10.67 13.31
C THR B 316 -17.31 -10.01 14.53
N PRO B 317 -16.02 -10.26 14.86
CA PRO B 317 -15.39 -9.66 16.03
C PRO B 317 -15.39 -8.12 15.93
N ASP B 318 -15.62 -7.43 17.05
CA ASP B 318 -15.46 -5.96 17.19
C ASP B 318 -14.28 -5.57 16.32
N PRO B 319 -14.49 -4.94 15.12
CA PRO B 319 -13.39 -4.47 14.29
C PRO B 319 -12.64 -3.34 15.00
N SER B 320 -13.29 -2.67 15.95
CA SER B 320 -12.63 -1.68 16.84
C SER B 320 -11.36 -2.32 17.39
N ALA B 321 -11.52 -3.52 17.94
CA ALA B 321 -10.55 -4.19 18.83
C ALA B 321 -9.43 -4.87 18.04
N ASN B 322 -9.48 -4.89 16.70
CA ASN B 322 -8.48 -5.61 15.87
CA ASN B 322 -8.48 -5.61 15.86
C ASN B 322 -7.09 -5.01 16.14
N ILE B 323 -6.12 -5.87 16.54
CA ILE B 323 -4.75 -5.49 16.99
C ILE B 323 -3.78 -5.86 15.86
N SER B 324 -2.56 -5.32 15.86
CA SER B 324 -1.52 -5.48 14.80
C SER B 324 -0.16 -5.96 15.34
N LEU B 325 0.15 -7.23 15.03
CA LEU B 325 1.47 -7.89 15.16
C LEU B 325 2.12 -7.94 13.79
N ASP B 326 3.24 -7.21 13.60
CA ASP B 326 4.25 -7.39 12.50
C ASP B 326 3.61 -7.10 11.13
N GLY B 327 2.62 -6.20 11.06
CA GLY B 327 1.81 -5.90 9.85
C GLY B 327 0.82 -7.02 9.52
N VAL B 328 0.24 -7.67 10.54
CA VAL B 328 -0.79 -8.74 10.40
C VAL B 328 -2.00 -8.38 11.25
N ASP B 329 -3.20 -8.37 10.66
CA ASP B 329 -4.51 -8.26 11.37
C ASP B 329 -4.64 -9.44 12.34
N VAL B 330 -4.77 -9.15 13.63
CA VAL B 330 -5.23 -10.13 14.68
C VAL B 330 -6.62 -9.72 15.12
N PRO B 331 -7.67 -10.29 14.53
CA PRO B 331 -9.01 -9.79 14.78
C PRO B 331 -9.59 -10.38 16.05
N LEU B 332 -9.28 -9.85 17.24
CA LEU B 332 -9.66 -10.58 18.49
C LEU B 332 -10.75 -9.87 19.29
N GLY B 333 -11.45 -8.87 18.71
CA GLY B 333 -12.69 -8.29 19.27
C GLY B 333 -13.73 -9.36 19.55
N THR B 334 -14.68 -9.11 20.43
CA THR B 334 -15.74 -10.12 20.74
C THR B 334 -16.84 -10.04 19.67
N GLY B 335 -17.64 -11.09 19.55
CA GLY B 335 -18.79 -11.14 18.63
C GLY B 335 -19.71 -9.95 18.82
N ILE B 336 -19.88 -9.18 17.73
CA ILE B 336 -21.03 -8.24 17.53
C ILE B 336 -21.70 -8.56 16.19
N SER B 337 -22.80 -7.89 15.90
CA SER B 337 -23.45 -7.92 14.57
C SER B 337 -22.47 -7.34 13.53
N SER B 338 -22.25 -8.09 12.43
CA SER B 338 -21.82 -7.59 11.11
C SER B 338 -22.92 -6.72 10.49
N GLY B 339 -24.14 -6.81 11.03
CA GLY B 339 -25.34 -6.15 10.51
C GLY B 339 -25.92 -6.91 9.34
N VAL B 340 -25.11 -7.78 8.73
CA VAL B 340 -25.36 -8.34 7.38
C VAL B 340 -26.40 -9.45 7.48
N ASN B 341 -27.65 -9.13 7.13
CA ASN B 341 -28.73 -10.10 6.86
C ASN B 341 -28.44 -10.71 5.47
N ASP B 342 -29.04 -11.85 5.14
CA ASP B 342 -29.06 -12.46 3.79
C ASP B 342 -27.75 -13.21 3.52
N THR B 343 -27.16 -13.79 4.57
CA THR B 343 -26.04 -14.76 4.45
C THR B 343 -26.54 -16.13 4.96
N SER B 344 -25.91 -17.20 4.51
CA SER B 344 -26.18 -18.60 4.96
C SER B 344 -25.15 -18.99 6.03
N LEU B 345 -24.23 -18.09 6.38
CA LEU B 345 -23.17 -18.30 7.40
C LEU B 345 -23.53 -17.51 8.67
N LEU B 346 -23.47 -18.16 9.83
CA LEU B 346 -23.57 -17.50 11.16
C LEU B 346 -22.27 -16.74 11.47
N TYR B 347 -21.13 -17.16 10.86
CA TYR B 347 -19.79 -16.61 11.12
C TYR B 347 -18.96 -16.64 9.84
N ASN B 348 -17.98 -15.72 9.73
CA ASN B 348 -17.14 -15.55 8.52
C ASN B 348 -16.36 -16.85 8.24
N GLU B 349 -15.96 -17.04 6.97
CA GLU B 349 -15.00 -18.08 6.47
C GLU B 349 -14.05 -17.42 5.48
N TYR B 350 -12.74 -17.71 5.62
CA TYR B 350 -11.67 -17.25 4.71
C TYR B 350 -11.16 -18.48 3.97
N ILE B 351 -11.01 -18.35 2.66
CA ILE B 351 -10.50 -19.41 1.78
C ILE B 351 -9.47 -18.81 0.86
N VAL B 352 -8.31 -19.44 0.77
CA VAL B 352 -7.28 -19.20 -0.28
C VAL B 352 -7.23 -20.44 -1.20
N TYR B 353 -6.65 -20.31 -2.39
CA TYR B 353 -6.64 -21.36 -3.44
C TYR B 353 -5.21 -21.62 -3.90
N ASP B 354 -4.24 -21.11 -3.14
CA ASP B 354 -2.77 -21.22 -3.33
C ASP B 354 -2.15 -21.54 -1.97
N ILE B 355 -1.53 -22.71 -1.83
CA ILE B 355 -0.98 -23.15 -0.52
C ILE B 355 0.03 -22.10 -0.04
N ALA B 356 0.69 -21.39 -0.96
CA ALA B 356 1.76 -20.42 -0.63
C ALA B 356 1.18 -19.19 0.09
N GLN B 357 -0.14 -18.96 0.03
CA GLN B 357 -0.79 -17.78 0.67
C GLN B 357 -0.91 -18.03 2.19
N VAL B 358 -0.51 -19.20 2.70
CA VAL B 358 -0.49 -19.45 4.17
C VAL B 358 0.95 -19.59 4.68
N ASN B 359 1.17 -19.04 5.88
CA ASN B 359 2.42 -19.10 6.67
C ASN B 359 2.07 -19.39 8.14
N LEU B 360 2.14 -20.66 8.57
CA LEU B 360 1.62 -21.14 9.87
C LEU B 360 2.49 -20.54 10.95
N LYS B 361 1.90 -19.96 11.98
CA LYS B 361 2.64 -19.10 12.95
C LYS B 361 2.72 -19.80 14.31
N TYR B 362 1.58 -20.15 14.91
CA TYR B 362 1.51 -20.94 16.17
C TYR B 362 0.74 -22.25 16.00
N LEU B 363 0.90 -23.16 16.96
CA LEU B 363 0.07 -24.38 17.15
C LEU B 363 -0.37 -24.40 18.60
N LEU B 364 -1.68 -24.49 18.85
CA LEU B 364 -2.26 -24.45 20.22
C LEU B 364 -2.71 -25.86 20.65
N LYS B 365 -2.36 -26.25 21.88
CA LYS B 365 -2.94 -27.44 22.57
C LYS B 365 -4.09 -26.98 23.48
N LEU B 366 -5.32 -27.39 23.15
CA LEU B 366 -6.56 -27.00 23.86
C LEU B 366 -7.20 -28.20 24.57
N LYS B 367 -7.73 -27.95 25.76
CA LYS B 367 -8.68 -28.85 26.49
C LYS B 367 -10.10 -28.40 26.15
N PHE B 368 -10.97 -29.35 25.80
CA PHE B 368 -12.43 -29.15 25.57
C PHE B 368 -13.19 -29.62 26.82
N ASN B 369 -13.54 -28.70 27.72
CA ASN B 369 -14.47 -28.95 28.86
C ASN B 369 -15.90 -28.84 28.32
N PHE B 370 -16.72 -29.88 28.45
CA PHE B 370 -18.05 -29.98 27.79
C PHE B 370 -19.19 -29.68 28.78
N LYS B 371 -20.34 -29.21 28.24
CA LYS B 371 -21.57 -28.84 29.00
C LYS B 371 -22.73 -29.72 28.55
N THR B 372 -23.20 -30.61 29.44
CA THR B 372 -24.48 -31.38 29.35
C THR B 372 -24.90 -31.82 30.77
N LYS C 25 19.45 29.38 46.47
CA LYS C 25 20.79 29.26 45.80
C LYS C 25 20.59 29.18 44.27
N LEU C 26 19.59 28.43 43.79
CA LEU C 26 19.26 28.24 42.34
C LEU C 26 18.76 29.54 41.73
N PRO C 27 18.69 29.67 40.39
CA PRO C 27 18.11 30.85 39.75
C PRO C 27 16.59 30.96 39.98
N LYS C 28 16.08 32.19 40.04
CA LYS C 28 14.66 32.52 40.38
C LYS C 28 13.70 31.68 39.54
N PRO C 29 13.76 31.69 38.19
CA PRO C 29 12.76 31.00 37.37
C PRO C 29 12.74 29.47 37.53
N VAL C 30 13.83 28.86 38.02
CA VAL C 30 13.95 27.41 38.35
C VAL C 30 13.33 27.16 39.72
N GLN C 31 13.46 28.11 40.65
CA GLN C 31 12.79 28.05 41.98
C GLN C 31 11.27 28.09 41.79
N ASP C 32 10.81 28.86 40.80
CA ASP C 32 9.35 29.05 40.49
C ASP C 32 8.83 27.76 39.85
N LEU C 33 9.63 27.17 38.97
CA LEU C 33 9.33 25.90 38.25
C LEU C 33 9.01 24.79 39.27
N ILE C 34 9.81 24.67 40.34
CA ILE C 34 9.68 23.61 41.38
C ILE C 34 8.45 23.90 42.25
N LYS C 35 8.11 25.18 42.46
CA LYS C 35 6.91 25.62 43.21
C LYS C 35 5.65 25.44 42.35
N MET C 36 5.81 25.31 41.04
CA MET C 36 4.71 25.06 40.06
C MET C 36 4.39 23.57 40.03
N ILE C 37 5.40 22.70 39.96
CA ILE C 37 5.25 21.24 39.72
C ILE C 37 5.17 20.45 41.03
N PHE C 38 5.31 21.07 42.20
CA PHE C 38 5.11 20.40 43.51
C PHE C 38 3.99 21.09 44.31
N ASP C 39 3.16 21.93 43.66
CA ASP C 39 2.11 22.77 44.30
C ASP C 39 0.94 21.87 44.75
N VAL C 40 0.91 21.53 46.05
CA VAL C 40 -0.10 20.63 46.68
C VAL C 40 -1.50 21.23 46.50
N GLU C 41 -1.60 22.56 46.41
CA GLU C 41 -2.82 23.31 46.00
C GLU C 41 -3.40 22.73 44.69
N SER C 42 -2.60 22.72 43.62
CA SER C 42 -2.97 22.22 42.26
C SER C 42 -3.54 20.81 42.36
N MET C 43 -2.90 19.95 43.16
CA MET C 43 -3.21 18.50 43.28
C MET C 43 -4.62 18.33 43.87
N LYS C 44 -4.91 18.97 45.00
CA LYS C 44 -6.24 18.94 45.68
C LYS C 44 -7.32 19.46 44.72
N LYS C 45 -7.04 20.57 44.03
CA LYS C 45 -7.95 21.20 43.04
C LYS C 45 -8.24 20.24 41.89
N ALA C 46 -7.27 19.42 41.50
CA ALA C 46 -7.34 18.48 40.35
C ALA C 46 -8.18 17.25 40.71
N MET C 47 -8.44 17.01 42.00
CA MET C 47 -9.25 15.86 42.51
C MET C 47 -10.69 16.32 42.82
N VAL C 48 -10.86 17.58 43.24
CA VAL C 48 -12.21 18.22 43.40
C VAL C 48 -12.85 18.29 42.01
N GLU C 49 -12.04 18.59 40.98
CA GLU C 49 -12.43 18.51 39.54
C GLU C 49 -12.99 17.13 39.23
N TYR C 50 -12.18 16.07 39.40
CA TYR C 50 -12.55 14.67 39.06
C TYR C 50 -13.61 14.10 40.02
N GLU C 51 -14.14 14.91 40.94
CA GLU C 51 -15.25 14.54 41.86
C GLU C 51 -14.81 13.38 42.76
N ILE C 52 -13.55 13.41 43.25
CA ILE C 52 -12.99 12.43 44.22
C ILE C 52 -13.32 12.91 45.63
N ASP C 53 -13.60 11.98 46.56
CA ASP C 53 -13.95 12.26 47.97
C ASP C 53 -12.65 12.41 48.78
N LEU C 54 -12.23 13.65 49.04
CA LEU C 54 -10.94 13.98 49.71
C LEU C 54 -11.00 13.63 51.21
N GLN C 55 -12.21 13.40 51.75
CA GLN C 55 -12.43 12.95 53.15
C GLN C 55 -11.91 11.52 53.29
N LYS C 56 -12.35 10.63 52.41
CA LYS C 56 -11.98 9.19 52.40
C LYS C 56 -10.60 9.01 51.72
N MET C 57 -10.35 9.77 50.65
CA MET C 57 -9.16 9.62 49.76
C MET C 57 -8.39 10.94 49.67
N PRO C 58 -7.66 11.35 50.74
CA PRO C 58 -6.74 12.49 50.67
C PRO C 58 -5.46 12.15 49.88
N LEU C 59 -4.58 13.16 49.70
CA LEU C 59 -3.32 13.05 48.92
C LEU C 59 -2.46 11.92 49.47
N GLY C 60 -2.06 11.99 50.74
CA GLY C 60 -1.25 10.96 51.42
C GLY C 60 -1.73 9.56 51.12
N LYS C 61 -3.04 9.33 51.20
CA LYS C 61 -3.70 8.00 51.14
C LYS C 61 -3.58 7.38 49.74
N LEU C 62 -3.31 8.19 48.70
CA LEU C 62 -3.04 7.69 47.32
C LEU C 62 -1.81 6.78 47.35
N SER C 63 -2.02 5.48 47.09
CA SER C 63 -0.95 4.45 47.01
C SER C 63 -0.93 3.88 45.58
N LYS C 64 0.15 3.20 45.19
CA LYS C 64 0.42 2.74 43.81
C LYS C 64 -0.25 1.38 43.55
N ARG C 65 -0.49 0.61 44.61
CA ARG C 65 -1.33 -0.63 44.57
C ARG C 65 -2.66 -0.28 43.90
N GLN C 66 -3.31 0.78 44.39
CA GLN C 66 -4.72 1.16 44.11
C GLN C 66 -4.91 1.55 42.64
N ILE C 67 -4.07 2.46 42.10
CA ILE C 67 -4.20 3.00 40.72
C ILE C 67 -4.05 1.84 39.71
N GLN C 68 -2.96 1.05 39.82
CA GLN C 68 -2.76 -0.24 39.10
C GLN C 68 -4.02 -1.10 39.25
N ALA C 69 -4.54 -1.20 40.47
CA ALA C 69 -5.68 -2.06 40.85
C ALA C 69 -7.01 -1.43 40.42
N ALA C 70 -7.04 -0.11 40.22
CA ALA C 70 -8.20 0.65 39.71
C ALA C 70 -8.24 0.49 38.20
N TYR C 71 -7.12 0.78 37.54
CA TYR C 71 -6.82 0.39 36.14
C TYR C 71 -7.36 -1.03 35.89
N SER C 72 -6.98 -1.96 36.77
CA SER C 72 -7.40 -3.39 36.74
C SER C 72 -8.94 -3.48 36.63
N ILE C 73 -9.67 -2.68 37.40
CA ILE C 73 -11.17 -2.61 37.35
C ILE C 73 -11.59 -2.09 35.96
N LEU C 74 -10.75 -1.26 35.32
CA LEU C 74 -10.94 -0.79 33.92
C LEU C 74 -10.15 -1.68 32.95
N SER C 75 -9.93 -2.95 33.32
CA SER C 75 -9.78 -4.09 32.37
C SER C 75 -11.16 -4.74 32.23
N GLU C 76 -11.62 -5.42 33.28
CA GLU C 76 -12.89 -6.21 33.32
C GLU C 76 -14.05 -5.37 32.77
N VAL C 77 -14.17 -4.11 33.22
CA VAL C 77 -15.25 -3.16 32.80
C VAL C 77 -15.22 -3.05 31.27
N GLN C 78 -14.05 -2.73 30.71
CA GLN C 78 -13.83 -2.67 29.24
C GLN C 78 -13.99 -4.08 28.67
N GLN C 79 -13.40 -5.10 29.31
CA GLN C 79 -13.53 -6.55 28.93
C GLN C 79 -15.01 -6.93 28.76
N ALA C 80 -15.93 -6.07 29.18
CA ALA C 80 -17.39 -6.21 28.98
C ALA C 80 -18.01 -4.85 28.68
N VAL C 81 -17.35 -4.06 27.83
CA VAL C 81 -17.89 -2.82 27.20
C VAL C 81 -18.37 -3.15 25.78
N SER C 82 -17.77 -4.16 25.13
CA SER C 82 -18.07 -4.58 23.74
C SER C 82 -19.05 -5.76 23.71
N GLN C 83 -18.94 -6.68 24.67
CA GLN C 83 -19.94 -7.73 24.97
C GLN C 83 -21.08 -7.11 25.79
N GLY C 84 -20.81 -6.05 26.54
CA GLY C 84 -21.76 -5.43 27.48
C GLY C 84 -22.20 -6.43 28.52
N SER C 85 -21.49 -6.50 29.65
CA SER C 85 -21.60 -7.57 30.68
C SER C 85 -23.07 -7.84 31.08
N SER C 86 -23.90 -6.79 31.12
CA SER C 86 -25.22 -6.74 31.80
C SER C 86 -24.97 -6.51 33.30
N ASP C 87 -25.81 -5.68 33.94
CA ASP C 87 -25.59 -5.13 35.30
C ASP C 87 -25.36 -6.25 36.32
N SER C 88 -25.95 -7.43 36.11
CA SER C 88 -25.66 -8.68 36.88
C SER C 88 -24.14 -8.82 37.06
N GLN C 89 -23.35 -8.51 36.03
CA GLN C 89 -21.87 -8.64 36.03
C GLN C 89 -21.19 -7.25 35.93
N ILE C 90 -21.95 -6.15 35.74
CA ILE C 90 -21.41 -4.75 35.72
C ILE C 90 -21.46 -4.16 37.14
N LEU C 91 -22.64 -4.13 37.78
CA LEU C 91 -22.91 -3.40 39.05
C LEU C 91 -21.75 -3.65 40.04
N ASP C 92 -21.48 -4.91 40.37
CA ASP C 92 -20.39 -5.34 41.28
C ASP C 92 -19.06 -4.72 40.85
N LEU C 93 -18.75 -4.78 39.55
CA LEU C 93 -17.48 -4.28 38.96
C LEU C 93 -17.43 -2.76 39.13
N SER C 94 -18.38 -2.06 38.50
CA SER C 94 -18.59 -0.59 38.64
C SER C 94 -18.53 -0.19 40.12
N ASN C 95 -19.10 -1.02 41.00
CA ASN C 95 -19.04 -0.86 42.48
C ASN C 95 -17.58 -0.95 42.93
N ARG C 96 -16.89 -2.06 42.62
CA ARG C 96 -15.61 -2.42 43.29
C ARG C 96 -14.53 -1.40 42.91
N PHE C 97 -14.75 -0.56 41.90
CA PHE C 97 -13.87 0.57 41.51
C PHE C 97 -13.85 1.65 42.60
N TYR C 98 -15.00 1.87 43.25
CA TYR C 98 -15.24 2.98 44.21
C TYR C 98 -14.75 2.60 45.62
N THR C 99 -14.51 1.30 45.87
CA THR C 99 -13.85 0.76 47.10
C THR C 99 -12.45 1.38 47.24
N LEU C 100 -11.75 1.54 46.10
CA LEU C 100 -10.33 1.97 46.03
C LEU C 100 -10.27 3.47 45.70
N ILE C 101 -11.06 3.94 44.74
CA ILE C 101 -11.11 5.37 44.32
C ILE C 101 -12.49 5.93 44.64
N PRO C 102 -12.78 6.33 45.90
CA PRO C 102 -14.05 6.95 46.26
C PRO C 102 -14.32 8.28 45.52
N HIS C 103 -15.60 8.64 45.35
CA HIS C 103 -16.05 9.85 44.62
C HIS C 103 -17.14 10.57 45.42
N ASP C 104 -17.39 11.86 45.10
CA ASP C 104 -18.34 12.77 45.79
C ASP C 104 -19.34 13.32 44.77
N PHE C 105 -20.46 12.61 44.57
CA PHE C 105 -21.47 12.87 43.52
C PHE C 105 -22.65 13.64 44.13
N GLY C 106 -22.53 14.97 44.17
CA GLY C 106 -23.57 15.90 44.69
C GLY C 106 -24.54 15.20 45.63
N MET C 107 -25.76 14.92 45.16
CA MET C 107 -26.79 14.13 45.89
C MET C 107 -27.40 13.05 44.97
N LYS C 108 -26.86 12.87 43.74
CA LYS C 108 -27.39 11.96 42.69
C LYS C 108 -26.56 10.67 42.66
N LYS C 109 -27.25 9.52 42.50
CA LYS C 109 -26.69 8.14 42.47
C LYS C 109 -25.42 8.12 41.62
N PRO C 110 -24.37 7.36 42.03
CA PRO C 110 -23.08 7.41 41.34
C PRO C 110 -23.20 7.02 39.86
N PRO C 111 -22.71 7.85 38.92
CA PRO C 111 -22.59 7.45 37.51
C PRO C 111 -21.99 6.05 37.36
N LEU C 112 -22.84 5.08 36.97
CA LEU C 112 -22.51 3.65 36.79
C LEU C 112 -21.57 3.49 35.58
N LEU C 113 -20.38 2.93 35.78
CA LEU C 113 -19.34 2.81 34.71
C LEU C 113 -19.75 1.72 33.70
N ASN C 114 -20.73 2.03 32.83
CA ASN C 114 -21.26 1.11 31.80
C ASN C 114 -21.35 1.84 30.45
N ASN C 115 -20.23 2.42 30.01
CA ASN C 115 -20.02 2.96 28.63
C ASN C 115 -18.56 3.37 28.49
N ALA C 116 -18.08 3.50 27.24
CA ALA C 116 -16.66 3.78 26.89
C ALA C 116 -16.36 5.29 26.98
N ASP C 117 -17.41 6.11 27.05
CA ASP C 117 -17.34 7.58 27.25
C ASP C 117 -17.00 7.87 28.72
N SER C 118 -17.62 7.11 29.63
CA SER C 118 -17.36 7.12 31.10
C SER C 118 -15.93 6.66 31.37
N VAL C 119 -15.58 5.45 30.93
CA VAL C 119 -14.27 4.77 31.21
C VAL C 119 -13.13 5.58 30.57
N GLN C 120 -13.42 6.46 29.61
CA GLN C 120 -12.44 7.43 29.04
C GLN C 120 -12.00 8.41 30.12
N ALA C 121 -12.96 9.12 30.72
CA ALA C 121 -12.75 10.15 31.77
C ALA C 121 -11.94 9.54 32.93
N LYS C 122 -12.27 8.31 33.31
CA LYS C 122 -11.65 7.55 34.43
C LYS C 122 -10.26 7.07 34.01
N ALA C 123 -10.08 6.72 32.73
CA ALA C 123 -8.77 6.37 32.14
C ALA C 123 -7.83 7.56 32.29
N GLU C 124 -8.29 8.75 31.89
CA GLU C 124 -7.53 10.03 31.96
C GLU C 124 -7.31 10.42 33.43
N MET C 125 -8.25 10.08 34.31
CA MET C 125 -8.24 10.42 35.76
C MET C 125 -7.06 9.71 36.44
N LEU C 126 -7.01 8.38 36.34
CA LEU C 126 -5.92 7.55 36.94
C LEU C 126 -4.61 7.89 36.25
N ASP C 127 -4.63 8.12 34.94
CA ASP C 127 -3.46 8.59 34.14
C ASP C 127 -2.82 9.77 34.88
N ASN C 128 -3.62 10.68 35.45
CA ASN C 128 -3.19 11.91 36.16
C ASN C 128 -2.83 11.59 37.62
N LEU C 129 -3.72 10.88 38.35
CA LEU C 129 -3.55 10.51 39.78
C LEU C 129 -2.18 9.86 40.00
N LEU C 130 -1.75 9.04 39.04
CA LEU C 130 -0.50 8.24 39.10
C LEU C 130 0.71 9.17 39.28
N ASP C 131 0.72 10.33 38.63
CA ASP C 131 1.87 11.28 38.69
C ASP C 131 1.70 12.29 39.82
N ILE C 132 0.46 12.60 40.19
CA ILE C 132 0.12 13.36 41.44
C ILE C 132 0.64 12.56 42.63
N GLU C 133 0.45 11.23 42.61
CA GLU C 133 0.98 10.29 43.65
C GLU C 133 2.50 10.40 43.68
N VAL C 134 3.15 10.45 42.50
CA VAL C 134 4.62 10.58 42.38
C VAL C 134 5.04 11.88 43.05
N ALA C 135 4.34 12.99 42.76
CA ALA C 135 4.67 14.36 43.21
C ALA C 135 4.64 14.43 44.75
N TYR C 136 3.64 13.81 45.38
CA TYR C 136 3.46 13.76 46.85
C TYR C 136 4.58 12.91 47.45
N SER C 137 4.62 11.63 47.07
CA SER C 137 5.58 10.62 47.59
C SER C 137 7.02 11.16 47.53
N LEU C 138 7.34 12.05 46.58
CA LEU C 138 8.65 12.73 46.48
C LEU C 138 8.74 13.85 47.52
N LEU C 139 7.73 14.72 47.56
CA LEU C 139 7.63 15.86 48.49
C LEU C 139 7.62 15.34 49.93
N ARG C 140 6.85 14.27 50.19
CA ARG C 140 6.55 13.75 51.56
C ARG C 140 7.78 13.06 52.14
N GLY C 141 8.45 12.19 51.36
CA GLY C 141 9.62 11.40 51.80
C GLY C 141 10.92 12.19 51.76
N GLY C 142 12.05 11.49 51.90
CA GLY C 142 13.41 12.05 51.88
C GLY C 142 14.31 11.40 52.92
N ILE C 151 13.42 24.22 48.95
CA ILE C 151 13.04 24.04 47.51
C ILE C 151 14.26 23.60 46.69
N ASP C 152 15.46 23.66 47.28
CA ASP C 152 16.69 22.95 46.80
C ASP C 152 16.53 21.45 47.09
N VAL C 153 15.70 21.08 48.09
CA VAL C 153 15.48 19.70 48.58
C VAL C 153 14.58 18.94 47.60
N ASN C 154 13.57 19.64 47.07
CA ASN C 154 12.58 19.11 46.09
C ASN C 154 13.25 19.01 44.72
N TYR C 155 14.20 19.90 44.43
CA TYR C 155 15.04 19.91 43.20
C TYR C 155 15.88 18.63 43.14
N GLU C 156 16.48 18.27 44.29
CA GLU C 156 17.31 17.04 44.50
C GLU C 156 16.54 15.80 44.02
N LYS C 157 15.26 15.70 44.40
CA LYS C 157 14.42 14.48 44.22
C LYS C 157 13.86 14.40 42.80
N LEU C 158 13.99 15.48 42.01
CA LEU C 158 13.63 15.45 40.57
C LEU C 158 14.74 14.72 39.79
N LYS C 159 15.93 14.59 40.40
CA LYS C 159 17.12 13.87 39.88
C LYS C 159 17.39 14.35 38.45
N THR C 160 17.11 15.62 38.18
CA THR C 160 17.25 16.24 36.83
C THR C 160 18.07 17.53 36.97
N ASP C 161 19.03 17.73 36.07
CA ASP C 161 19.76 19.01 35.95
C ASP C 161 18.84 19.99 35.17
N ILE C 162 18.45 21.09 35.81
CA ILE C 162 17.59 22.15 35.21
C ILE C 162 18.40 23.46 35.17
N LYS C 163 18.73 23.92 33.96
CA LYS C 163 19.49 25.17 33.69
C LYS C 163 18.65 26.10 32.82
N VAL C 164 18.74 27.42 33.05
CA VAL C 164 17.97 28.46 32.31
C VAL C 164 18.70 28.80 31.02
N VAL C 165 18.04 28.60 29.87
CA VAL C 165 18.45 29.17 28.54
C VAL C 165 18.00 30.64 28.52
N ASP C 166 18.88 31.55 28.09
CA ASP C 166 18.73 33.02 28.27
C ASP C 166 18.13 33.62 26.99
N ARG C 167 17.14 34.51 27.16
CA ARG C 167 16.21 35.01 26.10
C ARG C 167 16.99 35.38 24.84
N ASP C 168 17.99 36.25 24.96
CA ASP C 168 18.65 36.95 23.81
C ASP C 168 19.52 35.96 22.99
N SER C 169 19.80 34.77 23.52
CA SER C 169 20.74 33.79 22.90
C SER C 169 20.05 33.09 21.72
N GLU C 170 20.79 32.18 21.05
CA GLU C 170 20.49 31.60 19.72
C GLU C 170 19.64 30.34 19.95
N GLU C 171 20.21 29.38 20.69
CA GLU C 171 19.50 28.31 21.43
C GLU C 171 18.12 28.82 21.88
N ALA C 172 18.07 30.02 22.45
CA ALA C 172 16.81 30.69 22.81
C ALA C 172 16.03 31.01 21.53
N GLU C 173 16.69 31.54 20.50
CA GLU C 173 15.99 32.10 19.32
C GLU C 173 15.44 30.99 18.40
N ILE C 174 16.05 29.82 18.29
CA ILE C 174 15.56 28.79 17.29
C ILE C 174 14.44 27.95 17.94
N ILE C 175 14.31 28.00 19.28
CA ILE C 175 13.18 27.40 20.05
C ILE C 175 11.93 28.27 19.81
N ARG C 176 12.09 29.60 19.79
CA ARG C 176 10.99 30.59 19.57
C ARG C 176 10.55 30.56 18.10
N LYS C 177 11.46 30.47 17.14
CA LYS C 177 11.09 30.27 15.71
C LYS C 177 10.11 29.10 15.65
N TYR C 178 10.45 27.95 16.25
CA TYR C 178 9.63 26.70 16.28
C TYR C 178 8.24 26.94 16.94
N VAL C 179 8.16 27.73 18.03
CA VAL C 179 6.91 27.97 18.81
C VAL C 179 5.98 28.90 18.02
N LYS C 180 6.46 30.07 17.60
CA LYS C 180 5.68 31.01 16.76
C LYS C 180 5.35 30.36 15.41
N ASN C 181 6.30 29.68 14.76
CA ASN C 181 6.20 29.29 13.32
C ASN C 181 5.24 28.11 13.13
N THR C 182 5.27 27.10 13.99
CA THR C 182 4.44 25.87 13.84
C THR C 182 3.24 25.94 14.78
N HIS C 183 2.68 27.15 14.99
CA HIS C 183 1.31 27.34 15.52
C HIS C 183 0.32 27.06 14.38
N ALA C 184 -0.60 26.12 14.64
CA ALA C 184 -1.64 25.62 13.72
C ALA C 184 -2.92 26.45 13.89
N THR C 185 -3.66 26.67 12.79
CA THR C 185 -4.78 27.65 12.72
C THR C 185 -6.10 27.02 13.19
N THR C 186 -6.19 25.69 13.22
CA THR C 186 -7.29 24.91 13.86
C THR C 186 -7.26 25.20 15.37
N HIS C 187 -6.09 25.47 15.94
CA HIS C 187 -5.88 25.79 17.38
C HIS C 187 -5.85 27.33 17.53
N ASN C 188 -7.05 27.92 17.47
CA ASN C 188 -7.29 29.39 17.44
C ASN C 188 -7.94 29.85 18.76
N ALA C 189 -7.92 29.00 19.80
CA ALA C 189 -8.45 29.30 21.15
C ALA C 189 -7.44 30.12 21.95
N TYR C 190 -6.15 30.12 21.57
CA TYR C 190 -5.07 30.84 22.29
C TYR C 190 -3.92 31.25 21.36
N ASP C 191 -3.29 32.39 21.72
CA ASP C 191 -1.93 32.81 21.29
C ASP C 191 -0.94 32.18 22.26
N LEU C 192 0.27 31.87 21.80
CA LEU C 192 1.29 31.12 22.58
C LEU C 192 2.41 32.06 23.00
N GLU C 193 2.63 32.20 24.31
CA GLU C 193 3.66 33.07 24.92
C GLU C 193 4.70 32.21 25.66
N VAL C 194 5.96 32.34 25.26
CA VAL C 194 7.15 31.70 25.92
C VAL C 194 7.52 32.56 27.13
N ILE C 195 7.55 31.98 28.33
CA ILE C 195 7.98 32.71 29.56
C ILE C 195 9.45 32.37 29.82
N ASP C 196 9.72 31.11 30.18
CA ASP C 196 11.08 30.62 30.54
C ASP C 196 11.44 29.48 29.59
N ILE C 197 12.69 29.40 29.18
CA ILE C 197 13.26 28.26 28.40
C ILE C 197 14.37 27.61 29.24
N PHE C 198 14.11 26.40 29.73
CA PHE C 198 15.05 25.58 30.56
C PHE C 198 15.72 24.51 29.69
N LYS C 199 16.97 24.19 30.00
CA LYS C 199 17.70 23.01 29.47
C LYS C 199 17.63 21.91 30.52
N ILE C 200 17.39 20.66 30.11
CA ILE C 200 17.16 19.51 31.05
C ILE C 200 18.03 18.30 30.63
N GLU C 201 18.74 17.74 31.63
CA GLU C 201 19.40 16.41 31.58
C GLU C 201 18.93 15.59 32.80
N ARG C 202 18.01 14.64 32.56
CA ARG C 202 17.57 13.66 33.58
C ARG C 202 18.69 12.66 33.83
N GLU C 203 19.02 12.37 35.11
CA GLU C 203 19.93 11.26 35.49
C GLU C 203 19.61 10.02 34.64
N GLY C 204 20.64 9.48 34.00
CA GLY C 204 20.66 8.11 33.42
C GLY C 204 20.17 8.05 31.99
N GLU C 205 19.64 9.15 31.43
CA GLU C 205 18.95 9.12 30.12
C GLU C 205 20.00 9.04 28.99
N CYS C 206 21.04 9.88 29.05
CA CYS C 206 22.20 9.87 28.14
C CYS C 206 22.64 8.42 27.89
N GLN C 207 22.91 7.62 28.94
CA GLN C 207 23.31 6.17 28.83
C GLN C 207 22.21 5.33 28.18
N ARG C 208 20.98 5.46 28.67
CA ARG C 208 19.78 4.76 28.16
C ARG C 208 19.64 5.02 26.65
N TYR C 209 19.96 6.24 26.19
CA TYR C 209 19.75 6.76 24.80
C TYR C 209 20.96 6.50 23.89
N LYS C 210 22.16 6.15 24.39
CA LYS C 210 23.36 5.91 23.53
C LYS C 210 22.98 4.93 22.42
N PRO C 211 22.25 3.83 22.75
CA PRO C 211 21.92 2.85 21.73
C PRO C 211 21.18 3.47 20.55
N PHE C 212 20.38 4.51 20.75
CA PHE C 212 19.51 5.10 19.69
C PHE C 212 20.11 6.39 19.15
N LYS C 213 21.18 6.91 19.76
CA LYS C 213 21.86 8.18 19.34
C LYS C 213 22.51 7.99 17.97
N GLN C 214 22.69 6.73 17.53
CA GLN C 214 23.33 6.36 16.25
C GLN C 214 22.27 6.00 15.21
N LEU C 215 21.01 5.91 15.63
CA LEU C 215 19.85 5.66 14.72
C LEU C 215 19.60 6.91 13.88
N HIS C 216 19.22 6.73 12.61
CA HIS C 216 18.86 7.81 11.64
C HIS C 216 17.48 8.41 11.98
N ASN C 217 17.20 9.59 11.42
CA ASN C 217 15.87 10.28 11.53
C ASN C 217 15.58 10.51 13.02
N ARG C 218 16.25 11.51 13.60
CA ARG C 218 16.15 11.95 15.01
C ARG C 218 15.56 13.36 15.02
N ARG C 219 14.46 13.58 15.75
CA ARG C 219 13.69 14.85 15.73
C ARG C 219 13.55 15.45 17.12
N LEU C 220 13.78 16.76 17.22
CA LEU C 220 13.34 17.57 18.37
C LEU C 220 11.86 17.87 18.16
N LEU C 221 10.99 17.11 18.84
CA LEU C 221 9.51 17.14 18.74
C LEU C 221 8.89 17.61 20.07
N TRP C 222 7.61 18.04 20.05
CA TRP C 222 6.86 18.62 21.20
C TRP C 222 6.16 17.53 22.00
N HIS C 223 6.13 17.65 23.33
CA HIS C 223 5.33 16.76 24.24
C HIS C 223 4.73 17.56 25.40
N GLY C 224 3.42 17.85 25.31
CA GLY C 224 2.64 18.54 26.36
C GLY C 224 2.00 17.57 27.35
N SER C 225 1.75 18.05 28.57
CA SER C 225 1.17 17.31 29.72
C SER C 225 0.72 18.29 30.83
N ARG C 226 -0.18 17.84 31.70
CA ARG C 226 -0.63 18.59 32.90
C ARG C 226 0.59 18.83 33.81
N THR C 227 0.70 20.01 34.45
CA THR C 227 1.90 20.44 35.22
C THR C 227 2.00 19.58 36.50
N THR C 228 0.87 19.01 36.93
CA THR C 228 0.77 18.03 38.04
C THR C 228 1.53 16.74 37.67
N ASN C 229 1.67 16.42 36.37
CA ASN C 229 2.38 15.21 35.86
C ASN C 229 3.91 15.40 35.82
N PHE C 230 4.40 16.65 35.85
CA PHE C 230 5.79 17.00 35.45
C PHE C 230 6.75 16.56 36.56
N ALA C 231 6.28 16.51 37.80
CA ALA C 231 6.98 15.84 38.93
C ALA C 231 7.33 14.41 38.50
N GLY C 232 6.36 13.68 37.94
CA GLY C 232 6.55 12.30 37.47
C GLY C 232 7.47 12.22 36.27
N ILE C 233 7.23 13.09 35.27
CA ILE C 233 8.01 13.14 34.00
C ILE C 233 9.50 13.36 34.32
N LEU C 234 9.86 14.49 34.92
CA LEU C 234 11.27 14.85 35.23
C LEU C 234 11.93 13.72 36.06
N SER C 235 11.22 13.15 37.04
CA SER C 235 11.77 12.11 37.94
C SER C 235 11.88 10.77 37.22
N GLN C 236 10.88 10.36 36.42
CA GLN C 236 10.78 8.97 35.91
C GLN C 236 10.92 8.89 34.38
N GLY C 237 10.94 10.03 33.69
CA GLY C 237 10.96 10.07 32.21
C GLY C 237 9.54 9.91 31.68
N LEU C 238 9.32 9.99 30.36
CA LEU C 238 8.03 9.69 29.71
C LEU C 238 7.87 8.17 29.67
N ARG C 239 6.79 7.65 30.27
CA ARG C 239 6.51 6.20 30.29
C ARG C 239 5.43 5.88 29.26
N ILE C 240 5.31 4.59 28.88
CA ILE C 240 4.20 4.03 28.05
C ILE C 240 3.08 3.61 29.00
N ALA C 241 1.83 3.58 28.56
CA ALA C 241 0.67 3.22 29.43
C ALA C 241 0.89 1.84 30.02
N PRO C 242 0.52 1.61 31.30
CA PRO C 242 0.66 0.28 31.90
C PRO C 242 -0.16 -0.73 31.10
N PRO C 243 0.13 -2.05 31.18
CA PRO C 243 -0.63 -3.06 30.45
C PRO C 243 -2.06 -3.26 31.01
N GLU C 244 -2.28 -2.89 32.28
CA GLU C 244 -3.60 -2.95 32.96
C GLU C 244 -4.59 -1.98 32.30
N ALA C 245 -4.09 -0.93 31.65
CA ALA C 245 -4.87 0.21 31.09
C ALA C 245 -5.67 -0.22 29.87
N PRO C 246 -6.90 0.30 29.67
CA PRO C 246 -7.74 -0.01 28.51
C PRO C 246 -7.25 0.06 27.05
N VAL C 247 -7.92 -0.77 26.24
CA VAL C 247 -8.02 -0.74 24.75
C VAL C 247 -8.58 0.63 24.32
N THR C 248 -8.04 1.17 23.21
CA THR C 248 -8.57 2.30 22.37
C THR C 248 -8.65 3.60 23.17
N GLY C 249 -8.96 4.69 22.45
CA GLY C 249 -8.49 6.06 22.76
C GLY C 249 -7.08 6.22 22.28
N TYR C 250 -6.26 5.18 22.50
CA TYR C 250 -4.89 4.99 21.97
C TYR C 250 -4.97 4.76 20.45
N MET C 251 -4.92 5.83 19.65
CA MET C 251 -5.00 5.75 18.19
C MET C 251 -3.95 4.76 17.67
N PHE C 252 -2.66 5.01 17.89
CA PHE C 252 -1.56 4.14 17.38
C PHE C 252 -0.96 3.33 18.51
N GLY C 253 -1.82 2.79 19.40
CA GLY C 253 -1.48 1.90 20.52
C GLY C 253 -0.76 2.60 21.68
N LYS C 254 -0.35 1.80 22.67
CA LYS C 254 0.38 2.30 23.86
C LYS C 254 1.84 2.60 23.48
N GLY C 255 2.15 3.87 23.26
CA GLY C 255 3.52 4.36 22.98
C GLY C 255 3.66 5.76 23.53
N ILE C 256 4.83 6.40 23.38
CA ILE C 256 5.08 7.83 23.74
C ILE C 256 4.83 8.66 22.49
N TYR C 257 3.86 9.58 22.57
CA TYR C 257 3.31 10.36 21.42
C TYR C 257 3.92 11.75 21.39
N PHE C 258 4.42 12.19 20.22
CA PHE C 258 5.03 13.52 19.97
C PHE C 258 4.31 14.16 18.78
N ALA C 259 4.40 15.49 18.65
CA ALA C 259 3.93 16.25 17.47
C ALA C 259 5.05 17.14 16.97
N ASP C 260 4.86 17.74 15.80
CA ASP C 260 5.81 18.69 15.18
C ASP C 260 5.20 20.11 15.16
N MET C 261 3.90 20.26 15.44
CA MET C 261 3.29 21.58 15.67
C MET C 261 3.08 21.72 17.17
N VAL C 262 3.50 22.84 17.76
CA VAL C 262 3.49 23.03 19.24
C VAL C 262 2.04 22.94 19.76
N SER C 263 1.06 23.48 19.01
CA SER C 263 -0.38 23.58 19.39
C SER C 263 -0.90 22.19 19.79
N LYS C 264 -0.57 21.16 19.00
CA LYS C 264 -1.09 19.80 19.19
C LYS C 264 -0.63 19.28 20.56
N SER C 265 0.63 19.53 20.91
CA SER C 265 1.20 19.16 22.23
C SER C 265 0.72 20.17 23.27
N ALA C 266 0.64 21.44 22.90
CA ALA C 266 0.14 22.52 23.78
C ALA C 266 -1.22 22.13 24.37
N ASN C 267 -2.08 21.46 23.60
CA ASN C 267 -3.47 21.12 23.98
C ASN C 267 -3.51 20.07 25.09
N TYR C 268 -2.48 19.23 25.25
CA TYR C 268 -2.44 18.19 26.32
C TYR C 268 -1.85 18.77 27.61
N CYS C 269 -1.58 20.08 27.65
CA CYS C 269 -1.34 20.84 28.90
C CYS C 269 -2.66 21.00 29.67
N HIS C 270 -3.80 20.91 28.97
CA HIS C 270 -5.17 21.15 29.51
C HIS C 270 -5.10 22.32 30.49
N THR C 271 -4.84 23.53 29.97
CA THR C 271 -4.77 24.79 30.75
C THR C 271 -6.05 25.59 30.46
N SER C 272 -6.71 26.08 31.53
CA SER C 272 -7.83 27.05 31.48
C SER C 272 -7.27 28.45 31.74
N GLN C 273 -8.08 29.51 31.67
CA GLN C 273 -7.59 30.89 31.95
C GLN C 273 -7.57 31.14 33.46
N GLY C 274 -8.17 30.23 34.23
CA GLY C 274 -7.95 30.12 35.69
C GLY C 274 -6.48 29.91 36.00
N ASP C 275 -5.84 28.98 35.29
CA ASP C 275 -4.39 28.67 35.37
C ASP C 275 -3.81 28.76 33.96
N PRO C 276 -3.44 29.98 33.49
CA PRO C 276 -3.03 30.18 32.10
C PRO C 276 -1.53 29.95 31.80
N ILE C 277 -0.84 29.13 32.62
CA ILE C 277 0.60 28.79 32.48
C ILE C 277 0.73 27.28 32.30
N GLY C 278 1.32 26.85 31.18
CA GLY C 278 1.53 25.43 30.82
C GLY C 278 3.01 25.08 30.76
N LEU C 279 3.31 23.78 30.69
CA LEU C 279 4.66 23.20 30.49
C LEU C 279 4.61 22.24 29.30
N ILE C 280 5.49 22.46 28.32
CA ILE C 280 5.63 21.60 27.11
C ILE C 280 7.11 21.25 26.96
N LEU C 281 7.40 20.01 26.61
CA LEU C 281 8.80 19.56 26.46
C LEU C 281 9.21 19.78 25.01
N LEU C 282 10.52 19.83 24.76
CA LEU C 282 11.12 19.39 23.47
C LEU C 282 11.89 18.07 23.72
N GLY C 283 11.68 17.08 22.85
CA GLY C 283 12.42 15.83 22.87
C GLY C 283 13.22 15.61 21.59
N GLU C 284 14.42 15.09 21.73
CA GLU C 284 15.08 14.30 20.68
C GLU C 284 14.45 12.90 20.75
N VAL C 285 13.76 12.48 19.70
CA VAL C 285 13.23 11.10 19.62
C VAL C 285 13.82 10.50 18.34
N ALA C 286 14.41 9.31 18.46
CA ALA C 286 15.15 8.59 17.40
C ALA C 286 14.15 7.69 16.68
N LEU C 287 13.68 8.14 15.52
CA LEU C 287 12.46 7.60 14.86
C LEU C 287 12.86 6.52 13.86
N GLY C 288 14.08 6.56 13.35
CA GLY C 288 14.54 5.56 12.37
C GLY C 288 13.52 5.45 11.24
N ASN C 289 13.33 4.25 10.71
CA ASN C 289 12.23 3.86 9.78
C ASN C 289 10.88 4.04 10.48
N MET C 290 10.19 5.14 10.15
CA MET C 290 8.83 5.50 10.63
C MET C 290 7.80 4.67 9.85
N TYR C 291 6.95 3.92 10.53
CA TYR C 291 5.82 3.17 9.92
C TYR C 291 4.69 4.19 9.72
N GLU C 292 4.33 4.47 8.45
CA GLU C 292 3.57 5.67 8.01
C GLU C 292 2.10 5.28 7.75
N LEU C 293 1.24 5.46 8.75
CA LEU C 293 -0.19 5.10 8.75
C LEU C 293 -1.02 6.38 8.73
N LYS C 294 -2.25 6.30 8.22
CA LYS C 294 -3.13 7.48 8.05
C LYS C 294 -4.48 7.26 8.74
N HIS C 295 -4.62 6.13 9.45
CA HIS C 295 -5.77 5.76 10.32
C HIS C 295 -5.28 4.83 11.43
N ALA C 296 -6.11 4.66 12.47
CA ALA C 296 -5.76 3.94 13.71
C ALA C 296 -5.44 2.49 13.39
N SER C 297 -4.25 2.05 13.81
CA SER C 297 -3.92 0.64 14.17
C SER C 297 -3.49 0.62 15.64
N HIS C 298 -4.06 -0.26 16.46
CA HIS C 298 -3.59 -0.43 17.86
C HIS C 298 -2.29 -1.24 17.80
N ILE C 299 -1.27 -0.66 17.18
CA ILE C 299 0.06 -1.31 16.92
C ILE C 299 0.53 -2.03 18.20
N SER C 300 0.55 -3.38 18.25
CA SER C 300 0.97 -4.19 19.44
C SER C 300 2.46 -4.58 19.35
N LYS C 301 2.92 -5.04 18.19
CA LYS C 301 4.35 -5.21 17.86
C LYS C 301 4.53 -4.62 16.47
N LEU C 302 5.47 -3.68 16.36
CA LEU C 302 5.88 -2.95 15.13
C LEU C 302 6.42 -3.96 14.13
N PRO C 303 6.18 -3.71 12.84
CA PRO C 303 6.75 -4.55 11.79
C PRO C 303 8.27 -4.76 11.99
N LYS C 304 8.78 -5.99 11.83
CA LYS C 304 10.24 -6.17 11.64
C LYS C 304 10.70 -5.01 10.74
N GLY C 305 11.72 -4.24 11.17
CA GLY C 305 12.35 -3.17 10.39
C GLY C 305 12.05 -1.77 10.90
N LYS C 306 10.87 -1.54 11.49
CA LYS C 306 10.32 -0.20 11.84
C LYS C 306 10.73 0.11 13.27
N HIS C 307 10.89 1.39 13.62
CA HIS C 307 11.43 1.86 14.93
C HIS C 307 10.47 2.82 15.63
N SER C 308 9.58 3.44 14.84
CA SER C 308 8.53 4.38 15.31
C SER C 308 7.32 4.32 14.35
N VAL C 309 6.20 4.95 14.74
CA VAL C 309 5.00 5.18 13.88
C VAL C 309 4.92 6.67 13.59
N LYS C 310 4.56 7.03 12.35
CA LYS C 310 4.29 8.42 11.90
C LYS C 310 2.86 8.53 11.39
N GLY C 311 1.93 8.95 12.25
CA GLY C 311 0.59 9.38 11.83
C GLY C 311 0.67 10.51 10.83
N LEU C 312 0.28 10.30 9.56
CA LEU C 312 0.32 11.34 8.49
C LEU C 312 -0.83 12.34 8.63
N GLY C 313 -0.52 13.61 8.89
CA GLY C 313 -1.50 14.70 9.01
C GLY C 313 -1.75 15.35 7.66
N LYS C 314 -2.82 16.15 7.59
CA LYS C 314 -3.15 17.04 6.44
C LYS C 314 -2.09 18.14 6.30
N THR C 315 -1.64 18.71 7.42
CA THR C 315 -0.72 19.88 7.47
C THR C 315 0.62 19.45 8.09
N THR C 316 1.72 19.92 7.53
CA THR C 316 3.10 19.57 7.95
C THR C 316 3.98 20.81 7.78
N PRO C 317 4.96 21.08 8.68
CA PRO C 317 5.81 22.27 8.55
C PRO C 317 6.62 22.26 7.24
N ASP C 318 6.75 23.42 6.61
CA ASP C 318 7.65 23.66 5.45
C ASP C 318 8.89 22.77 5.67
N PRO C 319 9.04 21.63 4.95
CA PRO C 319 10.24 20.79 5.06
C PRO C 319 11.45 21.55 4.51
N SER C 320 11.23 22.57 3.67
CA SER C 320 12.29 23.50 3.23
C SER C 320 13.06 23.97 4.47
N ALA C 321 12.30 24.45 5.44
CA ALA C 321 12.79 25.27 6.58
C ALA C 321 13.42 24.40 7.67
N ASN C 322 13.35 23.07 7.57
CA ASN C 322 13.83 22.15 8.65
CA ASN C 322 13.84 22.13 8.63
C ASN C 322 15.34 22.39 8.89
N ILE C 323 15.69 22.70 10.14
CA ILE C 323 17.04 23.15 10.59
C ILE C 323 17.70 21.97 11.32
N SER C 324 19.02 21.99 11.52
CA SER C 324 19.84 20.88 12.09
C SER C 324 20.76 21.37 13.23
N LEU C 325 20.35 20.98 14.45
CA LEU C 325 21.15 21.03 15.70
C LEU C 325 21.67 19.61 15.98
N ASP C 326 23.00 19.42 15.91
CA ASP C 326 23.77 18.28 16.50
C ASP C 326 23.35 16.94 15.88
N GLY C 327 22.97 16.95 14.59
CA GLY C 327 22.45 15.78 13.83
C GLY C 327 21.03 15.41 14.25
N VAL C 328 20.20 16.42 14.56
CA VAL C 328 18.76 16.26 14.95
C VAL C 328 17.90 17.17 14.06
N ASP C 329 16.88 16.61 13.38
CA ASP C 329 15.82 17.37 12.68
C ASP C 329 15.10 18.28 13.69
N VAL C 330 15.15 19.60 13.46
CA VAL C 330 14.26 20.60 14.13
C VAL C 330 13.28 21.12 13.08
N PRO C 331 12.08 20.52 12.99
CA PRO C 331 11.21 20.86 11.88
C PRO C 331 10.39 22.12 12.16
N LEU C 332 10.93 23.33 11.96
CA LEU C 332 10.23 24.53 12.47
C LEU C 332 9.65 25.40 11.34
N GLY C 333 9.57 24.90 10.09
CA GLY C 333 8.80 25.52 8.99
C GLY C 333 7.36 25.77 9.38
N THR C 334 6.66 26.67 8.72
CA THR C 334 5.23 26.94 9.07
C THR C 334 4.34 25.91 8.37
N GLY C 335 3.11 25.76 8.85
CA GLY C 335 2.12 24.86 8.24
C GLY C 335 1.93 25.13 6.76
N ILE C 336 2.19 24.11 5.94
CA ILE C 336 1.70 23.99 4.54
C ILE C 336 0.96 22.66 4.39
N SER C 337 0.37 22.44 3.21
CA SER C 337 -0.20 21.13 2.83
C SER C 337 0.94 20.08 2.78
N SER C 338 0.74 18.95 3.46
CA SER C 338 1.36 17.63 3.17
C SER C 338 0.85 17.09 1.82
N GLY C 339 -0.22 17.68 1.31
CA GLY C 339 -0.92 17.24 0.09
C GLY C 339 -1.85 16.07 0.40
N VAL C 340 -1.62 15.39 1.53
CA VAL C 340 -2.13 14.03 1.80
C VAL C 340 -3.60 14.12 2.22
N ASN C 341 -4.51 13.84 1.29
CA ASN C 341 -5.95 13.58 1.58
C ASN C 341 -6.00 12.14 2.12
N ASP C 342 -7.08 11.75 2.79
CA ASP C 342 -7.40 10.34 3.17
C ASP C 342 -6.65 9.98 4.46
N THR C 343 -6.46 10.95 5.34
CA THR C 343 -5.98 10.74 6.73
C THR C 343 -7.10 11.18 7.67
N SER C 344 -7.10 10.64 8.89
CA SER C 344 -8.04 11.01 9.98
C SER C 344 -7.37 12.03 10.91
N LEU C 345 -6.12 12.41 10.62
CA LEU C 345 -5.32 13.39 11.41
C LEU C 345 -5.23 14.71 10.63
N LEU C 346 -5.52 15.84 11.29
CA LEU C 346 -5.25 17.20 10.74
C LEU C 346 -3.75 17.50 10.79
N TYR C 347 -3.00 16.85 11.69
CA TYR C 347 -1.55 17.10 11.93
C TYR C 347 -0.86 15.78 12.29
N ASN C 348 0.45 15.71 12.01
CA ASN C 348 1.28 14.50 12.22
C ASN C 348 1.27 14.11 13.72
N GLU C 349 1.52 12.82 14.02
CA GLU C 349 1.80 12.26 15.37
C GLU C 349 2.95 11.26 15.24
N TYR C 350 3.92 11.34 16.16
CA TYR C 350 5.08 10.42 16.26
C TYR C 350 4.89 9.61 17.53
N ILE C 351 5.09 8.30 17.40
CA ILE C 351 4.96 7.34 18.52
C ILE C 351 6.16 6.42 18.48
N VAL C 352 6.83 6.28 19.62
CA VAL C 352 7.84 5.22 19.87
C VAL C 352 7.25 4.23 20.89
N TYR C 353 7.84 3.03 21.00
CA TYR C 353 7.29 1.94 21.84
C TYR C 353 8.35 1.45 22.83
N ASP C 354 9.42 2.23 22.96
CA ASP C 354 10.61 2.00 23.81
C ASP C 354 10.98 3.32 24.48
N ILE C 355 10.91 3.39 25.80
CA ILE C 355 11.16 4.66 26.55
C ILE C 355 12.58 5.15 26.22
N ALA C 356 13.51 4.24 25.88
CA ALA C 356 14.92 4.59 25.61
C ALA C 356 15.05 5.38 24.31
N GLN C 357 14.04 5.38 23.44
CA GLN C 357 14.08 6.11 22.13
C GLN C 357 13.86 7.61 22.38
N VAL C 358 13.59 8.05 23.62
CA VAL C 358 13.48 9.51 23.93
C VAL C 358 14.62 9.97 24.82
N ASN C 359 15.09 11.19 24.55
CA ASN C 359 16.13 11.95 25.29
C ASN C 359 15.67 13.41 25.44
N LEU C 360 15.08 13.77 26.59
CA LEU C 360 14.41 15.07 26.82
C LEU C 360 15.49 16.15 26.84
N LYS C 361 15.30 17.23 26.09
CA LYS C 361 16.37 18.21 25.81
C LYS C 361 16.06 19.53 26.53
N TYR C 362 14.89 20.15 26.29
CA TYR C 362 14.43 21.37 26.99
C TYR C 362 13.08 21.16 27.69
N LEU C 363 12.73 22.09 28.60
CA LEU C 363 11.38 22.23 29.21
C LEU C 363 10.96 23.69 29.07
N LEU C 364 9.80 23.96 28.47
CA LEU C 364 9.31 25.34 28.20
C LEU C 364 8.18 25.72 29.17
N LYS C 365 8.26 26.91 29.75
CA LYS C 365 7.14 27.54 30.51
C LYS C 365 6.40 28.50 29.58
N LEU C 366 5.14 28.17 29.28
CA LEU C 366 4.27 28.93 28.33
C LEU C 366 3.09 29.59 29.05
N LYS C 367 2.76 30.82 28.64
CA LYS C 367 1.49 31.52 28.95
C LYS C 367 0.52 31.24 27.81
N PHE C 368 -0.73 30.86 28.14
CA PHE C 368 -1.87 30.68 27.20
C PHE C 368 -2.76 31.93 27.28
N ASN C 369 -2.57 32.88 26.36
CA ASN C 369 -3.50 34.03 26.15
C ASN C 369 -4.66 33.54 25.27
N PHE C 370 -5.91 33.65 25.75
CA PHE C 370 -7.10 33.02 25.12
C PHE C 370 -7.92 34.06 24.33
N LYS C 371 -8.62 33.60 23.29
CA LYS C 371 -9.40 34.43 22.33
C LYS C 371 -10.88 34.00 22.38
N THR C 372 -11.74 34.87 22.92
CA THR C 372 -13.22 34.82 22.90
C THR C 372 -13.77 36.21 23.19
N LYS D 25 55.26 54.01 -5.14
CA LYS D 25 56.36 53.26 -4.45
C LYS D 25 56.16 51.75 -4.62
N LEU D 26 54.92 51.25 -4.53
CA LEU D 26 54.55 49.81 -4.63
C LEU D 26 54.78 49.31 -6.06
N PRO D 27 54.79 47.97 -6.30
CA PRO D 27 54.87 47.42 -7.65
C PRO D 27 53.62 47.73 -8.50
N LYS D 28 53.80 47.88 -9.82
CA LYS D 28 52.73 48.28 -10.78
C LYS D 28 51.47 47.43 -10.59
N PRO D 29 51.54 46.08 -10.65
CA PRO D 29 50.33 45.25 -10.60
C PRO D 29 49.55 45.32 -9.27
N VAL D 30 50.21 45.74 -8.18
CA VAL D 30 49.59 45.98 -6.83
C VAL D 30 48.92 47.35 -6.83
N GLN D 31 49.49 48.33 -7.52
CA GLN D 31 48.89 49.68 -7.70
C GLN D 31 47.59 49.53 -8.50
N ASP D 32 47.58 48.61 -9.47
CA ASP D 32 46.42 48.36 -10.38
C ASP D 32 45.32 47.66 -9.57
N LEU D 33 45.72 46.71 -8.72
CA LEU D 33 44.83 45.93 -7.82
C LEU D 33 43.99 46.88 -6.96
N ILE D 34 44.62 47.92 -6.38
CA ILE D 34 43.97 48.89 -5.45
C ILE D 34 43.04 49.81 -6.26
N LYS D 35 43.39 50.11 -7.51
CA LYS D 35 42.58 50.94 -8.46
C LYS D 35 41.40 50.11 -9.00
N MET D 36 41.48 48.78 -8.89
CA MET D 36 40.41 47.82 -9.29
C MET D 36 39.38 47.70 -8.16
N ILE D 37 39.82 47.55 -6.91
CA ILE D 37 38.95 47.22 -5.75
C ILE D 37 38.48 48.48 -5.02
N PHE D 38 38.92 49.68 -5.41
CA PHE D 38 38.42 50.97 -4.84
C PHE D 38 37.80 51.84 -5.95
N ASP D 39 37.50 51.26 -7.12
CA ASP D 39 37.01 51.97 -8.32
C ASP D 39 35.54 52.42 -8.11
N VAL D 40 35.34 53.68 -7.74
CA VAL D 40 34.01 54.28 -7.42
C VAL D 40 33.11 54.20 -8.65
N GLU D 41 33.69 54.19 -9.86
CA GLU D 41 33.01 53.87 -11.14
C GLU D 41 32.23 52.56 -11.03
N SER D 42 32.92 51.46 -10.71
CA SER D 42 32.36 50.09 -10.55
C SER D 42 31.15 50.11 -9.62
N MET D 43 31.26 50.84 -8.50
CA MET D 43 30.26 50.89 -7.40
C MET D 43 28.96 51.51 -7.91
N LYS D 44 29.04 52.69 -8.53
CA LYS D 44 27.87 53.40 -9.13
C LYS D 44 27.21 52.52 -10.19
N LYS D 45 28.01 51.88 -11.06
CA LYS D 45 27.55 50.96 -12.14
C LYS D 45 26.81 49.77 -11.53
N ALA D 46 27.23 49.30 -10.34
CA ALA D 46 26.70 48.10 -9.66
C ALA D 46 25.35 48.42 -9.00
N MET D 47 25.00 49.70 -8.84
CA MET D 47 23.72 50.16 -8.23
C MET D 47 22.72 50.54 -9.33
N VAL D 48 23.20 51.04 -10.48
CA VAL D 48 22.36 51.29 -11.69
C VAL D 48 21.86 49.91 -12.19
N GLU D 49 22.71 48.89 -12.11
CA GLU D 49 22.35 47.46 -12.33
C GLU D 49 21.14 47.09 -11.46
N TYR D 50 21.30 47.16 -10.13
CA TYR D 50 20.28 46.75 -9.13
C TYR D 50 19.07 47.70 -9.13
N GLU D 51 19.03 48.69 -10.02
CA GLU D 51 17.89 49.63 -10.20
C GLU D 51 17.67 50.44 -8.91
N ILE D 52 18.77 50.87 -8.28
CA ILE D 52 18.76 51.76 -7.07
C ILE D 52 18.72 53.21 -7.56
N ASP D 53 17.99 54.07 -6.84
CA ASP D 53 17.84 55.52 -7.16
C ASP D 53 19.03 56.28 -6.57
N LEU D 54 20.04 56.62 -7.41
CA LEU D 54 21.30 57.27 -6.99
C LEU D 54 21.06 58.74 -6.62
N GLN D 55 19.91 59.29 -6.98
CA GLN D 55 19.47 60.68 -6.61
C GLN D 55 19.21 60.70 -5.10
N LYS D 56 18.36 59.77 -4.62
CA LYS D 56 17.96 59.66 -3.20
C LYS D 56 19.06 58.93 -2.40
N MET D 57 19.67 57.90 -3.00
CA MET D 57 20.62 56.97 -2.35
C MET D 57 21.95 56.95 -3.09
N PRO D 58 22.78 58.02 -2.98
CA PRO D 58 24.15 57.98 -3.50
C PRO D 58 25.08 57.12 -2.61
N LEU D 59 26.34 56.96 -3.05
CA LEU D 59 27.38 56.13 -2.37
C LEU D 59 27.55 56.58 -0.92
N GLY D 60 27.93 57.84 -0.70
CA GLY D 60 28.12 58.44 0.64
C GLY D 60 26.99 58.07 1.59
N LYS D 61 25.74 58.18 1.13
CA LYS D 61 24.50 58.05 1.95
C LYS D 61 24.29 56.61 2.44
N LEU D 62 24.94 55.62 1.81
CA LEU D 62 24.93 54.21 2.28
C LEU D 62 25.54 54.15 3.68
N SER D 63 24.72 53.82 4.68
CA SER D 63 25.15 53.61 6.10
C SER D 63 24.88 52.16 6.47
N LYS D 64 25.48 51.67 7.57
CA LYS D 64 25.46 50.24 8.01
C LYS D 64 24.20 49.96 8.83
N ARG D 65 23.60 50.98 9.45
CA ARG D 65 22.26 50.92 10.09
C ARG D 65 21.28 50.31 9.07
N GLN D 66 21.25 50.88 7.87
CA GLN D 66 20.23 50.67 6.81
C GLN D 66 20.26 49.23 6.28
N ILE D 67 21.43 48.72 5.89
CA ILE D 67 21.58 47.37 5.26
C ILE D 67 21.15 46.29 6.27
N GLN D 68 21.68 46.32 7.50
CA GLN D 68 21.20 45.52 8.67
C GLN D 68 19.68 45.66 8.80
N ALA D 69 19.19 46.90 8.69
CA ALA D 69 17.76 47.28 8.87
C ALA D 69 16.93 46.92 7.62
N ALA D 70 17.59 46.80 6.47
CA ALA D 70 16.96 46.39 5.19
C ALA D 70 16.85 44.86 5.20
N TYR D 71 17.97 44.19 5.48
CA TYR D 71 18.02 42.76 5.86
C TYR D 71 16.85 42.45 6.80
N SER D 72 16.70 43.25 7.85
CA SER D 72 15.60 43.17 8.86
C SER D 72 14.24 43.09 8.16
N ILE D 73 14.01 43.93 7.14
CA ILE D 73 12.76 43.93 6.32
C ILE D 73 12.67 42.59 5.57
N LEU D 74 13.81 41.98 5.22
CA LEU D 74 13.89 40.61 4.63
C LEU D 74 14.12 39.57 5.74
N SER D 75 13.66 39.85 6.97
CA SER D 75 13.24 38.82 7.96
C SER D 75 11.72 38.68 7.82
N GLU D 76 10.97 39.71 8.25
CA GLU D 76 9.48 39.75 8.30
C GLU D 76 8.91 39.30 6.94
N VAL D 77 9.45 39.82 5.82
CA VAL D 77 8.98 39.49 4.44
C VAL D 77 9.07 37.98 4.24
N GLN D 78 10.24 37.40 4.52
CA GLN D 78 10.45 35.92 4.49
C GLN D 78 9.59 35.28 5.58
N GLN D 79 9.58 35.84 6.80
CA GLN D 79 8.73 35.38 7.95
C GLN D 79 7.26 35.26 7.52
N ALA D 80 6.91 35.76 6.33
CA ALA D 80 5.58 35.60 5.71
C ALA D 80 5.73 35.40 4.19
N VAL D 81 6.71 34.57 3.80
CA VAL D 81 6.88 34.02 2.42
C VAL D 81 6.30 32.60 2.38
N SER D 82 6.29 31.90 3.52
CA SER D 82 5.82 30.49 3.65
C SER D 82 4.37 30.44 4.16
N GLN D 83 3.99 31.37 5.05
CA GLN D 83 2.58 31.65 5.45
C GLN D 83 1.92 32.50 4.35
N GLY D 84 2.71 33.30 3.62
CA GLY D 84 2.22 34.31 2.67
C GLY D 84 1.31 35.30 3.39
N SER D 85 1.89 36.40 3.89
CA SER D 85 1.26 37.33 4.85
C SER D 85 -0.14 37.78 4.40
N SER D 86 -0.35 37.93 3.08
CA SER D 86 -1.47 38.68 2.45
C SER D 86 -1.14 40.17 2.50
N ASP D 87 -1.46 40.91 1.43
CA ASP D 87 -0.99 42.30 1.16
C ASP D 87 -1.34 43.22 2.34
N SER D 88 -2.44 42.96 3.07
CA SER D 88 -2.79 43.61 4.35
C SER D 88 -1.54 43.72 5.24
N GLN D 89 -0.71 42.67 5.27
CA GLN D 89 0.53 42.59 6.09
C GLN D 89 1.80 42.56 5.22
N ILE D 90 1.68 42.49 3.87
CA ILE D 90 2.84 42.55 2.92
C ILE D 90 3.09 44.00 2.50
N LEU D 91 2.08 44.67 1.93
CA LEU D 91 2.22 45.98 1.24
C LEU D 91 3.09 46.91 2.09
N ASP D 92 2.70 47.18 3.34
CA ASP D 92 3.43 48.02 4.33
C ASP D 92 4.89 47.56 4.43
N LEU D 93 5.12 46.26 4.55
CA LEU D 93 6.47 45.66 4.72
C LEU D 93 7.27 45.91 3.44
N SER D 94 6.81 45.35 2.31
CA SER D 94 7.38 45.58 0.96
C SER D 94 7.61 47.08 0.74
N ASN D 95 6.70 47.92 1.21
CA ASN D 95 6.84 49.41 1.20
C ASN D 95 8.06 49.81 2.05
N ARG D 96 8.10 49.42 3.32
CA ARG D 96 9.01 50.03 4.32
C ARG D 96 10.46 49.69 3.97
N PHE D 97 10.69 48.72 3.06
CA PHE D 97 12.02 48.37 2.50
C PHE D 97 12.58 49.52 1.65
N TYR D 98 11.69 50.21 0.92
CA TYR D 98 12.04 51.25 -0.09
C TYR D 98 12.26 52.61 0.57
N THR D 99 11.80 52.79 1.81
CA THR D 99 12.09 53.96 2.69
C THR D 99 13.59 54.10 2.89
N LEU D 100 14.29 52.97 3.05
CA LEU D 100 15.73 52.89 3.38
C LEU D 100 16.55 52.64 2.11
N ILE D 101 16.11 51.72 1.24
CA ILE D 101 16.80 51.37 -0.04
C ILE D 101 15.89 51.75 -1.20
N PRO D 102 15.86 53.04 -1.61
CA PRO D 102 15.08 53.47 -2.77
C PRO D 102 15.51 52.81 -4.09
N HIS D 103 14.59 52.72 -5.05
CA HIS D 103 14.81 52.08 -6.38
C HIS D 103 14.22 52.97 -7.49
N ASP D 104 14.66 52.75 -8.74
CA ASP D 104 14.25 53.54 -9.95
C ASP D 104 13.66 52.60 -11.00
N PHE D 105 12.35 52.37 -10.95
CA PHE D 105 11.62 51.37 -11.78
C PHE D 105 10.97 52.08 -12.98
N GLY D 106 11.74 52.23 -14.06
CA GLY D 106 11.31 52.87 -15.33
C GLY D 106 10.07 53.74 -15.16
N MET D 107 8.91 53.25 -15.60
CA MET D 107 7.58 53.88 -15.40
C MET D 107 6.56 52.85 -14.87
N LYS D 108 6.99 51.62 -14.54
CA LYS D 108 6.11 50.50 -14.12
C LYS D 108 6.16 50.35 -12.59
N LYS D 109 4.99 50.13 -11.97
CA LYS D 109 4.75 50.08 -10.50
C LYS D 109 5.84 49.22 -9.85
N PRO D 110 6.34 49.58 -8.65
CA PRO D 110 7.49 48.89 -8.05
C PRO D 110 7.21 47.40 -7.84
N PRO D 111 8.07 46.49 -8.37
CA PRO D 111 7.95 45.06 -8.06
C PRO D 111 7.76 44.80 -6.56
N LEU D 112 6.55 44.39 -6.18
CA LEU D 112 6.12 44.11 -4.78
C LEU D 112 6.86 42.87 -4.27
N LEU D 113 7.61 42.98 -3.16
CA LEU D 113 8.44 41.88 -2.61
C LEU D 113 7.52 40.83 -1.95
N ASN D 114 6.84 40.01 -2.77
CA ASN D 114 5.92 38.94 -2.31
C ASN D 114 6.22 37.65 -3.08
N ASN D 115 7.48 37.20 -3.04
CA ASN D 115 7.93 35.85 -3.50
C ASN D 115 9.41 35.69 -3.13
N ALA D 116 9.89 34.44 -3.08
CA ALA D 116 11.25 34.05 -2.64
C ALA D 116 12.26 34.21 -3.79
N ASP D 117 11.77 34.36 -5.02
CA ASP D 117 12.57 34.65 -6.24
C ASP D 117 13.01 36.12 -6.22
N SER D 118 12.10 37.00 -5.81
CA SER D 118 12.33 38.46 -5.60
C SER D 118 13.34 38.66 -4.47
N VAL D 119 13.03 38.14 -3.28
CA VAL D 119 13.82 38.34 -2.02
C VAL D 119 15.21 37.71 -2.18
N GLN D 120 15.40 36.80 -3.16
CA GLN D 120 16.74 36.26 -3.54
C GLN D 120 17.62 37.39 -4.09
N ALA D 121 17.14 38.07 -5.15
CA ALA D 121 17.85 39.17 -5.85
C ALA D 121 18.23 40.25 -4.84
N LYS D 122 17.32 40.57 -3.92
CA LYS D 122 17.48 41.62 -2.88
C LYS D 122 18.43 41.13 -1.79
N ALA D 123 18.40 39.82 -1.48
CA ALA D 123 19.35 39.17 -0.55
C ALA D 123 20.77 39.37 -1.10
N GLU D 124 20.98 39.06 -2.38
CA GLU D 124 22.29 39.19 -3.09
C GLU D 124 22.67 40.66 -3.21
N MET D 125 21.68 41.55 -3.35
CA MET D 125 21.87 43.02 -3.53
C MET D 125 22.52 43.61 -2.26
N LEU D 126 21.89 43.43 -1.11
CA LEU D 126 22.39 43.94 0.20
C LEU D 126 23.71 43.23 0.54
N ASP D 127 23.80 41.93 0.23
CA ASP D 127 25.05 41.13 0.37
C ASP D 127 26.21 41.92 -0.27
N ASN D 128 25.97 42.58 -1.42
CA ASN D 128 26.96 43.35 -2.21
C ASN D 128 27.11 44.77 -1.64
N LEU D 129 25.99 45.49 -1.44
CA LEU D 129 25.93 46.88 -0.92
C LEU D 129 26.78 47.01 0.34
N LEU D 130 26.75 45.99 1.20
CA LEU D 130 27.42 45.96 2.52
C LEU D 130 28.93 46.16 2.35
N ASP D 131 29.53 45.57 1.30
CA ASP D 131 31.00 45.65 1.07
C ASP D 131 31.35 46.86 0.20
N ILE D 132 30.43 47.29 -0.68
CA ILE D 132 30.52 48.58 -1.41
C ILE D 132 30.56 49.71 -0.38
N GLU D 133 29.73 49.62 0.67
CA GLU D 133 29.71 50.57 1.82
C GLU D 133 31.10 50.56 2.49
N VAL D 134 31.67 49.37 2.70
CA VAL D 134 33.01 49.20 3.32
C VAL D 134 34.03 49.94 2.43
N ALA D 135 33.97 49.74 1.11
CA ALA D 135 34.95 50.27 0.12
C ALA D 135 34.96 51.80 0.15
N TYR D 136 33.78 52.43 0.22
CA TYR D 136 33.60 53.90 0.27
C TYR D 136 34.14 54.41 1.62
N SER D 137 33.54 53.94 2.72
CA SER D 137 33.86 54.37 4.11
C SER D 137 35.37 54.30 4.37
N LEU D 138 36.09 53.40 3.69
CA LEU D 138 37.57 53.29 3.75
C LEU D 138 38.20 54.40 2.90
N LEU D 139 37.77 54.51 1.64
CA LEU D 139 38.26 55.52 0.66
C LEU D 139 37.99 56.93 1.22
N ARG D 140 36.79 57.15 1.76
CA ARG D 140 36.26 58.49 2.14
C ARG D 140 36.98 58.99 3.41
N GLY D 141 37.11 58.14 4.43
CA GLY D 141 37.71 58.50 5.73
C GLY D 141 39.23 58.44 5.72
N GLY D 142 39.84 58.48 6.91
CA GLY D 142 41.29 58.38 7.15
C GLY D 142 41.61 57.45 8.31
N ILE D 151 47.44 56.36 -3.54
CA ILE D 151 47.02 54.92 -3.69
C ILE D 151 47.87 54.02 -2.77
N ASP D 152 48.94 54.56 -2.17
CA ASP D 152 49.65 54.00 -0.99
C ASP D 152 48.76 54.20 0.25
N VAL D 153 47.86 55.20 0.23
CA VAL D 153 46.98 55.60 1.35
C VAL D 153 45.82 54.60 1.47
N ASN D 154 45.29 54.15 0.33
CA ASN D 154 44.17 53.18 0.22
C ASN D 154 44.71 51.78 0.54
N TYR D 155 45.98 51.52 0.21
CA TYR D 155 46.72 50.28 0.54
C TYR D 155 46.80 50.10 2.06
N GLU D 156 47.13 51.20 2.76
CA GLU D 156 47.23 51.31 4.24
C GLU D 156 45.95 50.76 4.89
N LYS D 157 44.78 51.16 4.37
CA LYS D 157 43.44 50.94 4.99
C LYS D 157 42.93 49.54 4.68
N LEU D 158 43.59 48.81 3.76
CA LEU D 158 43.27 47.38 3.49
C LEU D 158 43.88 46.53 4.61
N LYS D 159 44.83 47.10 5.37
CA LYS D 159 45.52 46.48 6.54
C LYS D 159 45.99 45.07 6.17
N THR D 160 46.37 44.89 4.92
CA THR D 160 46.81 43.59 4.34
C THR D 160 48.16 43.80 3.66
N ASP D 161 49.10 42.87 3.89
CA ASP D 161 50.37 42.81 3.15
C ASP D 161 50.09 42.14 1.81
N ILE D 162 50.30 42.86 0.71
CA ILE D 162 50.09 42.37 -0.69
C ILE D 162 51.44 42.38 -1.41
N LYS D 163 51.97 41.19 -1.73
CA LYS D 163 53.27 40.98 -2.43
C LYS D 163 53.01 40.19 -3.73
N VAL D 164 53.76 40.49 -4.79
CA VAL D 164 53.63 39.84 -6.13
C VAL D 164 54.42 38.53 -6.12
N VAL D 165 53.76 37.40 -6.37
CA VAL D 165 54.39 36.10 -6.74
C VAL D 165 54.75 36.19 -8.23
N ASP D 166 55.97 35.79 -8.61
CA ASP D 166 56.58 36.06 -9.94
C ASP D 166 56.36 34.86 -10.86
N ARG D 167 55.94 35.12 -12.11
CA ARG D 167 55.37 34.11 -13.06
C ARG D 167 56.24 32.85 -13.08
N ASP D 168 57.54 33.00 -13.34
CA ASP D 168 58.47 31.88 -13.70
C ASP D 168 58.73 30.97 -12.47
N SER D 169 58.39 31.42 -11.25
CA SER D 169 58.71 30.71 -9.98
C SER D 169 57.77 29.51 -9.80
N GLU D 170 57.96 28.78 -8.69
CA GLU D 170 57.41 27.43 -8.42
C GLU D 170 56.04 27.59 -7.74
N GLU D 171 56.05 28.27 -6.59
CA GLU D 171 54.89 28.94 -5.96
C GLU D 171 53.95 29.46 -7.07
N ALA D 172 54.51 30.11 -8.08
CA ALA D 172 53.75 30.54 -9.28
C ALA D 172 53.24 29.32 -10.03
N GLU D 173 54.08 28.30 -10.23
CA GLU D 173 53.78 27.17 -11.15
C GLU D 173 52.75 26.20 -10.54
N ILE D 174 52.69 26.00 -9.22
CA ILE D 174 51.75 24.97 -8.64
C ILE D 174 50.36 25.60 -8.44
N ILE D 175 50.27 26.94 -8.46
CA ILE D 175 48.98 27.70 -8.46
C ILE D 175 48.35 27.56 -9.86
N ARG D 176 49.15 27.60 -10.92
CA ARG D 176 48.70 27.47 -12.34
C ARG D 176 48.32 26.02 -12.64
N LYS D 177 49.06 25.03 -12.15
CA LYS D 177 48.64 23.61 -12.26
C LYS D 177 47.19 23.51 -11.75
N TYR D 178 46.90 24.03 -10.55
CA TYR D 178 45.57 24.03 -9.90
C TYR D 178 44.49 24.74 -10.76
N VAL D 179 44.82 25.88 -11.40
CA VAL D 179 43.87 26.71 -12.20
C VAL D 179 43.54 26.01 -13.53
N LYS D 180 44.55 25.63 -14.31
CA LYS D 180 44.36 24.89 -15.57
C LYS D 180 43.75 23.51 -15.28
N ASN D 181 44.22 22.79 -14.25
CA ASN D 181 43.95 21.33 -14.07
C ASN D 181 42.53 21.11 -13.56
N THR D 182 42.05 21.91 -12.60
CA THR D 182 40.71 21.72 -11.99
C THR D 182 39.71 22.71 -12.59
N HIS D 183 39.83 22.99 -13.89
CA HIS D 183 38.75 23.58 -14.72
C HIS D 183 37.76 22.46 -15.06
N ALA D 184 36.49 22.67 -14.69
CA ALA D 184 35.33 21.76 -14.87
C ALA D 184 34.65 22.03 -16.22
N THR D 185 34.13 20.98 -16.88
CA THR D 185 33.66 21.03 -18.28
C THR D 185 32.19 21.50 -18.35
N THR D 186 31.45 21.43 -17.24
CA THR D 186 30.11 22.06 -17.08
C THR D 186 30.26 23.59 -17.19
N HIS D 187 31.41 24.13 -16.80
CA HIS D 187 31.75 25.58 -16.86
C HIS D 187 32.53 25.83 -18.16
N ASN D 188 31.80 25.85 -19.28
CA ASN D 188 32.31 25.93 -20.67
C ASN D 188 31.98 27.29 -21.29
N ALA D 189 31.58 28.27 -20.46
CA ALA D 189 31.25 29.66 -20.88
C ALA D 189 32.55 30.47 -21.03
N TYR D 190 33.65 30.04 -20.39
CA TYR D 190 34.95 30.77 -20.43
C TYR D 190 36.16 29.83 -20.27
N ASP D 191 37.26 30.22 -20.92
CA ASP D 191 38.66 29.81 -20.63
C ASP D 191 39.18 30.69 -19.50
N LEU D 192 40.08 30.16 -18.66
CA LEU D 192 40.59 30.86 -17.45
C LEU D 192 42.03 31.31 -17.68
N GLU D 193 42.28 32.62 -17.60
CA GLU D 193 43.60 33.26 -17.80
C GLU D 193 44.06 33.90 -16.49
N VAL D 194 45.21 33.46 -15.98
CA VAL D 194 45.91 34.03 -14.78
C VAL D 194 46.66 35.28 -15.24
N ILE D 195 46.38 36.44 -14.64
CA ILE D 195 47.12 37.70 -14.97
C ILE D 195 48.22 37.89 -13.92
N ASP D 196 47.83 38.17 -12.67
CA ASP D 196 48.76 38.46 -11.55
C ASP D 196 48.50 37.44 -10.46
N ILE D 197 49.56 36.99 -9.78
CA ILE D 197 49.46 36.11 -8.58
C ILE D 197 50.09 36.86 -7.40
N PHE D 198 49.25 37.30 -6.46
CA PHE D 198 49.65 38.03 -5.23
C PHE D 198 49.69 37.06 -4.04
N LYS D 199 50.61 37.32 -3.11
CA LYS D 199 50.67 36.68 -1.77
C LYS D 199 50.05 37.66 -0.77
N ILE D 200 49.20 37.17 0.14
CA ILE D 200 48.45 38.04 1.10
C ILE D 200 48.60 37.52 2.54
N GLU D 201 48.93 38.44 3.45
CA GLU D 201 48.79 38.30 4.93
C GLU D 201 47.95 39.48 5.45
N ARG D 202 46.68 39.24 5.77
CA ARG D 202 45.81 40.19 6.50
C ARG D 202 46.29 40.33 7.94
N GLU D 203 46.44 41.56 8.45
CA GLU D 203 46.68 41.85 9.89
C GLU D 203 45.79 40.96 10.75
N GLY D 204 46.41 40.24 11.69
CA GLY D 204 45.73 39.59 12.83
C GLY D 204 45.29 38.17 12.54
N GLU D 205 45.37 37.70 11.30
CA GLU D 205 44.75 36.41 10.89
C GLU D 205 45.61 35.23 11.40
N CYS D 206 46.92 35.29 11.18
CA CYS D 206 47.92 34.32 11.67
C CYS D 206 47.60 33.96 13.14
N GLN D 207 47.46 34.96 14.03
CA GLN D 207 47.10 34.76 15.48
C GLN D 207 45.73 34.10 15.63
N ARG D 208 44.72 34.66 14.97
CA ARG D 208 43.32 34.15 14.94
C ARG D 208 43.31 32.67 14.54
N TYR D 209 44.20 32.27 13.61
CA TYR D 209 44.27 30.93 12.96
C TYR D 209 45.18 29.94 13.73
N LYS D 210 46.07 30.38 14.65
CA LYS D 210 46.98 29.46 15.40
C LYS D 210 46.15 28.32 15.98
N PRO D 211 44.98 28.61 16.60
CA PRO D 211 44.20 27.56 17.22
C PRO D 211 43.85 26.44 16.24
N PHE D 212 43.68 26.73 14.95
CA PHE D 212 43.21 25.74 13.94
C PHE D 212 44.37 25.25 13.07
N LYS D 213 45.56 25.85 13.19
CA LYS D 213 46.78 25.47 12.41
C LYS D 213 47.25 24.06 12.83
N GLN D 214 46.78 23.57 13.98
CA GLN D 214 47.14 22.25 14.55
C GLN D 214 46.01 21.24 14.29
N LEU D 215 44.89 21.69 13.72
CA LEU D 215 43.78 20.81 13.28
C LEU D 215 44.22 20.05 12.02
N HIS D 216 43.79 18.79 11.89
CA HIS D 216 44.06 17.91 10.70
C HIS D 216 43.18 18.32 9.50
N ASN D 217 43.53 17.85 8.30
CA ASN D 217 42.75 18.04 7.06
C ASN D 217 42.60 19.55 6.80
N ARG D 218 43.68 20.17 6.31
CA ARG D 218 43.80 21.61 6.00
C ARG D 218 44.00 21.73 4.49
N ARG D 219 43.17 22.51 3.80
CA ARG D 219 43.17 22.58 2.31
C ARG D 219 43.33 24.02 1.83
N LEU D 220 44.18 24.21 0.82
CA LEU D 220 44.18 25.42 -0.02
C LEU D 220 43.05 25.28 -1.03
N LEU D 221 41.91 25.93 -0.75
CA LEU D 221 40.65 25.90 -1.54
C LEU D 221 40.34 27.27 -2.15
N TRP D 222 39.46 27.32 -3.17
CA TRP D 222 39.11 28.52 -3.99
C TRP D 222 37.95 29.28 -3.34
N HIS D 223 37.99 30.62 -3.37
CA HIS D 223 36.87 31.50 -2.94
C HIS D 223 36.73 32.72 -3.85
N GLY D 224 35.74 32.69 -4.76
CA GLY D 224 35.39 33.79 -5.68
C GLY D 224 34.37 34.76 -5.08
N SER D 225 34.39 36.02 -5.53
CA SER D 225 33.50 37.14 -5.11
C SER D 225 33.60 38.31 -6.12
N ARG D 226 32.60 39.18 -6.11
CA ARG D 226 32.58 40.45 -6.90
C ARG D 226 33.73 41.34 -6.43
N THR D 227 34.42 42.05 -7.33
CA THR D 227 35.68 42.80 -7.02
C THR D 227 35.32 44.02 -6.15
N THR D 228 34.05 44.45 -6.19
CA THR D 228 33.45 45.48 -5.32
C THR D 228 33.46 45.01 -3.86
N ASN D 229 33.44 43.69 -3.61
CA ASN D 229 33.44 43.07 -2.25
C ASN D 229 34.84 43.00 -1.64
N PHE D 230 35.90 43.08 -2.47
CA PHE D 230 37.28 42.67 -2.10
C PHE D 230 37.88 43.72 -1.17
N ALA D 231 37.43 44.96 -1.27
CA ALA D 231 37.69 46.02 -0.28
C ALA D 231 37.30 45.50 1.11
N GLY D 232 36.11 44.92 1.22
CA GLY D 232 35.56 44.36 2.47
C GLY D 232 36.33 43.12 2.91
N ILE D 233 36.56 42.20 1.97
CA ILE D 233 37.27 40.91 2.22
C ILE D 233 38.65 41.21 2.81
N LEU D 234 39.54 41.87 2.05
CA LEU D 234 40.94 42.15 2.48
C LEU D 234 40.94 42.87 3.84
N SER D 235 40.05 43.84 4.04
CA SER D 235 39.99 44.66 5.28
C SER D 235 39.41 43.85 6.44
N GLN D 236 38.35 43.05 6.23
CA GLN D 236 37.56 42.44 7.34
C GLN D 236 37.67 40.92 7.36
N GLY D 237 38.27 40.29 6.36
CA GLY D 237 38.30 38.82 6.22
C GLY D 237 37.00 38.33 5.61
N LEU D 238 36.87 37.02 5.36
CA LEU D 238 35.61 36.39 4.91
C LEU D 238 34.70 36.26 6.13
N ARG D 239 33.50 36.86 6.06
CA ARG D 239 32.53 36.79 7.17
C ARG D 239 31.44 35.77 6.81
N ILE D 240 30.71 35.31 7.83
CA ILE D 240 29.47 34.48 7.73
C ILE D 240 28.29 35.45 7.60
N ALA D 241 27.18 35.06 6.97
CA ALA D 241 26.03 35.96 6.75
C ALA D 241 25.51 36.47 8.10
N PRO D 242 25.10 37.76 8.21
CA PRO D 242 24.53 38.27 9.45
C PRO D 242 23.31 37.45 9.84
N PRO D 243 22.90 37.43 11.13
CA PRO D 243 21.73 36.67 11.56
C PRO D 243 20.39 37.26 11.06
N GLU D 244 20.38 38.56 10.73
CA GLU D 244 19.20 39.27 10.17
C GLU D 244 18.84 38.71 8.79
N ALA D 245 19.81 38.11 8.08
CA ALA D 245 19.69 37.65 6.67
C ALA D 245 18.79 36.43 6.55
N PRO D 246 17.98 36.32 5.48
CA PRO D 246 17.09 35.17 5.26
C PRO D 246 17.57 33.70 5.34
N VAL D 247 16.60 32.86 5.70
CA VAL D 247 16.55 31.37 5.54
C VAL D 247 16.70 31.03 4.05
N THR D 248 17.43 29.94 3.76
CA THR D 248 17.52 29.17 2.46
C THR D 248 18.11 30.06 1.34
N GLY D 249 18.38 29.42 0.20
CA GLY D 249 19.43 29.83 -0.75
C GLY D 249 20.78 29.36 -0.25
N TYR D 250 20.98 29.46 1.07
CA TYR D 250 22.10 28.87 1.85
C TYR D 250 21.94 27.35 1.90
N MET D 251 22.52 26.64 0.93
CA MET D 251 22.45 25.17 0.84
C MET D 251 22.83 24.55 2.19
N PHE D 252 24.07 24.74 2.65
CA PHE D 252 24.58 24.13 3.90
C PHE D 252 24.68 25.18 5.00
N GLY D 253 23.65 26.04 5.09
CA GLY D 253 23.50 27.11 6.11
C GLY D 253 24.47 28.28 5.96
N LYS D 254 24.43 29.19 6.94
CA LYS D 254 25.33 30.38 6.97
C LYS D 254 26.73 29.95 7.42
N GLY D 255 27.64 29.81 6.48
CA GLY D 255 29.06 29.50 6.72
C GLY D 255 29.91 30.13 5.64
N ILE D 256 31.25 29.98 5.68
CA ILE D 256 32.19 30.44 4.60
C ILE D 256 32.39 29.26 3.65
N TYR D 257 32.01 29.43 2.38
CA TYR D 257 31.92 28.35 1.36
C TYR D 257 33.14 28.38 0.44
N PHE D 258 33.78 27.24 0.24
CA PHE D 258 34.97 27.04 -0.64
C PHE D 258 34.66 25.93 -1.64
N ALA D 259 35.42 25.87 -2.73
CA ALA D 259 35.40 24.77 -3.72
C ALA D 259 36.83 24.29 -3.97
N ASP D 260 36.96 23.17 -4.66
CA ASP D 260 38.26 22.58 -5.05
C ASP D 260 38.45 22.66 -6.57
N MET D 261 37.40 22.98 -7.33
CA MET D 261 37.55 23.31 -8.78
C MET D 261 37.44 24.82 -8.89
N VAL D 262 38.37 25.48 -9.58
CA VAL D 262 38.44 26.97 -9.64
C VAL D 262 37.14 27.52 -10.26
N SER D 263 36.58 26.85 -11.27
CA SER D 263 35.36 27.25 -12.04
C SER D 263 34.21 27.59 -11.09
N LYS D 264 33.99 26.73 -10.09
CA LYS D 264 32.84 26.86 -9.16
C LYS D 264 32.99 28.16 -8.37
N SER D 265 34.20 28.49 -7.94
CA SER D 265 34.51 29.76 -7.23
C SER D 265 34.59 30.88 -8.26
N ALA D 266 35.16 30.60 -9.43
CA ALA D 266 35.25 31.56 -10.55
C ALA D 266 33.87 32.17 -10.84
N ASN D 267 32.80 31.37 -10.75
CA ASN D 267 31.42 31.77 -11.11
C ASN D 267 30.86 32.82 -10.15
N TYR D 268 31.33 32.89 -8.91
CA TYR D 268 30.85 33.90 -7.91
C TYR D 268 31.64 35.20 -8.03
N CYS D 269 32.53 35.31 -9.02
CA CYS D 269 33.10 36.60 -9.47
C CYS D 269 32.03 37.42 -10.21
N HIS D 270 31.00 36.74 -10.75
CA HIS D 270 29.94 37.33 -11.61
C HIS D 270 30.58 38.37 -12.52
N THR D 271 31.42 37.93 -13.46
CA THR D 271 32.11 38.79 -14.46
C THR D 271 31.41 38.59 -15.82
N SER D 272 31.08 39.69 -16.49
CA SER D 272 30.59 39.74 -17.90
C SER D 272 31.79 40.09 -18.79
N GLN D 273 31.62 40.11 -20.12
CA GLN D 273 32.74 40.47 -21.04
C GLN D 273 32.86 42.00 -21.12
N GLY D 274 31.87 42.73 -20.59
CA GLY D 274 31.98 44.16 -20.26
C GLY D 274 33.15 44.41 -19.32
N ASP D 275 33.24 43.62 -18.25
CA ASP D 275 34.35 43.64 -17.25
C ASP D 275 34.90 42.22 -17.14
N PRO D 276 35.84 41.82 -18.04
CA PRO D 276 36.31 40.43 -18.11
C PRO D 276 37.48 40.07 -17.18
N ILE D 277 37.67 40.82 -16.08
CA ILE D 277 38.75 40.61 -15.07
C ILE D 277 38.11 40.34 -13.72
N GLY D 278 38.42 39.18 -13.14
CA GLY D 278 37.90 38.71 -11.84
C GLY D 278 38.99 38.60 -10.80
N LEU D 279 38.60 38.44 -9.52
CA LEU D 279 39.49 38.16 -8.36
C LEU D 279 38.97 36.92 -7.65
N ILE D 280 39.84 35.92 -7.48
CA ILE D 280 39.53 34.64 -6.76
C ILE D 280 40.62 34.42 -5.72
N LEU D 281 40.26 33.99 -4.53
CA LEU D 281 41.24 33.77 -3.44
C LEU D 281 41.71 32.32 -3.52
N LEU D 282 42.87 32.02 -2.92
CA LEU D 282 43.16 30.69 -2.33
C LEU D 282 43.17 30.82 -0.79
N GLY D 283 42.51 29.90 -0.11
CA GLY D 283 42.51 29.82 1.36
C GLY D 283 43.08 28.50 1.84
N GLU D 284 43.89 28.56 2.90
CA GLU D 284 44.06 27.45 3.85
C GLU D 284 42.80 27.44 4.75
N VAL D 285 41.98 26.41 4.67
CA VAL D 285 40.84 26.25 5.60
C VAL D 285 41.06 24.92 6.32
N ALA D 286 41.00 24.94 7.65
CA ALA D 286 41.24 23.81 8.56
C ALA D 286 39.92 23.06 8.77
N LEU D 287 39.75 21.96 8.06
CA LEU D 287 38.43 21.30 7.85
C LEU D 287 38.23 20.22 8.91
N GLY D 288 39.31 19.67 9.46
CA GLY D 288 39.20 18.60 10.47
C GLY D 288 38.27 17.51 9.96
N ASN D 289 37.50 16.89 10.87
CA ASN D 289 36.36 15.98 10.57
C ASN D 289 35.28 16.73 9.79
N MET D 290 35.23 16.51 8.47
CA MET D 290 34.24 17.07 7.52
C MET D 290 32.93 16.27 7.63
N TYR D 291 31.81 16.93 7.93
CA TYR D 291 30.46 16.30 7.94
C TYR D 291 30.01 16.22 6.49
N GLU D 292 29.85 15.00 5.97
CA GLU D 292 29.77 14.67 4.51
C GLU D 292 28.31 14.45 4.11
N LEU D 293 27.65 15.49 3.61
CA LEU D 293 26.23 15.50 3.19
C LEU D 293 26.19 15.60 1.67
N LYS D 294 25.10 15.15 1.06
CA LYS D 294 24.94 15.07 -0.42
C LYS D 294 23.63 15.75 -0.85
N HIS D 295 22.94 16.40 0.11
CA HIS D 295 21.77 17.29 -0.12
C HIS D 295 21.73 18.37 0.97
N ALA D 296 20.92 19.39 0.76
CA ALA D 296 20.85 20.57 1.64
C ALA D 296 20.38 20.16 3.04
N SER D 297 21.17 20.51 4.05
CA SER D 297 20.75 20.77 5.45
C SER D 297 21.12 22.23 5.79
N HIS D 298 20.18 23.00 6.32
CA HIS D 298 20.51 24.36 6.84
C HIS D 298 21.20 24.15 8.20
N ILE D 299 22.38 23.53 8.17
CA ILE D 299 23.19 23.18 9.37
C ILE D 299 23.24 24.37 10.34
N SER D 300 22.59 24.28 11.52
CA SER D 300 22.52 25.41 12.52
C SER D 300 23.60 25.25 13.60
N LYS D 301 23.77 24.03 14.14
CA LYS D 301 24.92 23.65 14.99
C LYS D 301 25.40 22.30 14.46
N LEU D 302 26.69 22.25 14.12
CA LEU D 302 27.43 21.06 13.61
C LEU D 302 27.39 19.99 14.69
N PRO D 303 27.35 18.72 14.27
CA PRO D 303 27.41 17.61 15.22
C PRO D 303 28.62 17.76 16.17
N LYS D 304 28.46 17.56 17.49
CA LYS D 304 29.63 17.32 18.37
C LYS D 304 30.61 16.46 17.55
N GLY D 305 31.87 16.89 17.41
CA GLY D 305 32.95 16.13 16.73
C GLY D 305 33.37 16.72 15.39
N LYS D 306 32.45 17.35 14.65
CA LYS D 306 32.66 17.81 13.24
C LYS D 306 33.15 19.24 13.28
N HIS D 307 33.93 19.68 12.29
CA HIS D 307 34.63 21.00 12.26
C HIS D 307 34.29 21.80 11.00
N SER D 308 33.84 21.10 9.96
CA SER D 308 33.40 21.66 8.66
C SER D 308 32.32 20.75 8.04
N VAL D 309 31.67 21.23 6.97
CA VAL D 309 30.75 20.42 6.11
C VAL D 309 31.43 20.25 4.75
N LYS D 310 31.30 19.04 4.17
CA LYS D 310 31.78 18.69 2.81
C LYS D 310 30.59 18.25 1.95
N GLY D 311 30.02 19.17 1.18
CA GLY D 311 29.07 18.83 0.12
C GLY D 311 29.71 17.90 -0.89
N LEU D 312 29.27 16.63 -1.00
CA LEU D 312 29.85 15.63 -1.94
C LEU D 312 29.37 15.87 -3.37
N GLY D 313 30.29 16.21 -4.28
CA GLY D 313 30.00 16.41 -5.72
C GLY D 313 30.11 15.13 -6.50
N LYS D 314 29.57 15.11 -7.72
CA LYS D 314 29.73 14.04 -8.74
C LYS D 314 31.20 13.92 -9.17
N THR D 315 31.88 15.05 -9.37
CA THR D 315 33.27 15.15 -9.89
C THR D 315 34.19 15.69 -8.79
N THR D 316 35.38 15.13 -8.67
CA THR D 316 36.40 15.50 -7.66
C THR D 316 37.77 15.39 -8.29
N PRO D 317 38.76 16.26 -7.97
CA PRO D 317 40.09 16.17 -8.57
C PRO D 317 40.77 14.83 -8.24
N ASP D 318 41.49 14.27 -9.22
CA ASP D 318 42.37 13.09 -9.02
C ASP D 318 42.98 13.21 -7.63
N PRO D 319 42.53 12.43 -6.62
CA PRO D 319 43.13 12.45 -5.29
C PRO D 319 44.57 11.91 -5.35
N SER D 320 44.88 11.13 -6.38
CA SER D 320 46.28 10.72 -6.68
C SER D 320 47.17 11.96 -6.61
N ALA D 321 46.77 12.99 -7.35
CA ALA D 321 47.60 14.15 -7.73
C ALA D 321 47.68 15.19 -6.60
N ASN D 322 46.96 15.00 -5.49
CA ASN D 322 46.92 15.99 -4.39
CA ASN D 322 46.92 15.97 -4.34
C ASN D 322 48.36 16.20 -3.85
N ILE D 323 48.82 17.46 -3.85
CA ILE D 323 50.21 17.88 -3.52
C ILE D 323 50.19 18.50 -2.11
N SER D 324 51.35 18.61 -1.45
CA SER D 324 51.49 19.06 -0.03
C SER D 324 52.52 20.20 0.13
N LEU D 325 51.99 21.40 0.38
CA LEU D 325 52.70 22.63 0.79
C LEU D 325 52.44 22.80 2.30
N ASP D 326 53.49 22.65 3.12
CA ASP D 326 53.59 23.14 4.53
C ASP D 326 52.56 22.43 5.43
N GLY D 327 52.22 21.16 5.14
CA GLY D 327 51.15 20.39 5.82
C GLY D 327 49.75 20.86 5.44
N VAL D 328 49.55 21.26 4.17
CA VAL D 328 48.25 21.72 3.61
C VAL D 328 47.96 20.92 2.32
N ASP D 329 46.80 20.27 2.24
CA ASP D 329 46.26 19.64 1.01
C ASP D 329 46.10 20.72 -0.07
N VAL D 330 46.78 20.57 -1.20
CA VAL D 330 46.52 21.34 -2.46
C VAL D 330 45.93 20.37 -3.47
N PRO D 331 44.60 20.28 -3.57
CA PRO D 331 44.00 19.23 -4.37
C PRO D 331 43.93 19.63 -5.85
N LEU D 332 45.00 19.46 -6.63
CA LEU D 332 45.01 20.07 -7.99
C LEU D 332 44.98 19.01 -9.12
N GLY D 333 44.66 17.74 -8.81
CA GLY D 333 44.32 16.69 -9.81
C GLY D 333 43.20 17.15 -10.73
N THR D 334 43.08 16.58 -11.92
CA THR D 334 41.98 16.97 -12.85
C THR D 334 40.69 16.24 -12.46
N GLY D 335 39.54 16.75 -12.93
CA GLY D 335 38.23 16.13 -12.70
C GLY D 335 38.22 14.67 -13.12
N ILE D 336 37.92 13.78 -12.16
CA ILE D 336 37.43 12.39 -12.40
C ILE D 336 36.12 12.19 -11.64
N SER D 337 35.50 11.04 -11.84
CA SER D 337 34.34 10.60 -11.03
C SER D 337 34.80 10.43 -9.57
N SER D 338 34.06 11.05 -8.64
CA SER D 338 33.93 10.65 -7.21
C SER D 338 33.21 9.30 -7.10
N GLY D 339 32.59 8.86 -8.18
CA GLY D 339 31.75 7.64 -8.23
C GLY D 339 30.37 7.92 -7.70
N VAL D 340 30.22 9.01 -6.93
CA VAL D 340 29.07 9.21 -6.00
C VAL D 340 27.86 9.68 -6.79
N ASN D 341 26.93 8.75 -7.10
CA ASN D 341 25.55 9.07 -7.54
C ASN D 341 24.79 9.50 -6.28
N ASP D 342 23.65 10.19 -6.43
CA ASP D 342 22.69 10.52 -5.34
C ASP D 342 23.18 11.75 -4.57
N THR D 343 23.84 12.68 -5.26
CA THR D 343 24.14 14.04 -4.75
C THR D 343 23.39 15.06 -5.62
N SER D 344 23.10 16.23 -5.06
CA SER D 344 22.47 17.37 -5.78
C SER D 344 23.56 18.35 -6.23
N LEU D 345 24.83 18.05 -5.93
CA LEU D 345 26.02 18.86 -6.34
C LEU D 345 26.77 18.15 -7.49
N LEU D 346 27.09 18.87 -8.56
CA LEU D 346 27.99 18.40 -9.64
C LEU D 346 29.45 18.41 -9.15
N TYR D 347 29.77 19.26 -8.14
CA TYR D 347 31.15 19.47 -7.61
C TYR D 347 31.09 19.73 -6.11
N ASN D 348 32.17 19.42 -5.40
CA ASN D 348 32.25 19.52 -3.92
C ASN D 348 32.05 20.98 -3.48
N GLU D 349 31.62 21.19 -2.23
CA GLU D 349 31.57 22.48 -1.50
C GLU D 349 32.07 22.26 -0.07
N TYR D 350 32.95 23.14 0.40
CA TYR D 350 33.49 23.15 1.79
C TYR D 350 32.92 24.36 2.49
N ILE D 351 32.45 24.15 3.71
CA ILE D 351 31.83 25.20 4.55
C ILE D 351 32.42 25.05 5.94
N VAL D 352 32.92 26.15 6.50
CA VAL D 352 33.24 26.29 7.94
C VAL D 352 32.22 27.26 8.57
N TYR D 353 32.11 27.28 9.90
CA TYR D 353 31.10 28.07 10.62
C TYR D 353 31.76 28.96 11.65
N ASP D 354 33.09 29.09 11.57
CA ASP D 354 33.98 29.92 12.42
C ASP D 354 34.95 30.68 11.52
N ILE D 355 34.90 32.00 11.51
CA ILE D 355 35.77 32.81 10.60
C ILE D 355 37.25 32.45 10.86
N ALA D 356 37.59 32.03 12.08
CA ALA D 356 38.99 31.75 12.47
C ALA D 356 39.51 30.50 11.77
N GLN D 357 38.64 29.65 11.20
CA GLN D 357 39.05 28.39 10.50
C GLN D 357 39.61 28.75 9.12
N VAL D 358 39.61 30.02 8.69
CA VAL D 358 40.24 30.42 7.39
C VAL D 358 41.47 31.30 7.64
N ASN D 359 42.48 31.08 6.79
CA ASN D 359 43.76 31.83 6.72
C ASN D 359 44.11 32.10 5.23
N LEU D 360 43.80 33.29 4.72
CA LEU D 360 43.85 33.63 3.27
C LEU D 360 45.31 33.67 2.88
N LYS D 361 45.69 33.01 1.80
CA LYS D 361 47.11 32.76 1.46
C LYS D 361 47.49 33.58 0.21
N TYR D 362 46.79 33.42 -0.91
CA TYR D 362 47.02 34.21 -2.16
C TYR D 362 45.74 34.96 -2.60
N LEU D 363 45.90 35.93 -3.49
CA LEU D 363 44.81 36.58 -4.25
C LEU D 363 45.17 36.55 -5.72
N LEU D 364 44.30 36.00 -6.59
CA LEU D 364 44.57 35.84 -8.03
C LEU D 364 43.78 36.87 -8.86
N LYS D 365 44.46 37.53 -9.82
CA LYS D 365 43.81 38.36 -10.86
C LYS D 365 43.64 37.50 -12.12
N LEU D 366 42.39 37.22 -12.50
CA LEU D 366 42.03 36.36 -13.66
C LEU D 366 41.34 37.17 -14.76
N LYS D 367 41.68 36.86 -16.02
CA LYS D 367 40.93 37.26 -17.24
C LYS D 367 39.95 36.12 -17.57
N PHE D 368 38.69 36.46 -17.84
CA PHE D 368 37.62 35.55 -18.32
C PHE D 368 37.48 35.73 -19.84
N ASN D 369 38.12 34.88 -20.63
CA ASN D 369 37.89 34.77 -22.10
C ASN D 369 36.66 33.91 -22.32
N PHE D 370 35.63 34.42 -23.00
CA PHE D 370 34.30 33.79 -23.12
C PHE D 370 34.12 33.10 -24.49
N LYS D 371 33.28 32.05 -24.52
CA LYS D 371 32.99 31.22 -25.72
C LYS D 371 31.50 31.31 -26.07
N THR D 372 31.18 31.96 -27.20
CA THR D 372 29.87 31.97 -27.90
C THR D 372 30.10 32.40 -29.36
#